data_3M9A
# 
_entry.id   3M9A 
# 
_audit_conform.dict_name       mmcif_pdbx.dic 
_audit_conform.dict_version    5.379 
_audit_conform.dict_location   http://mmcif.pdb.org/dictionaries/ascii/mmcif_pdbx.dic 
# 
loop_
_database_2.database_id 
_database_2.database_code 
_database_2.pdbx_database_accession 
_database_2.pdbx_DOI 
PDB   3M9A         pdb_00003m9a 10.2210/pdb3m9a/pdb 
RCSB  RCSB058269   ?            ?                   
WWPDB D_1000058269 ?            ?                   
# 
_pdbx_database_related.db_name        PDB 
_pdbx_database_related.db_id          3M8E 
_pdbx_database_related.details        . 
_pdbx_database_related.content_type   unspecified 
# 
_pdbx_database_status.status_code                     REL 
_pdbx_database_status.entry_id                        3M9A 
_pdbx_database_status.recvd_initial_deposition_date   2010-03-21 
_pdbx_database_status.deposit_site                    RCSB 
_pdbx_database_status.process_site                    RCSB 
_pdbx_database_status.status_code_sf                  REL 
_pdbx_database_status.status_code_mr                  ? 
_pdbx_database_status.SG_entry                        ? 
_pdbx_database_status.pdb_format_compatible           Y 
_pdbx_database_status.status_code_cs                  ? 
_pdbx_database_status.methods_development_category    ? 
_pdbx_database_status.status_code_nmr_data            ? 
# 
loop_
_audit_author.name 
_audit_author.pdbx_ordinal 
'Schumacher, M.A.' 1 
'Ni, L.'           2 
# 
_citation.id                        primary 
_citation.title                     
;From the Cover: Plasmid protein TubR uses a distinct mode of HTH-DNA binding and recruits the prokaryotic tubulin homolog TubZ to effect DNA partition.
;
_citation.journal_abbrev            Proc.Natl.Acad.Sci.USA 
_citation.journal_volume            107 
_citation.page_first                11763 
_citation.page_last                 11768 
_citation.year                      2010 
_citation.journal_id_ASTM           PNASA6 
_citation.country                   US 
_citation.journal_id_ISSN           0027-8424 
_citation.journal_id_CSD            0040 
_citation.book_publisher            ? 
_citation.pdbx_database_id_PubMed   20534443 
_citation.pdbx_database_id_DOI      10.1073/pnas.1003817107 
# 
loop_
_citation_author.citation_id 
_citation_author.name 
_citation_author.ordinal 
_citation_author.identifier_ORCID 
primary 'Ni, L.'           1 ? 
primary 'Xu, W.'           2 ? 
primary 'Kumaraswami, M.'  3 ? 
primary 'Schumacher, M.A.' 4 ? 
# 
_cell.entry_id           3M9A 
_cell.length_a           32.494 
_cell.length_b           69.546 
_cell.length_c           114.217 
_cell.angle_alpha        90.00 
_cell.angle_beta         90.00 
_cell.angle_gamma        90.00 
_cell.Z_PDB              8 
_cell.pdbx_unique_axis   ? 
_cell.length_a_esd       ? 
_cell.length_b_esd       ? 
_cell.length_c_esd       ? 
_cell.angle_alpha_esd    ? 
_cell.angle_beta_esd     ? 
_cell.angle_gamma_esd    ? 
# 
_symmetry.entry_id                         3M9A 
_symmetry.space_group_name_H-M             'I 2 2 2' 
_symmetry.pdbx_full_space_group_name_H-M   ? 
_symmetry.cell_setting                     ? 
_symmetry.Int_Tables_number                23 
_symmetry.space_group_name_Hall            ? 
# 
loop_
_entity.id 
_entity.type 
_entity.src_method 
_entity.pdbx_description 
_entity.formula_weight 
_entity.pdbx_number_of_molecules 
_entity.pdbx_ec 
_entity.pdbx_mutation 
_entity.pdbx_fragment 
_entity.details 
1 polymer man 'Putative DNA-binding protein' 14009.907 1  ? ? ? ? 
2 water   nat water                          18.015    19 ? ? ? ? 
# 
_entity_poly.entity_id                      1 
_entity_poly.type                           'polypeptide(L)' 
_entity_poly.nstd_linkage                   no 
_entity_poly.nstd_monomer                   no 
_entity_poly.pdbx_seq_one_letter_code       
;MGSSHHHHHHSSGLVPRGSHMNRDHFYTLNIAEIAERIGNDDCAYQVLMAFINENGEAQMLNKTAVAEMIQLSKPTVFAT
VNSFYCAGYIDETRVGRSKIYTLSDLGVEIVECFKQKAMEMRNL
;
_entity_poly.pdbx_seq_one_letter_code_can   
;MGSSHHHHHHSSGLVPRGSHMNRDHFYTLNIAEIAERIGNDDCAYQVLMAFINENGEAQMLNKTAVAEMIQLSKPTVFAT
VNSFYCAGYIDETRVGRSKIYTLSDLGVEIVECFKQKAMEMRNL
;
_entity_poly.pdbx_strand_id                 A 
_entity_poly.pdbx_target_identifier         ? 
# 
loop_
_entity_poly_seq.entity_id 
_entity_poly_seq.num 
_entity_poly_seq.mon_id 
_entity_poly_seq.hetero 
1 1   MET n 
1 2   GLY n 
1 3   SER n 
1 4   SER n 
1 5   HIS n 
1 6   HIS n 
1 7   HIS n 
1 8   HIS n 
1 9   HIS n 
1 10  HIS n 
1 11  SER n 
1 12  SER n 
1 13  GLY n 
1 14  LEU n 
1 15  VAL n 
1 16  PRO n 
1 17  ARG n 
1 18  GLY n 
1 19  SER n 
1 20  HIS n 
1 21  MET n 
1 22  ASN n 
1 23  ARG n 
1 24  ASP n 
1 25  HIS n 
1 26  PHE n 
1 27  TYR n 
1 28  THR n 
1 29  LEU n 
1 30  ASN n 
1 31  ILE n 
1 32  ALA n 
1 33  GLU n 
1 34  ILE n 
1 35  ALA n 
1 36  GLU n 
1 37  ARG n 
1 38  ILE n 
1 39  GLY n 
1 40  ASN n 
1 41  ASP n 
1 42  ASP n 
1 43  CYS n 
1 44  ALA n 
1 45  TYR n 
1 46  GLN n 
1 47  VAL n 
1 48  LEU n 
1 49  MET n 
1 50  ALA n 
1 51  PHE n 
1 52  ILE n 
1 53  ASN n 
1 54  GLU n 
1 55  ASN n 
1 56  GLY n 
1 57  GLU n 
1 58  ALA n 
1 59  GLN n 
1 60  MET n 
1 61  LEU n 
1 62  ASN n 
1 63  LYS n 
1 64  THR n 
1 65  ALA n 
1 66  VAL n 
1 67  ALA n 
1 68  GLU n 
1 69  MET n 
1 70  ILE n 
1 71  GLN n 
1 72  LEU n 
1 73  SER n 
1 74  LYS n 
1 75  PRO n 
1 76  THR n 
1 77  VAL n 
1 78  PHE n 
1 79  ALA n 
1 80  THR n 
1 81  VAL n 
1 82  ASN n 
1 83  SER n 
1 84  PHE n 
1 85  TYR n 
1 86  CYS n 
1 87  ALA n 
1 88  GLY n 
1 89  TYR n 
1 90  ILE n 
1 91  ASP n 
1 92  GLU n 
1 93  THR n 
1 94  ARG n 
1 95  VAL n 
1 96  GLY n 
1 97  ARG n 
1 98  SER n 
1 99  LYS n 
1 100 ILE n 
1 101 TYR n 
1 102 THR n 
1 103 LEU n 
1 104 SER n 
1 105 ASP n 
1 106 LEU n 
1 107 GLY n 
1 108 VAL n 
1 109 GLU n 
1 110 ILE n 
1 111 VAL n 
1 112 GLU n 
1 113 CYS n 
1 114 PHE n 
1 115 LYS n 
1 116 GLN n 
1 117 LYS n 
1 118 ALA n 
1 119 MET n 
1 120 GLU n 
1 121 MET n 
1 122 ARG n 
1 123 ASN n 
1 124 LEU n 
# 
_entity_src_gen.entity_id                          1 
_entity_src_gen.pdbx_src_id                        1 
_entity_src_gen.pdbx_alt_source_flag               sample 
_entity_src_gen.pdbx_seq_type                      ? 
_entity_src_gen.pdbx_beg_seq_num                   ? 
_entity_src_gen.pdbx_end_seq_num                   ? 
_entity_src_gen.gene_src_common_name               ? 
_entity_src_gen.gene_src_genus                     ? 
_entity_src_gen.pdbx_gene_src_gene                 pBt157 
_entity_src_gen.gene_src_species                   ? 
_entity_src_gen.gene_src_strain                    'serovar israelensis' 
_entity_src_gen.gene_src_tissue                    ? 
_entity_src_gen.gene_src_tissue_fraction           ? 
_entity_src_gen.gene_src_details                   ? 
_entity_src_gen.pdbx_gene_src_fragment             ? 
_entity_src_gen.pdbx_gene_src_scientific_name      'Bacillus thuringiensis' 
_entity_src_gen.pdbx_gene_src_ncbi_taxonomy_id     1430 
_entity_src_gen.pdbx_gene_src_variant              ? 
_entity_src_gen.pdbx_gene_src_cell_line            ? 
_entity_src_gen.pdbx_gene_src_atcc                 ? 
_entity_src_gen.pdbx_gene_src_organ                ? 
_entity_src_gen.pdbx_gene_src_organelle            ? 
_entity_src_gen.pdbx_gene_src_cell                 ? 
_entity_src_gen.pdbx_gene_src_cellular_location    ? 
_entity_src_gen.host_org_common_name               ? 
_entity_src_gen.pdbx_host_org_scientific_name      'Escherichia coli' 
_entity_src_gen.pdbx_host_org_ncbi_taxonomy_id     469008 
_entity_src_gen.host_org_genus                     ? 
_entity_src_gen.pdbx_host_org_gene                 ? 
_entity_src_gen.pdbx_host_org_organ                ? 
_entity_src_gen.host_org_species                   ? 
_entity_src_gen.pdbx_host_org_tissue               ? 
_entity_src_gen.pdbx_host_org_tissue_fraction      ? 
_entity_src_gen.pdbx_host_org_strain               'BL21-Gold(DE3)' 
_entity_src_gen.pdbx_host_org_variant              ? 
_entity_src_gen.pdbx_host_org_cell_line            ? 
_entity_src_gen.pdbx_host_org_atcc                 ? 
_entity_src_gen.pdbx_host_org_culture_collection   ? 
_entity_src_gen.pdbx_host_org_cell                 ? 
_entity_src_gen.pdbx_host_org_organelle            ? 
_entity_src_gen.pdbx_host_org_cellular_location    ? 
_entity_src_gen.pdbx_host_org_vector_type          plasmid 
_entity_src_gen.pdbx_host_org_vector               ? 
_entity_src_gen.host_org_details                   ? 
_entity_src_gen.expression_system_id               ? 
_entity_src_gen.plasmid_name                       'pET15b(+)' 
_entity_src_gen.plasmid_details                    ? 
_entity_src_gen.pdbx_description                   ? 
# 
_struct_ref.id                         1 
_struct_ref.db_name                    UNP 
_struct_ref.db_code                    Q8KNP2_BACTI 
_struct_ref.pdbx_db_accession          Q8KNP2 
_struct_ref.entity_id                  1 
_struct_ref.pdbx_seq_one_letter_code   
;MNRDHFYTLNIAEIAERIGNDDCAYQVLMAFINENGEAQMLNKTAVAEMIQLSKPTVFATVNSFYCAGYIDETRVGRSKI
YTLSDLGVEIVECFKQKAMEMRNL
;
_struct_ref.pdbx_align_begin           1 
_struct_ref.pdbx_db_isoform            ? 
# 
_struct_ref_seq.align_id                      1 
_struct_ref_seq.ref_id                        1 
_struct_ref_seq.pdbx_PDB_id_code              3M9A 
_struct_ref_seq.pdbx_strand_id                A 
_struct_ref_seq.seq_align_beg                 21 
_struct_ref_seq.pdbx_seq_align_beg_ins_code   ? 
_struct_ref_seq.seq_align_end                 124 
_struct_ref_seq.pdbx_seq_align_end_ins_code   ? 
_struct_ref_seq.pdbx_db_accession             Q8KNP2 
_struct_ref_seq.db_align_beg                  1 
_struct_ref_seq.pdbx_db_align_beg_ins_code    ? 
_struct_ref_seq.db_align_end                  104 
_struct_ref_seq.pdbx_db_align_end_ins_code    ? 
_struct_ref_seq.pdbx_auth_seq_align_beg       1 
_struct_ref_seq.pdbx_auth_seq_align_end       104 
# 
loop_
_struct_ref_seq_dif.align_id 
_struct_ref_seq_dif.pdbx_pdb_id_code 
_struct_ref_seq_dif.mon_id 
_struct_ref_seq_dif.pdbx_pdb_strand_id 
_struct_ref_seq_dif.seq_num 
_struct_ref_seq_dif.pdbx_pdb_ins_code 
_struct_ref_seq_dif.pdbx_seq_db_name 
_struct_ref_seq_dif.pdbx_seq_db_accession_code 
_struct_ref_seq_dif.db_mon_id 
_struct_ref_seq_dif.pdbx_seq_db_seq_num 
_struct_ref_seq_dif.details 
_struct_ref_seq_dif.pdbx_auth_seq_num 
_struct_ref_seq_dif.pdbx_ordinal 
1 3M9A MET A 1  ? UNP Q8KNP2 ? ? 'expression tag' -19 1  
1 3M9A GLY A 2  ? UNP Q8KNP2 ? ? 'expression tag' -18 2  
1 3M9A SER A 3  ? UNP Q8KNP2 ? ? 'expression tag' -17 3  
1 3M9A SER A 4  ? UNP Q8KNP2 ? ? 'expression tag' -16 4  
1 3M9A HIS A 5  ? UNP Q8KNP2 ? ? 'expression tag' -15 5  
1 3M9A HIS A 6  ? UNP Q8KNP2 ? ? 'expression tag' -14 6  
1 3M9A HIS A 7  ? UNP Q8KNP2 ? ? 'expression tag' -13 7  
1 3M9A HIS A 8  ? UNP Q8KNP2 ? ? 'expression tag' -12 8  
1 3M9A HIS A 9  ? UNP Q8KNP2 ? ? 'expression tag' -11 9  
1 3M9A HIS A 10 ? UNP Q8KNP2 ? ? 'expression tag' -10 10 
1 3M9A SER A 11 ? UNP Q8KNP2 ? ? 'expression tag' -9  11 
1 3M9A SER A 12 ? UNP Q8KNP2 ? ? 'expression tag' -8  12 
1 3M9A GLY A 13 ? UNP Q8KNP2 ? ? 'expression tag' -7  13 
1 3M9A LEU A 14 ? UNP Q8KNP2 ? ? 'expression tag' -6  14 
1 3M9A VAL A 15 ? UNP Q8KNP2 ? ? 'expression tag' -5  15 
1 3M9A PRO A 16 ? UNP Q8KNP2 ? ? 'expression tag' -4  16 
1 3M9A ARG A 17 ? UNP Q8KNP2 ? ? 'expression tag' -3  17 
1 3M9A GLY A 18 ? UNP Q8KNP2 ? ? 'expression tag' -2  18 
1 3M9A SER A 19 ? UNP Q8KNP2 ? ? 'expression tag' -1  19 
1 3M9A HIS A 20 ? UNP Q8KNP2 ? ? 'expression tag' 0   20 
# 
loop_
_chem_comp.id 
_chem_comp.type 
_chem_comp.mon_nstd_flag 
_chem_comp.name 
_chem_comp.pdbx_synonyms 
_chem_comp.formula 
_chem_comp.formula_weight 
ALA 'L-peptide linking' y ALANINE         ? 'C3 H7 N O2'     89.093  
ARG 'L-peptide linking' y ARGININE        ? 'C6 H15 N4 O2 1' 175.209 
ASN 'L-peptide linking' y ASPARAGINE      ? 'C4 H8 N2 O3'    132.118 
ASP 'L-peptide linking' y 'ASPARTIC ACID' ? 'C4 H7 N O4'     133.103 
CYS 'L-peptide linking' y CYSTEINE        ? 'C3 H7 N O2 S'   121.158 
GLN 'L-peptide linking' y GLUTAMINE       ? 'C5 H10 N2 O3'   146.144 
GLU 'L-peptide linking' y 'GLUTAMIC ACID' ? 'C5 H9 N O4'     147.129 
GLY 'peptide linking'   y GLYCINE         ? 'C2 H5 N O2'     75.067  
HIS 'L-peptide linking' y HISTIDINE       ? 'C6 H10 N3 O2 1' 156.162 
HOH non-polymer         . WATER           ? 'H2 O'           18.015  
ILE 'L-peptide linking' y ISOLEUCINE      ? 'C6 H13 N O2'    131.173 
LEU 'L-peptide linking' y LEUCINE         ? 'C6 H13 N O2'    131.173 
LYS 'L-peptide linking' y LYSINE          ? 'C6 H15 N2 O2 1' 147.195 
MET 'L-peptide linking' y METHIONINE      ? 'C5 H11 N O2 S'  149.211 
PHE 'L-peptide linking' y PHENYLALANINE   ? 'C9 H11 N O2'    165.189 
PRO 'L-peptide linking' y PROLINE         ? 'C5 H9 N O2'     115.130 
SER 'L-peptide linking' y SERINE          ? 'C3 H7 N O3'     105.093 
THR 'L-peptide linking' y THREONINE       ? 'C4 H9 N O3'     119.119 
TYR 'L-peptide linking' y TYROSINE        ? 'C9 H11 N O3'    181.189 
VAL 'L-peptide linking' y VALINE          ? 'C5 H11 N O2'    117.146 
# 
_exptl.entry_id          3M9A 
_exptl.method            'X-RAY DIFFRACTION' 
_exptl.crystals_number   1 
# 
_exptl_crystal.id                    1 
_exptl_crystal.density_meas          ? 
_exptl_crystal.density_Matthews      2.30 
_exptl_crystal.density_percent_sol   46.59 
_exptl_crystal.description           ? 
_exptl_crystal.F_000                 ? 
_exptl_crystal.preparation           ? 
# 
_exptl_crystal_grow.crystal_id      1 
_exptl_crystal_grow.method          'VAPOR DIFFUSION, HANGING DROP' 
_exptl_crystal_grow.temp            293 
_exptl_crystal_grow.temp_details    ? 
_exptl_crystal_grow.pH              6.2 
_exptl_crystal_grow.pdbx_pH_range   ? 
_exptl_crystal_grow.pdbx_details    '40 mM Na/K phosphate pH 6.2, 2.5 M NaCl, VAPOR DIFFUSION, HANGING DROP, temperature 293K' 
# 
_diffrn.id                     1 
_diffrn.ambient_temp           100 
_diffrn.ambient_temp_details   ? 
_diffrn.crystal_id             1 
# 
_diffrn_detector.diffrn_id              1 
_diffrn_detector.detector               CCD 
_diffrn_detector.type                   'ADSC QUANTUM 315r' 
_diffrn_detector.pdbx_collection_date   2008-10-30 
_diffrn_detector.details                'KOHZU: Double Crystal Si(111)' 
# 
_diffrn_radiation.diffrn_id                        1 
_diffrn_radiation.wavelength_id                    1 
_diffrn_radiation.pdbx_monochromatic_or_laue_m_l   M 
_diffrn_radiation.monochromator                    'KHOZU Double flat crystal' 
_diffrn_radiation.pdbx_diffrn_protocol             'SINGLE WAVELENGTH' 
_diffrn_radiation.pdbx_scattering_type             x-ray 
# 
_diffrn_radiation_wavelength.id           1 
_diffrn_radiation_wavelength.wavelength   1.11587 
_diffrn_radiation_wavelength.wt           1.0 
# 
_diffrn_source.diffrn_id                   1 
_diffrn_source.source                      SYNCHROTRON 
_diffrn_source.type                        'ALS BEAMLINE 8.3.1' 
_diffrn_source.pdbx_synchrotron_site       ALS 
_diffrn_source.pdbx_synchrotron_beamline   8.3.1 
_diffrn_source.pdbx_wavelength             ? 
_diffrn_source.pdbx_wavelength_list        1.11587 
# 
_reflns.entry_id                     3M9A 
_reflns.observed_criterion_sigma_I   3 
_reflns.observed_criterion_sigma_F   ? 
_reflns.d_resolution_low             59.40 
_reflns.d_resolution_high            2.50 
_reflns.number_obs                   4637 
_reflns.number_all                   4741 
_reflns.percent_possible_obs         97.8 
_reflns.pdbx_Rmerge_I_obs            0.066 
_reflns.pdbx_Rsym_value              ? 
_reflns.pdbx_netI_over_sigmaI        11.4 
_reflns.B_iso_Wilson_estimate        ? 
_reflns.pdbx_redundancy              ? 
_reflns.R_free_details               ? 
_reflns.limit_h_max                  ? 
_reflns.limit_h_min                  ? 
_reflns.limit_k_max                  ? 
_reflns.limit_k_min                  ? 
_reflns.limit_l_max                  ? 
_reflns.limit_l_min                  ? 
_reflns.observed_criterion_F_max     ? 
_reflns.observed_criterion_F_min     ? 
_reflns.pdbx_chi_squared             ? 
_reflns.pdbx_scaling_rejects         ? 
_reflns.pdbx_diffrn_id               1 
_reflns.pdbx_ordinal                 1 
# 
_reflns_shell.d_res_high             2.50 
_reflns_shell.d_res_low              2.64 
_reflns_shell.percent_possible_all   99.3 
_reflns_shell.Rmerge_I_obs           0.384 
_reflns_shell.pdbx_Rsym_value        ? 
_reflns_shell.meanI_over_sigI_obs    3.0 
_reflns_shell.pdbx_redundancy        3.9 
_reflns_shell.percent_possible_obs   ? 
_reflns_shell.number_unique_all      ? 
_reflns_shell.number_measured_all    ? 
_reflns_shell.number_measured_obs    ? 
_reflns_shell.number_unique_obs      ? 
_reflns_shell.pdbx_chi_squared       ? 
_reflns_shell.pdbx_diffrn_id         ? 
_reflns_shell.pdbx_ordinal           1 
# 
_refine.pdbx_refine_id                           'X-RAY DIFFRACTION' 
_refine.entry_id                                 3M9A 
_refine.ls_number_reflns_obs                     4189 
_refine.ls_number_reflns_all                     ? 
_refine.pdbx_ls_sigma_I                          ? 
_refine.pdbx_ls_sigma_F                          . 
_refine.pdbx_data_cutoff_high_absF               ? 
_refine.pdbx_data_cutoff_low_absF                ? 
_refine.pdbx_data_cutoff_high_rms_absF           ? 
_refine.ls_d_res_low                             57.11 
_refine.ls_d_res_high                            2.50 
_refine.ls_percent_reflns_obs                    97.40 
_refine.ls_R_factor_obs                          .22340 
_refine.ls_R_factor_all                          ? 
_refine.ls_R_factor_R_work                       .21916 
_refine.ls_R_factor_R_free                       .26395 
_refine.ls_R_factor_R_free_error                 ? 
_refine.ls_R_factor_R_free_error_details         ? 
_refine.ls_percent_reflns_R_free                 9.7 
_refine.ls_number_reflns_R_free                  448 
_refine.ls_number_parameters                     ? 
_refine.ls_number_restraints                     ? 
_refine.occupancy_min                            ? 
_refine.occupancy_max                            ? 
_refine.correlation_coeff_Fo_to_Fc               .945 
_refine.correlation_coeff_Fo_to_Fc_free          .902 
_refine.B_iso_mean                               33.069 
_refine.aniso_B[1][1]                            -4.09 
_refine.aniso_B[2][2]                            -.31 
_refine.aniso_B[3][3]                            4.39 
_refine.aniso_B[1][2]                            .00 
_refine.aniso_B[1][3]                            .00 
_refine.aniso_B[2][3]                            .00 
_refine.solvent_model_details                    MASK 
_refine.solvent_model_param_ksol                 ? 
_refine.solvent_model_param_bsol                 ? 
_refine.pdbx_solvent_vdw_probe_radii             1.20 
_refine.pdbx_solvent_ion_probe_radii             .80 
_refine.pdbx_solvent_shrinkage_radii             .80 
_refine.pdbx_ls_cross_valid_method               THROUGHOUT 
_refine.details                                  'HYDROGENS HAVE BEEN ADDED IN THE RIDING POSITIONS' 
_refine.pdbx_starting_model                      3M3E 
_refine.pdbx_method_to_determine_struct          'MOLECULAR REPLACEMENT' 
_refine.pdbx_isotropic_thermal_model             ? 
_refine.pdbx_stereochemistry_target_values       'MAXIMUM LIKELIHOOD' 
_refine.pdbx_stereochem_target_val_spec_case     ? 
_refine.pdbx_R_Free_selection_details            RANDOM 
_refine.pdbx_overall_ESU_R                       .450 
_refine.pdbx_overall_ESU_R_Free                  .291 
_refine.overall_SU_ML                            .228 
_refine.pdbx_overall_phase_error                 ? 
_refine.overall_SU_B                             20.087 
_refine.overall_SU_R_Cruickshank_DPI             ? 
_refine.pdbx_overall_SU_R_free_Cruickshank_DPI   ? 
_refine.pdbx_overall_SU_R_Blow_DPI               ? 
_refine.pdbx_overall_SU_R_free_Blow_DPI          ? 
_refine.ls_redundancy_reflns_obs                 ? 
_refine.B_iso_min                                ? 
_refine.B_iso_max                                ? 
_refine.overall_SU_R_free                        ? 
_refine.ls_wR_factor_R_free                      ? 
_refine.ls_wR_factor_R_work                      ? 
_refine.overall_FOM_free_R_set                   ? 
_refine.overall_FOM_work_R_set                   ? 
_refine.pdbx_diffrn_id                           1 
_refine.pdbx_TLS_residual_ADP_flag               ? 
# 
_refine_hist.pdbx_refine_id                   'X-RAY DIFFRACTION' 
_refine_hist.cycle_id                         LAST 
_refine_hist.pdbx_number_atoms_protein        727 
_refine_hist.pdbx_number_atoms_nucleic_acid   0 
_refine_hist.pdbx_number_atoms_ligand         0 
_refine_hist.number_atoms_solvent             19 
_refine_hist.number_atoms_total               746 
_refine_hist.d_res_high                       2.50 
_refine_hist.d_res_low                        57.11 
# 
loop_
_refine_ls_restr.type 
_refine_ls_restr.dev_ideal 
_refine_ls_restr.dev_ideal_target 
_refine_ls_restr.weight 
_refine_ls_restr.number 
_refine_ls_restr.pdbx_refine_id 
_refine_ls_restr.pdbx_restraint_function 
r_bond_refined_d             .010   .022   ? 737 'X-RAY DIFFRACTION' ? 
r_bond_other_d               ?      ?      ? ?   'X-RAY DIFFRACTION' ? 
r_angle_refined_deg          1.267  1.953  ? 995 'X-RAY DIFFRACTION' ? 
r_angle_other_deg            ?      ?      ? ?   'X-RAY DIFFRACTION' ? 
r_dihedral_angle_1_deg       5.554  5.000  ? 92  'X-RAY DIFFRACTION' ? 
r_dihedral_angle_2_deg       41.714 25.429 ? 35  'X-RAY DIFFRACTION' ? 
r_dihedral_angle_3_deg       18.650 15.000 ? 130 'X-RAY DIFFRACTION' ? 
r_dihedral_angle_4_deg       32.334 15.000 ? 3   'X-RAY DIFFRACTION' ? 
r_chiral_restr               .100   .200   ? 115 'X-RAY DIFFRACTION' ? 
r_gen_planes_refined         .004   .020   ? 550 'X-RAY DIFFRACTION' ? 
r_gen_planes_other           ?      ?      ? ?   'X-RAY DIFFRACTION' ? 
r_nbd_refined                .227   .200   ? 320 'X-RAY DIFFRACTION' ? 
r_nbd_other                  ?      ?      ? ?   'X-RAY DIFFRACTION' ? 
r_nbtor_refined              .312   .200   ? 518 'X-RAY DIFFRACTION' ? 
r_nbtor_other                ?      ?      ? ?   'X-RAY DIFFRACTION' ? 
r_xyhbond_nbd_refined        .151   .200   ? 22  'X-RAY DIFFRACTION' ? 
r_xyhbond_nbd_other          ?      ?      ? ?   'X-RAY DIFFRACTION' ? 
r_metal_ion_refined          ?      ?      ? ?   'X-RAY DIFFRACTION' ? 
r_metal_ion_other            ?      ?      ? ?   'X-RAY DIFFRACTION' ? 
r_symmetry_vdw_refined       .309   .200   ? 33  'X-RAY DIFFRACTION' ? 
r_symmetry_vdw_other         ?      ?      ? ?   'X-RAY DIFFRACTION' ? 
r_symmetry_hbond_refined     .176   .200   ? 6   'X-RAY DIFFRACTION' ? 
r_symmetry_hbond_other       ?      ?      ? ?   'X-RAY DIFFRACTION' ? 
r_symmetry_metal_ion_refined ?      ?      ? ?   'X-RAY DIFFRACTION' ? 
r_symmetry_metal_ion_other   ?      ?      ? ?   'X-RAY DIFFRACTION' ? 
r_mcbond_it                  .440   1.500  ? 471 'X-RAY DIFFRACTION' ? 
r_mcbond_other               ?      ?      ? ?   'X-RAY DIFFRACTION' ? 
r_mcangle_it                 .658   2.000  ? 740 'X-RAY DIFFRACTION' ? 
r_scbond_it                  1.067  3.000  ? 298 'X-RAY DIFFRACTION' ? 
r_scangle_it                 1.765  4.500  ? 255 'X-RAY DIFFRACTION' ? 
r_rigid_bond_restr           ?      ?      ? ?   'X-RAY DIFFRACTION' ? 
r_sphericity_free            ?      ?      ? ?   'X-RAY DIFFRACTION' ? 
r_sphericity_bonded          ?      ?      ? ?   'X-RAY DIFFRACTION' ? 
# 
_refine_ls_shell.pdbx_refine_id                   'X-RAY DIFFRACTION' 
_refine_ls_shell.pdbx_total_number_of_bins_used   20 
_refine_ls_shell.d_res_high                       2.500 
_refine_ls_shell.d_res_low                        2.565 
_refine_ls_shell.number_reflns_R_work             298 
_refine_ls_shell.R_factor_R_work                  .303 
_refine_ls_shell.percent_reflns_obs               100.00 
_refine_ls_shell.R_factor_R_free                  .375 
_refine_ls_shell.R_factor_R_free_error            ? 
_refine_ls_shell.percent_reflns_R_free            ? 
_refine_ls_shell.number_reflns_R_free             37 
_refine_ls_shell.number_reflns_all                ? 
_refine_ls_shell.R_factor_all                     ? 
_refine_ls_shell.redundancy_reflns_obs            ? 
_refine_ls_shell.number_reflns_obs                ? 
# 
_struct.entry_id                  3M9A 
_struct.title                     'Protein structure of type III plasmid segregation TubR' 
_struct.pdbx_model_details        ? 
_struct.pdbx_CASP_flag            ? 
_struct.pdbx_model_type_details   ? 
# 
_struct_keywords.entry_id        3M9A 
_struct_keywords.pdbx_keywords   'DNA BINDING PROTEIN' 
_struct_keywords.text            'TubR, winged helix-turn-helix, plasmid segregation, DNA BINDING PROTEIN' 
# 
loop_
_struct_asym.id 
_struct_asym.pdbx_blank_PDB_chainid_flag 
_struct_asym.pdbx_modified 
_struct_asym.entity_id 
_struct_asym.details 
A N N 1 ? 
B N N 2 ? 
# 
_struct_biol.id        1 
_struct_biol.details   ? 
# 
loop_
_struct_conf.conf_type_id 
_struct_conf.id 
_struct_conf.pdbx_PDB_helix_id 
_struct_conf.beg_label_comp_id 
_struct_conf.beg_label_asym_id 
_struct_conf.beg_label_seq_id 
_struct_conf.pdbx_beg_PDB_ins_code 
_struct_conf.end_label_comp_id 
_struct_conf.end_label_asym_id 
_struct_conf.end_label_seq_id 
_struct_conf.pdbx_end_PDB_ins_code 
_struct_conf.beg_auth_comp_id 
_struct_conf.beg_auth_asym_id 
_struct_conf.beg_auth_seq_id 
_struct_conf.end_auth_comp_id 
_struct_conf.end_auth_asym_id 
_struct_conf.end_auth_seq_id 
_struct_conf.pdbx_PDB_helix_class 
_struct_conf.details 
_struct_conf.pdbx_PDB_helix_length 
HELX_P HELX_P1 1 ASN A 30  ? GLY A 39  ? ASN A 10 GLY A 19 1 ? 10 
HELX_P HELX_P2 2 ASP A 41  ? PHE A 51  ? ASP A 21 PHE A 31 1 ? 11 
HELX_P HELX_P3 3 ASN A 62  ? ILE A 70  ? ASN A 42 ILE A 50 1 ? 9  
HELX_P HELX_P4 4 SER A 73  ? ALA A 87  ? SER A 53 ALA A 67 1 ? 15 
HELX_P HELX_P5 5 SER A 104 ? ALA A 118 ? SER A 84 ALA A 98 1 ? 15 
# 
_struct_conf_type.id          HELX_P 
_struct_conf_type.criteria    ? 
_struct_conf_type.reference   ? 
# 
_struct_sheet.id               A 
_struct_sheet.type             ? 
_struct_sheet.number_strands   2 
_struct_sheet.details          ? 
# 
_struct_sheet_order.sheet_id     A 
_struct_sheet_order.range_id_1   1 
_struct_sheet_order.range_id_2   2 
_struct_sheet_order.offset       ? 
_struct_sheet_order.sense        anti-parallel 
# 
loop_
_struct_sheet_range.sheet_id 
_struct_sheet_range.id 
_struct_sheet_range.beg_label_comp_id 
_struct_sheet_range.beg_label_asym_id 
_struct_sheet_range.beg_label_seq_id 
_struct_sheet_range.pdbx_beg_PDB_ins_code 
_struct_sheet_range.end_label_comp_id 
_struct_sheet_range.end_label_asym_id 
_struct_sheet_range.end_label_seq_id 
_struct_sheet_range.pdbx_end_PDB_ins_code 
_struct_sheet_range.beg_auth_comp_id 
_struct_sheet_range.beg_auth_asym_id 
_struct_sheet_range.beg_auth_seq_id 
_struct_sheet_range.end_auth_comp_id 
_struct_sheet_range.end_auth_asym_id 
_struct_sheet_range.end_auth_seq_id 
A 1 ILE A 90 ? VAL A 95  ? ILE A 70 VAL A 75 
A 2 SER A 98 ? LEU A 103 ? SER A 78 LEU A 83 
# 
_pdbx_struct_sheet_hbond.sheet_id                A 
_pdbx_struct_sheet_hbond.range_id_1              1 
_pdbx_struct_sheet_hbond.range_id_2              2 
_pdbx_struct_sheet_hbond.range_1_label_atom_id   N 
_pdbx_struct_sheet_hbond.range_1_label_comp_id   ASP 
_pdbx_struct_sheet_hbond.range_1_label_asym_id   A 
_pdbx_struct_sheet_hbond.range_1_label_seq_id    91 
_pdbx_struct_sheet_hbond.range_1_PDB_ins_code    ? 
_pdbx_struct_sheet_hbond.range_1_auth_atom_id    N 
_pdbx_struct_sheet_hbond.range_1_auth_comp_id    ASP 
_pdbx_struct_sheet_hbond.range_1_auth_asym_id    A 
_pdbx_struct_sheet_hbond.range_1_auth_seq_id     71 
_pdbx_struct_sheet_hbond.range_2_label_atom_id   O 
_pdbx_struct_sheet_hbond.range_2_label_comp_id   THR 
_pdbx_struct_sheet_hbond.range_2_label_asym_id   A 
_pdbx_struct_sheet_hbond.range_2_label_seq_id    102 
_pdbx_struct_sheet_hbond.range_2_PDB_ins_code    ? 
_pdbx_struct_sheet_hbond.range_2_auth_atom_id    O 
_pdbx_struct_sheet_hbond.range_2_auth_comp_id    THR 
_pdbx_struct_sheet_hbond.range_2_auth_asym_id    A 
_pdbx_struct_sheet_hbond.range_2_auth_seq_id     82 
# 
_atom_sites.entry_id                    3M9A 
_atom_sites.fract_transf_matrix[1][1]   0.00733429 
_atom_sites.fract_transf_matrix[1][2]   0.02945355 
_atom_sites.fract_transf_matrix[1][3]   0.00507908 
_atom_sites.fract_transf_matrix[2][1]   -0.01396097 
_atom_sites.fract_transf_matrix[2][2]   0.00331966 
_atom_sites.fract_transf_matrix[2][3]   0.00090925 
_atom_sites.fract_transf_matrix[3][1]   0.00019626 
_atom_sites.fract_transf_matrix[3][2]   -0.00153485 
_atom_sites.fract_transf_matrix[3][3]   0.00861718 
_atom_sites.fract_transf_vector[1]      0.026052 
_atom_sites.fract_transf_vector[2]      0.362303 
_atom_sites.fract_transf_vector[3]      0.176401 
# 
loop_
_atom_type.symbol 
C 
N 
O 
S 
# 
loop_
_atom_site.group_PDB 
_atom_site.id 
_atom_site.type_symbol 
_atom_site.label_atom_id 
_atom_site.label_alt_id 
_atom_site.label_comp_id 
_atom_site.label_asym_id 
_atom_site.label_entity_id 
_atom_site.label_seq_id 
_atom_site.pdbx_PDB_ins_code 
_atom_site.Cartn_x 
_atom_site.Cartn_y 
_atom_site.Cartn_z 
_atom_site.occupancy 
_atom_site.B_iso_or_equiv 
_atom_site.pdbx_formal_charge 
_atom_site.auth_seq_id 
_atom_site.auth_comp_id 
_atom_site.auth_asym_id 
_atom_site.auth_atom_id 
_atom_site.pdbx_PDB_model_num 
ATOM   1   N N   . PHE A 1 26  ? -13.892 0.096   -17.617 1.00 112.15 ? 6   PHE A N   1 
ATOM   2   C CA  . PHE A 1 26  ? -15.209 0.693   -17.244 1.00 113.21 ? 6   PHE A CA  1 
ATOM   3   C C   . PHE A 1 26  ? -15.100 2.134   -16.732 1.00 111.70 ? 6   PHE A C   1 
ATOM   4   O O   . PHE A 1 26  ? -15.932 2.975   -17.069 1.00 116.24 ? 6   PHE A O   1 
ATOM   5   C CB  . PHE A 1 26  ? -15.937 -0.180  -16.206 1.00 108.43 ? 6   PHE A CB  1 
ATOM   6   C CG  . PHE A 1 26  ? -17.050 -1.026  -16.779 1.00 113.34 ? 6   PHE A CG  1 
ATOM   7   C CD1 . PHE A 1 26  ? -18.145 -0.432  -17.416 1.00 119.74 ? 6   PHE A CD1 1 
ATOM   8   C CD2 . PHE A 1 26  ? -17.019 -2.414  -16.655 1.00 111.51 ? 6   PHE A CD2 1 
ATOM   9   C CE1 . PHE A 1 26  ? -19.179 -1.207  -17.944 1.00 125.17 ? 6   PHE A CE1 1 
ATOM   10  C CE2 . PHE A 1 26  ? -18.045 -3.198  -17.172 1.00 117.04 ? 6   PHE A CE2 1 
ATOM   11  C CZ  . PHE A 1 26  ? -19.132 -2.592  -17.823 1.00 123.88 ? 6   PHE A CZ  1 
ATOM   12  N N   . TYR A 1 27  ? -14.079 2.419   -15.924 1.00 105.96 ? 7   TYR A N   1 
ATOM   13  C CA  . TYR A 1 27  ? -13.977 3.722   -15.262 1.00 104.10 ? 7   TYR A CA  1 
ATOM   14  C C   . TYR A 1 27  ? -12.556 4.275   -15.247 1.00 102.11 ? 7   TYR A C   1 
ATOM   15  O O   . TYR A 1 27  ? -11.619 3.586   -14.860 1.00 97.77  ? 7   TYR A O   1 
ATOM   16  C CB  . TYR A 1 27  ? -14.521 3.625   -13.833 1.00 98.46  ? 7   TYR A CB  1 
ATOM   17  C CG  . TYR A 1 27  ? -15.148 4.897   -13.315 1.00 99.43  ? 7   TYR A CG  1 
ATOM   18  C CD1 . TYR A 1 27  ? -16.428 5.288   -13.725 1.00 105.34 ? 7   TYR A CD1 1 
ATOM   19  C CD2 . TYR A 1 27  ? -14.469 5.707   -12.402 1.00 95.94  ? 7   TYR A CD2 1 
ATOM   20  C CE1 . TYR A 1 27  ? -17.014 6.467   -13.245 1.00 106.83 ? 7   TYR A CE1 1 
ATOM   21  C CE2 . TYR A 1 27  ? -15.042 6.887   -11.911 1.00 97.12  ? 7   TYR A CE2 1 
ATOM   22  C CZ  . TYR A 1 27  ? -16.314 7.262   -12.334 1.00 102.34 ? 7   TYR A CZ  1 
ATOM   23  O OH  . TYR A 1 27  ? -16.879 8.427   -11.850 1.00 103.39 ? 7   TYR A OH  1 
ATOM   24  N N   . THR A 1 28  ? -12.400 5.524   -15.671 1.00 105.73 ? 8   THR A N   1 
ATOM   25  C CA  . THR A 1 28  ? -11.079 6.143   -15.727 1.00 105.08 ? 8   THR A CA  1 
ATOM   26  C C   . THR A 1 28  ? -10.720 6.812   -14.402 1.00 98.97  ? 8   THR A C   1 
ATOM   27  O O   . THR A 1 28  ? -11.582 7.341   -13.703 1.00 97.76  ? 8   THR A O   1 
ATOM   28  C CB  . THR A 1 28  ? -10.952 7.132   -16.896 1.00 112.91 ? 8   THR A CB  1 
ATOM   29  O OG1 . THR A 1 28  ? -11.387 6.493   -18.099 1.00 119.31 ? 8   THR A OG1 1 
ATOM   30  C CG2 . THR A 1 28  ? -9.505  7.578   -17.068 1.00 113.08 ? 8   THR A CG2 1 
ATOM   31  N N   . LEU A 1 29  ? -9.432  6.786   -14.083 1.00 95.81  ? 9   LEU A N   1 
ATOM   32  C CA  . LEU A 1 29  ? -8.948  7.161   -12.776 1.00 89.65  ? 9   LEU A CA  1 
ATOM   33  C C   . LEU A 1 29  ? -7.804  8.143   -12.905 1.00 91.03  ? 9   LEU A C   1 
ATOM   34  O O   . LEU A 1 29  ? -6.870  7.922   -13.675 1.00 93.75  ? 9   LEU A O   1 
ATOM   35  C CB  . LEU A 1 29  ? -8.442  5.910   -12.080 1.00 84.28  ? 9   LEU A CB  1 
ATOM   36  C CG  . LEU A 1 29  ? -8.749  5.692   -10.610 1.00 78.42  ? 9   LEU A CG  1 
ATOM   37  C CD1 . LEU A 1 29  ? -10.255 5.560   -10.394 1.00 79.46  ? 9   LEU A CD1 1 
ATOM   38  C CD2 . LEU A 1 29  ? -7.996  4.452   -10.152 1.00 73.82  ? 9   LEU A CD2 1 
ATOM   39  N N   . ASN A 1 30  ? -7.883  9.228   -12.147 1.00 89.56  ? 10  ASN A N   1 
ATOM   40  C CA  . ASN A 1 30  ? -6.804  10.196  -12.082 1.00 90.50  ? 10  ASN A CA  1 
ATOM   41  C C   . ASN A 1 30  ? -5.880  9.863   -10.918 1.00 84.28  ? 10  ASN A C   1 
ATOM   42  O O   . ASN A 1 30  ? -6.284  9.956   -9.756  1.00 80.16  ? 10  ASN A O   1 
ATOM   43  C CB  . ASN A 1 30  ? -7.381  11.598  -11.923 1.00 93.46  ? 10  ASN A CB  1 
ATOM   44  C CG  . ASN A 1 30  ? -6.312  12.661  -11.777 1.00 95.30  ? 10  ASN A CG  1 
ATOM   45  O OD1 . ASN A 1 30  ? -5.111  12.380  -11.830 1.00 94.68  ? 10  ASN A OD1 1 
ATOM   46  N ND2 . ASN A 1 30  ? -6.751  13.899  -11.591 1.00 98.57  ? 10  ASN A ND2 1 
ATOM   47  N N   . ILE A 1 31  ? -4.640  9.493   -11.231 1.00 84.18  ? 11  ILE A N   1 
ATOM   48  C CA  . ILE A 1 31  ? -3.695  9.010   -10.217 1.00 79.03  ? 11  ILE A CA  1 
ATOM   49  C C   . ILE A 1 31  ? -3.212  10.122  -9.267  1.00 77.55  ? 11  ILE A C   1 
ATOM   50  O O   . ILE A 1 31  ? -2.836  9.850   -8.112  1.00 72.91  ? 11  ILE A O   1 
ATOM   51  C CB  . ILE A 1 31  ? -2.516  8.202   -10.853 1.00 80.34  ? 11  ILE A CB  1 
ATOM   52  C CG1 . ILE A 1 31  ? -3.062  6.975   -11.594 1.00 81.15  ? 11  ILE A CG1 1 
ATOM   53  C CG2 . ILE A 1 31  ? -1.507  7.736   -9.791  1.00 75.82  ? 11  ILE A CG2 1 
ATOM   54  C CD1 . ILE A 1 31  ? -2.045  6.242   -12.464 1.00 84.17  ? 11  ILE A CD1 1 
ATOM   55  N N   . ALA A 1 32  ? -3.268  11.366  -9.740  1.00 81.36  ? 12  ALA A N   1 
ATOM   56  C CA  . ALA A 1 32  ? -2.871  12.516  -8.934  1.00 80.78  ? 12  ALA A CA  1 
ATOM   57  C C   . ALA A 1 32  ? -3.827  12.788  -7.761  1.00 76.77  ? 12  ALA A C   1 
ATOM   58  O O   . ALA A 1 32  ? -3.374  13.042  -6.642  1.00 73.91  ? 12  ALA A O   1 
ATOM   59  C CB  . ALA A 1 32  ? -2.713  13.748  -9.808  1.00 87.17  ? 12  ALA A CB  1 
ATOM   60  N N   . GLU A 1 33  ? -5.135  12.731  -8.019  1.00 76.99  ? 13  GLU A N   1 
ATOM   61  C CA  . GLU A 1 33  ? -6.143  12.897  -6.963  1.00 73.86  ? 13  GLU A CA  1 
ATOM   62  C C   . GLU A 1 33  ? -5.991  11.852  -5.868  1.00 67.42  ? 13  GLU A C   1 
ATOM   63  O O   . GLU A 1 33  ? -6.010  12.180  -4.683  1.00 65.06  ? 13  GLU A O   1 
ATOM   64  C CB  . GLU A 1 33  ? -7.562  12.833  -7.524  1.00 76.23  ? 13  GLU A CB  1 
ATOM   65  C CG  . GLU A 1 33  ? -8.110  14.175  -7.998  1.00 83.39  ? 13  GLU A CG  1 
ATOM   66  C CD  . GLU A 1 33  ? -9.638  14.236  -7.958  1.00 86.81  ? 13  GLU A CD  1 
ATOM   67  O OE1 . GLU A 1 33  ? -10.267 13.289  -7.418  1.00 84.48  ? 13  GLU A OE1 1 
ATOM   68  O OE2 . GLU A 1 33  ? -10.207 15.236  -8.456  1.00 91.39  ? 13  GLU A OE2 1 
ATOM   69  N N   . ILE A 1 34  ? -5.838  10.594  -6.274  1.00 65.09  ? 14  ILE A N   1 
ATOM   70  C CA  . ILE A 1 34  ? -5.655  9.490   -5.339  1.00 59.51  ? 14  ILE A CA  1 
ATOM   71  C C   . ILE A 1 34  ? -4.472  9.763   -4.418  1.00 57.39  ? 14  ILE A C   1 
ATOM   72  O O   . ILE A 1 34  ? -4.633  9.808   -3.202  1.00 54.89  ? 14  ILE A O   1 
ATOM   73  C CB  . ILE A 1 34  ? -5.463  8.150   -6.075  1.00 59.03  ? 14  ILE A CB  1 
ATOM   74  C CG1 . ILE A 1 34  ? -6.669  7.846   -6.968  1.00 61.36  ? 14  ILE A CG1 1 
ATOM   75  C CG2 . ILE A 1 34  ? -5.248  7.027   -5.088  1.00 54.16  ? 14  ILE A CG2 1 
ATOM   76  C CD1 . ILE A 1 34  ? -6.391  6.789   -8.003  1.00 62.77  ? 14  ILE A CD1 1 
ATOM   77  N N   . ALA A 1 35  ? -3.295  9.958   -5.008  1.00 59.01  ? 15  ALA A N   1 
ATOM   78  C CA  . ALA A 1 35  ? -2.085  10.324  -4.267  1.00 58.10  ? 15  ALA A CA  1 
ATOM   79  C C   . ALA A 1 35  ? -2.307  11.529  -3.346  1.00 58.38  ? 15  ALA A C   1 
ATOM   80  O O   . ALA A 1 35  ? -1.886  11.503  -2.190  1.00 56.26  ? 15  ALA A O   1 
ATOM   81  C CB  . ALA A 1 35  ? -0.921  10.583  -5.226  1.00 61.71  ? 15  ALA A CB  1 
ATOM   82  N N   . GLU A 1 36  ? -2.970  12.570  -3.857  1.00 61.33  ? 16  GLU A N   1 
ATOM   83  C CA  . GLU A 1 36  ? -3.404  13.700  -3.035  1.00 62.15  ? 16  GLU A CA  1 
ATOM   84  C C   . GLU A 1 36  ? -4.225  13.272  -1.805  1.00 57.80  ? 16  GLU A C   1 
ATOM   85  O O   . GLU A 1 36  ? -3.983  13.751  -0.698  1.00 57.10  ? 16  GLU A O   1 
ATOM   86  C CB  . GLU A 1 36  ? -4.198  14.693  -3.883  1.00 66.88  ? 16  GLU A CB  1 
ATOM   87  C CG  . GLU A 1 36  ? -4.871  15.827  -3.099  1.00 71.05  ? 16  GLU A CG  1 
ATOM   88  C CD  . GLU A 1 36  ? -3.876  16.792  -2.443  1.00 76.15  ? 16  GLU A CD  1 
ATOM   89  O OE1 . GLU A 1 36  ? -2.715  16.900  -2.921  1.00 78.46  ? 16  GLU A OE1 1 
ATOM   90  O OE2 . GLU A 1 36  ? -4.266  17.449  -1.448  1.00 77.44  ? 16  GLU A OE2 1 
ATOM   91  N N   . ARG A 1 37  ? -5.183  12.370  -2.002  1.00 55.28  ? 17  ARG A N   1 
ATOM   92  C CA  . ARG A 1 37  ? -6.024  11.884  -0.906  1.00 52.10  ? 17  ARG A CA  1 
ATOM   93  C C   . ARG A 1 37  ? -5.201  11.099  0.126   1.00 48.91  ? 17  ARG A C   1 
ATOM   94  O O   . ARG A 1 37  ? -5.292  11.351  1.335   1.00 48.38  ? 17  ARG A O   1 
ATOM   95  C CB  . ARG A 1 37  ? -7.197  11.044  -1.447  1.00 51.32  ? 17  ARG A CB  1 
ATOM   96  C CG  . ARG A 1 37  ? -8.336  11.885  -2.024  1.00 54.56  ? 17  ARG A CG  1 
ATOM   97  C CD  . ARG A 1 37  ? -9.258  11.109  -2.943  1.00 55.08  ? 17  ARG A CD  1 
ATOM   98  N NE  . ARG A 1 37  ? -10.095 12.048  -3.681  1.00 62.08  ? 17  ARG A NE  1 
ATOM   99  C CZ  . ARG A 1 37  ? -11.433 12.046  -3.735  1.00 64.87  ? 17  ARG A CZ  1 
ATOM   100 N NH1 . ARG A 1 37  ? -12.158 11.106  -3.126  1.00 61.85  ? 17  ARG A NH1 1 
ATOM   101 N NH2 . ARG A 1 37  ? -12.054 12.996  -4.439  1.00 69.29  ? 17  ARG A NH2 1 
ATOM   102 N N   . ILE A 1 38  ? -4.386  10.170  -0.363  1.00 47.29  ? 18  ILE A N   1 
ATOM   103 C CA  . ILE A 1 38  ? -3.546  9.333   0.486   1.00 44.90  ? 18  ILE A CA  1 
ATOM   104 C C   . ILE A 1 38  ? -2.577  10.166  1.331   1.00 46.18  ? 18  ILE A C   1 
ATOM   105 O O   . ILE A 1 38  ? -2.416  9.910   2.538   1.00 45.00  ? 18  ILE A O   1 
ATOM   106 C CB  . ILE A 1 38  ? -2.819  8.266   -0.357  1.00 44.26  ? 18  ILE A CB  1 
ATOM   107 C CG1 . ILE A 1 38  ? -3.850  7.246   -0.885  1.00 43.17  ? 18  ILE A CG1 1 
ATOM   108 C CG2 . ILE A 1 38  ? -1.696  7.590   0.443   1.00 42.69  ? 18  ILE A CG2 1 
ATOM   109 C CD1 . ILE A 1 38  ? -3.318  6.268   -1.931  1.00 43.63  ? 18  ILE A CD1 1 
ATOM   110 N N   . GLY A 1 39  ? -1.975  11.182  0.704   1.00 49.07  ? 19  GLY A N   1 
ATOM   111 C CA  . GLY A 1 39  ? -1.073  12.116  1.376   1.00 50.91  ? 19  GLY A CA  1 
ATOM   112 C C   . GLY A 1 39  ? -1.711  12.882  2.521   1.00 51.83  ? 19  GLY A C   1 
ATOM   113 O O   . GLY A 1 39  ? -1.012  13.427  3.368   1.00 52.99  ? 19  GLY A O   1 
ATOM   114 N N   . ASN A 1 40  ? -3.043  12.932  2.552   1.00 51.64  ? 20  ASN A N   1 
ATOM   115 C CA  . ASN A 1 40  ? -3.738  13.626  3.628   1.00 53.00  ? 20  ASN A CA  1 
ATOM   116 C C   . ASN A 1 40  ? -4.246  12.681  4.701   1.00 50.92  ? 20  ASN A C   1 
ATOM   117 O O   . ASN A 1 40  ? -5.151  13.039  5.451   1.00 52.08  ? 20  ASN A O   1 
ATOM   118 C CB  . ASN A 1 40  ? -4.887  14.482  3.080   1.00 54.80  ? 20  ASN A CB  1 
ATOM   119 C CG  . ASN A 1 40  ? -4.410  15.788  2.465   1.00 59.40  ? 20  ASN A CG  1 
ATOM   120 O OD1 . ASN A 1 40  ? -3.636  16.548  3.067   1.00 59.98  ? 20  ASN A OD1 1 
ATOM   121 N ND2 . ASN A 1 40  ? -4.886  16.064  1.258   1.00 61.72  ? 20  ASN A ND2 1 
ATOM   122 N N   . ASP A 1 41  ? -3.657  11.488  4.778   1.00 49.20  ? 21  ASP A N   1 
ATOM   123 C CA  . ASP A 1 41  ? -4.143  10.413  5.635   1.00 48.24  ? 21  ASP A CA  1 
ATOM   124 C C   . ASP A 1 41  ? -2.963  9.523   6.034   1.00 47.61  ? 21  ASP A C   1 
ATOM   125 O O   . ASP A 1 41  ? -2.492  8.676   5.252   1.00 46.66  ? 21  ASP A O   1 
ATOM   126 C CB  . ASP A 1 41  ? -5.245  9.638   4.883   1.00 47.25  ? 21  ASP A CB  1 
ATOM   127 C CG  . ASP A 1 41  ? -5.676  8.326   5.571   1.00 47.89  ? 21  ASP A CG  1 
ATOM   128 O OD1 . ASP A 1 41  ? -5.548  8.148   6.811   1.00 51.38  ? 21  ASP A OD1 1 
ATOM   129 O OD2 . ASP A 1 41  ? -6.197  7.457   4.841   1.00 48.88  ? 21  ASP A OD2 1 
ATOM   130 N N   . ASP A 1 42  ? -2.497  9.721   7.263   1.00 49.37  ? 22  ASP A N   1 
ATOM   131 C CA  . ASP A 1 42  ? -1.268  9.103   7.771   1.00 50.31  ? 22  ASP A CA  1 
ATOM   132 C C   . ASP A 1 42  ? -1.218  7.601   7.590   1.00 48.34  ? 22  ASP A C   1 
ATOM   133 O O   . ASP A 1 42  ? -0.188  7.057   7.215   1.00 48.70  ? 22  ASP A O   1 
ATOM   134 C CB  . ASP A 1 42  ? -1.098  9.404   9.254   1.00 52.63  ? 22  ASP A CB  1 
ATOM   135 C CG  . ASP A 1 42  ? -0.503  10.773  9.518   1.00 56.83  ? 22  ASP A CG  1 
ATOM   136 O OD1 . ASP A 1 42  ? -0.247  11.536  8.559   1.00 58.80  ? 22  ASP A OD1 1 
ATOM   137 O OD2 . ASP A 1 42  ? -0.278  11.088  10.707  1.00 60.52  ? 22  ASP A OD2 1 
ATOM   138 N N   . CYS A 1 43  ? -2.328  6.933   7.878   1.00 47.70  ? 23  CYS A N   1 
ATOM   139 C CA  . CYS A 1 43  ? -2.359  5.479   7.864   1.00 45.87  ? 23  CYS A CA  1 
ATOM   140 C C   . CYS A 1 43  ? -2.232  4.955   6.442   1.00 43.86  ? 23  CYS A C   1 
ATOM   141 O O   . CYS A 1 43  ? -1.347  4.147   6.173   1.00 43.92  ? 23  CYS A O   1 
ATOM   142 C CB  . CYS A 1 43  ? -3.623  4.942   8.541   1.00 45.78  ? 23  CYS A CB  1 
ATOM   143 S SG  . CYS A 1 43  ? -3.739  3.113   8.574   1.00 46.18  ? 23  CYS A SG  1 
ATOM   144 N N   . ALA A 1 44  ? -3.097  5.429   5.539   1.00 42.40  ? 24  ALA A N   1 
ATOM   145 C CA  . ALA A 1 44  ? -3.049  5.036   4.134   1.00 40.45  ? 24  ALA A CA  1 
ATOM   146 C C   . ALA A 1 44  ? -1.633  5.190   3.619   1.00 41.13  ? 24  ALA A C   1 
ATOM   147 O O   . ALA A 1 44  ? -1.088  4.270   3.019   1.00 40.59  ? 24  ALA A O   1 
ATOM   148 C CB  . ALA A 1 44  ? -3.985  5.885   3.318   1.00 40.42  ? 24  ALA A CB  1 
ATOM   149 N N   . TYR A 1 45  ? -1.049  6.363   3.883   1.00 42.68  ? 25  TYR A N   1 
ATOM   150 C CA  . TYR A 1 45  ? 0.265   6.737   3.380   1.00 43.89  ? 25  TYR A CA  1 
ATOM   151 C C   . TYR A 1 45  ? 1.350   5.759   3.808   1.00 44.05  ? 25  TYR A C   1 
ATOM   152 O O   . TYR A 1 45  ? 2.098   5.278   2.971   1.00 44.43  ? 25  TYR A O   1 
ATOM   153 C CB  . TYR A 1 45  ? 0.646   8.161   3.803   1.00 45.65  ? 25  TYR A CB  1 
ATOM   154 C CG  . TYR A 1 45  ? 2.063   8.510   3.387   1.00 47.30  ? 25  TYR A CG  1 
ATOM   155 C CD1 . TYR A 1 45  ? 2.380   8.737   2.050   1.00 47.85  ? 25  TYR A CD1 1 
ATOM   156 C CD2 . TYR A 1 45  ? 3.091   8.578   4.325   1.00 48.13  ? 25  TYR A CD2 1 
ATOM   157 C CE1 . TYR A 1 45  ? 3.687   9.041   1.658   1.00 51.36  ? 25  TYR A CE1 1 
ATOM   158 C CE2 . TYR A 1 45  ? 4.394   8.870   3.945   1.00 50.99  ? 25  TYR A CE2 1 
ATOM   159 C CZ  . TYR A 1 45  ? 4.687   9.105   2.609   1.00 52.79  ? 25  TYR A CZ  1 
ATOM   160 O OH  . TYR A 1 45  ? 5.973   9.408   2.226   1.00 55.94  ? 25  TYR A OH  1 
ATOM   161 N N   . GLN A 1 46  ? 1.430   5.481   5.107   1.00 44.28  ? 26  GLN A N   1 
ATOM   162 C CA  . GLN A 1 46  ? 2.400   4.541   5.656   1.00 45.42  ? 26  GLN A CA  1 
ATOM   163 C C   . GLN A 1 46  ? 2.171   3.096   5.267   1.00 44.13  ? 26  GLN A C   1 
ATOM   164 O O   . GLN A 1 46  ? 3.137   2.343   5.130   1.00 45.68  ? 26  GLN A O   1 
ATOM   165 C CB  . GLN A 1 46  ? 2.391   4.606   7.165   1.00 46.66  ? 26  GLN A CB  1 
ATOM   166 C CG  . GLN A 1 46  ? 3.197   5.706   7.757   1.00 50.54  ? 26  GLN A CG  1 
ATOM   167 C CD  . GLN A 1 46  ? 2.739   5.949   9.162   1.00 55.32  ? 26  GLN A CD  1 
ATOM   168 O OE1 . GLN A 1 46  ? 3.504   5.789   10.127  1.00 59.42  ? 26  GLN A OE1 1 
ATOM   169 N NE2 . GLN A 1 46  ? 1.456   6.301   9.307   1.00 53.89  ? 26  GLN A NE2 1 
ATOM   170 N N   . VAL A 1 47  ? 0.904   2.693   5.128   1.00 42.58  ? 27  VAL A N   1 
ATOM   171 C CA  . VAL A 1 47  ? 0.571   1.352   4.661   1.00 41.77  ? 27  VAL A CA  1 
ATOM   172 C C   . VAL A 1 47  ? 1.131   1.170   3.261   1.00 42.52  ? 27  VAL A C   1 
ATOM   173 O O   . VAL A 1 47  ? 1.661   0.111   2.928   1.00 43.41  ? 27  VAL A O   1 
ATOM   174 C CB  . VAL A 1 47  ? -0.961  1.074   4.674   1.00 40.55  ? 27  VAL A CB  1 
ATOM   175 C CG1 . VAL A 1 47  ? -1.325  -0.142  3.808   1.00 39.51  ? 27  VAL A CG1 1 
ATOM   176 C CG2 . VAL A 1 47  ? -1.452  0.856   6.088   1.00 40.85  ? 27  VAL A CG2 1 
ATOM   177 N N   . LEU A 1 48  ? 1.027   2.217   2.455   1.00 43.34  ? 28  LEU A N   1 
ATOM   178 C CA  . LEU A 1 48  ? 1.492   2.192   1.063   1.00 44.73  ? 28  LEU A CA  1 
ATOM   179 C C   . LEU A 1 48  ? 3.007   2.118   0.976   1.00 46.40  ? 28  LEU A C   1 
ATOM   180 O O   . LEU A 1 48  ? 3.557   1.337   0.202   1.00 48.07  ? 28  LEU A O   1 
ATOM   181 C CB  . LEU A 1 48  ? 1.005   3.451   0.341   1.00 45.91  ? 28  LEU A CB  1 
ATOM   182 C CG  . LEU A 1 48  ? 1.222   3.566   -1.166  1.00 48.82  ? 28  LEU A CG  1 
ATOM   183 C CD1 . LEU A 1 48  ? -0.013  3.015   -1.922  1.00 46.90  ? 28  LEU A CD1 1 
ATOM   184 C CD2 . LEU A 1 48  ? 1.520   5.038   -1.531  1.00 49.22  ? 28  LEU A CD2 1 
ATOM   185 N N   . MET A 1 49  ? 3.670   2.928   1.792   1.00 47.06  ? 29  MET A N   1 
ATOM   186 C CA  . MET A 1 49  ? 5.109   3.097   1.733   1.00 49.21  ? 29  MET A CA  1 
ATOM   187 C C   . MET A 1 49  ? 5.822   1.931   2.377   1.00 49.33  ? 29  MET A C   1 
ATOM   188 O O   . MET A 1 49  ? 6.969   1.650   2.048   1.00 52.07  ? 29  MET A O   1 
ATOM   189 C CB  . MET A 1 49  ? 5.505   4.418   2.395   1.00 50.80  ? 29  MET A CB  1 
ATOM   190 C CG  . MET A 1 49  ? 5.113   5.663   1.596   1.00 51.70  ? 29  MET A CG  1 
ATOM   191 S SD  . MET A 1 49  ? 5.461   5.491   -0.170  1.00 55.88  ? 29  MET A SD  1 
ATOM   192 C CE  . MET A 1 49  ? 5.297   7.147   -0.786  1.00 56.94  ? 29  MET A CE  1 
ATOM   193 N N   . ALA A 1 50  ? 5.146   1.241   3.288   1.00 47.17  ? 30  ALA A N   1 
ATOM   194 C CA  . ALA A 1 50  ? 5.720   0.047   3.910   1.00 47.50  ? 30  ALA A CA  1 
ATOM   195 C C   . ALA A 1 50  ? 6.229   -0.926  2.857   1.00 48.49  ? 30  ALA A C   1 
ATOM   196 O O   . ALA A 1 50  ? 7.275   -1.558  3.052   1.00 51.25  ? 30  ALA A O   1 
ATOM   197 C CB  . ALA A 1 50  ? 4.713   -0.630  4.819   1.00 45.51  ? 30  ALA A CB  1 
ATOM   198 N N   . PHE A 1 51  ? 5.514   -1.036  1.737   1.00 46.83  ? 31  PHE A N   1 
ATOM   199 C CA  . PHE A 1 51  ? 5.927   -1.953  0.678   1.00 48.16  ? 31  PHE A CA  1 
ATOM   200 C C   . PHE A 1 51  ? 7.185   -1.538  -0.071  1.00 51.61  ? 31  PHE A C   1 
ATOM   201 O O   . PHE A 1 51  ? 7.755   -2.362  -0.792  1.00 54.34  ? 31  PHE A O   1 
ATOM   202 C CB  . PHE A 1 51  ? 4.801   -2.215  -0.313  1.00 46.80  ? 31  PHE A CB  1 
ATOM   203 C CG  . PHE A 1 51  ? 3.614   -2.917  0.294   1.00 44.04  ? 31  PHE A CG  1 
ATOM   204 C CD1 . PHE A 1 51  ? 3.511   -4.299  0.246   1.00 43.33  ? 31  PHE A CD1 1 
ATOM   205 C CD2 . PHE A 1 51  ? 2.602   -2.183  0.909   1.00 40.32  ? 31  PHE A CD2 1 
ATOM   206 C CE1 . PHE A 1 51  ? 2.416   -4.934  0.804   1.00 42.67  ? 31  PHE A CE1 1 
ATOM   207 C CE2 . PHE A 1 51  ? 1.517   -2.800  1.469   1.00 38.13  ? 31  PHE A CE2 1 
ATOM   208 C CZ  . PHE A 1 51  ? 1.406   -4.177  1.421   1.00 39.65  ? 31  PHE A CZ  1 
ATOM   209 N N   . ILE A 1 52  ? 7.613   -0.283  0.090   1.00 52.38  ? 32  ILE A N   1 
ATOM   210 C CA  . ILE A 1 52  ? 8.882   0.189   -0.488  1.00 56.19  ? 32  ILE A CA  1 
ATOM   211 C C   . ILE A 1 52  ? 10.019  0.044   0.513   1.00 58.67  ? 32  ILE A C   1 
ATOM   212 O O   . ILE A 1 52  ? 9.950   0.600   1.616   1.00 57.92  ? 32  ILE A O   1 
ATOM   213 C CB  . ILE A 1 52  ? 8.823   1.663   -0.984  1.00 56.87  ? 32  ILE A CB  1 
ATOM   214 C CG1 . ILE A 1 52  ? 7.776   1.826   -2.093  1.00 55.51  ? 32  ILE A CG1 1 
ATOM   215 C CG2 . ILE A 1 52  ? 10.195  2.111   -1.478  1.00 61.16  ? 32  ILE A CG2 1 
ATOM   216 C CD1 . ILE A 1 52  ? 8.040   0.989   -3.370  1.00 57.79  ? 32  ILE A CD1 1 
ATOM   217 N N   . ASN A 1 53  ? 11.064  -0.678  0.105   1.00 61.87  ? 33  ASN A N   1 
ATOM   218 C CA  . ASN A 1 53  ? 12.140  -1.063  1.011   1.00 65.11  ? 33  ASN A CA  1 
ATOM   219 C C   . ASN A 1 53  ? 13.282  -0.039  1.115   1.00 69.51  ? 33  ASN A C   1 
ATOM   220 O O   . ASN A 1 53  ? 13.219  1.036   0.517   1.00 70.12  ? 33  ASN A O   1 
ATOM   221 C CB  . ASN A 1 53  ? 12.650  -2.496  0.692   1.00 66.90  ? 33  ASN A CB  1 
ATOM   222 C CG  . ASN A 1 53  ? 13.568  -2.566  -0.544  1.00 71.15  ? 33  ASN A CG  1 
ATOM   223 O OD1 . ASN A 1 53  ? 13.879  -1.556  -1.179  1.00 73.10  ? 33  ASN A OD1 1 
ATOM   224 N ND2 . ASN A 1 53  ? 14.004  -3.779  -0.881  1.00 72.24  ? 33  ASN A ND2 1 
ATOM   225 N N   . GLU A 1 54  ? 14.320  -0.394  1.876   1.00 73.27  ? 34  GLU A N   1 
ATOM   226 C CA  . GLU A 1 54  ? 15.459  0.480   2.137   1.00 78.38  ? 34  GLU A CA  1 
ATOM   227 C C   . GLU A 1 54  ? 16.130  1.011   0.858   1.00 81.92  ? 34  GLU A C   1 
ATOM   228 O O   . GLU A 1 54  ? 16.587  2.158   0.826   1.00 84.57  ? 34  GLU A O   1 
ATOM   229 C CB  . GLU A 1 54  ? 16.480  -0.260  3.008   1.00 82.47  ? 34  GLU A CB  1 
ATOM   230 C CG  . GLU A 1 54  ? 17.300  0.622   3.953   1.00 87.10  ? 34  GLU A CG  1 
ATOM   231 C CD  . GLU A 1 54  ? 18.689  0.050   4.227   1.00 95.39  ? 34  GLU A CD  1 
ATOM   232 O OE1 . GLU A 1 54  ? 19.340  0.480   5.208   1.00 99.22  ? 34  GLU A OE1 1 
ATOM   233 O OE2 . GLU A 1 54  ? 19.140  -0.829  3.455   1.00 98.25  ? 34  GLU A OE2 1 
ATOM   234 N N   . ASN A 1 55  ? 16.183  0.179   -0.187  1.00 82.79  ? 35  ASN A N   1 
ATOM   235 C CA  . ASN A 1 55  ? 16.810  0.550   -1.467  1.00 86.87  ? 35  ASN A CA  1 
ATOM   236 C C   . ASN A 1 55  ? 15.855  1.099   -2.539  1.00 84.81  ? 35  ASN A C   1 
ATOM   237 O O   . ASN A 1 55  ? 16.244  1.249   -3.703  1.00 88.39  ? 35  ASN A O   1 
ATOM   238 C CB  . ASN A 1 55  ? 17.612  -0.629  -2.032  1.00 90.47  ? 35  ASN A CB  1 
ATOM   239 C CG  . ASN A 1 55  ? 18.937  -0.825  -1.318  1.00 95.53  ? 35  ASN A CG  1 
ATOM   240 O OD1 . ASN A 1 55  ? 19.119  -1.797  -0.594  1.00 95.30  ? 35  ASN A OD1 1 
ATOM   241 N ND2 . ASN A 1 55  ? 19.870  0.109   -1.515  1.00 99.80  ? 35  ASN A ND2 1 
ATOM   242 N N   . GLY A 1 56  ? 14.617  1.398   -2.146  1.00 79.40  ? 36  GLY A N   1 
ATOM   243 C CA  . GLY A 1 56  ? 13.626  1.950   -3.068  1.00 77.78  ? 36  GLY A CA  1 
ATOM   244 C C   . GLY A 1 56  ? 12.819  0.911   -3.827  1.00 75.92  ? 36  GLY A C   1 
ATOM   245 O O   . GLY A 1 56  ? 11.923  1.251   -4.601  1.00 74.34  ? 36  GLY A O   1 
ATOM   246 N N   . GLU A 1 57  ? 13.136  -0.361  -3.593  1.00 76.60  ? 37  GLU A N   1 
ATOM   247 C CA  . GLU A 1 57  ? 12.512  -1.477  -4.299  1.00 75.95  ? 37  GLU A CA  1 
ATOM   248 C C   . GLU A 1 57  ? 11.226  -1.910  -3.621  1.00 70.25  ? 37  GLU A C   1 
ATOM   249 O O   . GLU A 1 57  ? 11.160  -1.968  -2.391  1.00 68.15  ? 37  GLU A O   1 
ATOM   250 C CB  . GLU A 1 57  ? 13.470  -2.669  -4.358  1.00 79.46  ? 37  GLU A CB  1 
ATOM   251 C CG  . GLU A 1 57  ? 14.720  -2.451  -5.210  1.00 88.09  ? 37  GLU A CG  1 
ATOM   252 C CD  . GLU A 1 57  ? 14.413  -2.295  -6.696  1.00 93.46  ? 37  GLU A CD  1 
ATOM   253 O OE1 . GLU A 1 57  ? 13.453  -2.943  -7.181  1.00 93.04  ? 37  GLU A OE1 1 
ATOM   254 O OE2 . GLU A 1 57  ? 15.136  -1.529  -7.377  1.00 98.69  ? 37  GLU A OE2 1 
ATOM   255 N N   . ALA A 1 58  ? 10.208  -2.212  -4.427  1.00 68.60  ? 38  ALA A N   1 
ATOM   256 C CA  . ALA A 1 58  ? 8.957   -2.780  -3.924  1.00 64.13  ? 38  ALA A CA  1 
ATOM   257 C C   . ALA A 1 58  ? 9.203   -4.183  -3.379  1.00 64.31  ? 38  ALA A C   1 
ATOM   258 O O   . ALA A 1 58  ? 10.011  -4.944  -3.933  1.00 67.50  ? 38  ALA A O   1 
ATOM   259 C CB  . ALA A 1 58  ? 7.910   -2.809  -5.008  1.00 63.29  ? 38  ALA A CB  1 
ATOM   260 N N   . GLN A 1 59  ? 8.516   -4.515  -2.288  1.00 61.26  ? 39  GLN A N   1 
ATOM   261 C CA  . GLN A 1 59  ? 8.715   -5.805  -1.620  1.00 61.75  ? 39  GLN A CA  1 
ATOM   262 C C   . GLN A 1 59  ? 7.384   -6.442  -1.249  1.00 58.93  ? 39  GLN A C   1 
ATOM   263 O O   . GLN A 1 59  ? 6.349   -5.781  -1.246  1.00 56.47  ? 39  GLN A O   1 
ATOM   264 C CB  . GLN A 1 59  ? 9.576   -5.645  -0.359  1.00 62.48  ? 39  GLN A CB  1 
ATOM   265 C CG  . GLN A 1 59  ? 8.915   -4.792  0.731   1.00 59.20  ? 39  GLN A CG  1 
ATOM   266 C CD  . GLN A 1 59  ? 9.811   -4.508  1.929   1.00 61.30  ? 39  GLN A CD  1 
ATOM   267 O OE1 . GLN A 1 59  ? 10.615  -5.354  2.345   1.00 63.14  ? 39  GLN A OE1 1 
ATOM   268 N NE2 . GLN A 1 59  ? 9.660   -3.312  2.504   1.00 58.59  ? 39  GLN A NE2 1 
ATOM   269 N N   . MET A 1 60  ? 7.447   -7.727  -0.925  1.00 60.12  ? 40  MET A N   1 
ATOM   270 C CA  . MET A 1 60  ? 6.326   -8.520  -0.440  1.00 59.01  ? 40  MET A CA  1 
ATOM   271 C C   . MET A 1 60  ? 6.192   -8.410  1.079   1.00 56.30  ? 40  MET A C   1 
ATOM   272 O O   . MET A 1 60  ? 7.195   -8.343  1.786   1.00 58.52  ? 40  MET A O   1 
ATOM   273 C CB  . MET A 1 60  ? 6.573   -9.971  -0.866  1.00 61.40  ? 40  MET A CB  1 
ATOM   274 C CG  . MET A 1 60  ? 6.021   -11.089 0.016   1.00 62.55  ? 40  MET A CG  1 
ATOM   275 S SD  . MET A 1 60  ? 6.873   -12.632 -0.451  1.00 70.55  ? 40  MET A SD  1 
ATOM   276 C CE  . MET A 1 60  ? 6.611   -12.599 -2.243  1.00 74.01  ? 40  MET A CE  1 
ATOM   277 N N   . LEU A 1 61  ? 4.962   -8.387  1.580   1.00 52.39  ? 41  LEU A N   1 
ATOM   278 C CA  . LEU A 1 61  ? 4.726   -8.346  3.022   1.00 50.94  ? 41  LEU A CA  1 
ATOM   279 C C   . LEU A 1 61  ? 3.434   -9.081  3.394   1.00 49.48  ? 41  LEU A C   1 
ATOM   280 O O   . LEU A 1 61  ? 2.428   -8.973  2.698   1.00 47.87  ? 41  LEU A O   1 
ATOM   281 C CB  . LEU A 1 61  ? 4.658   -6.891  3.522   1.00 49.08  ? 41  LEU A CB  1 
ATOM   282 C CG  . LEU A 1 61  ? 5.863   -5.932  3.415   1.00 49.45  ? 41  LEU A CG  1 
ATOM   283 C CD1 . LEU A 1 61  ? 5.456   -4.464  3.561   1.00 46.42  ? 41  LEU A CD1 1 
ATOM   284 C CD2 . LEU A 1 61  ? 6.914   -6.275  4.435   1.00 50.96  ? 41  LEU A CD2 1 
ATOM   285 N N   . ASN A 1 62  ? 3.455   -9.829  4.488   1.00 50.62  ? 42  ASN A N   1 
ATOM   286 C CA  . ASN A 1 62  ? 2.212   -10.292 5.084   1.00 49.60  ? 42  ASN A CA  1 
ATOM   287 C C   . ASN A 1 62  ? 1.571   -9.164  5.914   1.00 47.89  ? 42  ASN A C   1 
ATOM   288 O O   . ASN A 1 62  ? 2.235   -8.178  6.236   1.00 47.78  ? 42  ASN A O   1 
ATOM   289 C CB  . ASN A 1 62  ? 2.419   -11.603 5.876   1.00 52.63  ? 42  ASN A CB  1 
ATOM   290 C CG  . ASN A 1 62  ? 3.308   -11.439 7.096   1.00 55.66  ? 42  ASN A CG  1 
ATOM   291 O OD1 . ASN A 1 62  ? 3.142   -10.508 7.875   1.00 58.18  ? 42  ASN A OD1 1 
ATOM   292 N ND2 . ASN A 1 62  ? 4.234   -12.368 7.284   1.00 57.42  ? 42  ASN A ND2 1 
ATOM   293 N N   . LYS A 1 63  ? 0.279   -9.288  6.229   1.00 47.04  ? 43  LYS A N   1 
ATOM   294 C CA  . LYS A 1 63  ? -0.435  -8.284  7.049   1.00 45.70  ? 43  LYS A CA  1 
ATOM   295 C C   . LYS A 1 63  ? 0.259   -7.911  8.365   1.00 47.80  ? 43  LYS A C   1 
ATOM   296 O O   . LYS A 1 63  ? 0.249   -6.743  8.753   1.00 47.36  ? 43  LYS A O   1 
ATOM   297 C CB  . LYS A 1 63  ? -1.854  -8.751  7.357   1.00 45.42  ? 43  LYS A CB  1 
ATOM   298 C CG  . LYS A 1 63  ? -2.935  -8.210  6.424   1.00 42.71  ? 43  LYS A CG  1 
ATOM   299 C CD  . LYS A 1 63  ? -4.186  -9.042  6.566   1.00 42.36  ? 43  LYS A CD  1 
ATOM   300 C CE  . LYS A 1 63  ? -5.347  -8.381  5.893   1.00 41.89  ? 43  LYS A CE  1 
ATOM   301 N NZ  . LYS A 1 63  ? -6.603  -9.180  6.038   1.00 42.80  ? 43  LYS A NZ  1 
ATOM   302 N N   . THR A 1 64  ? 0.842   -8.901  9.044   1.00 50.44  ? 44  THR A N   1 
ATOM   303 C CA  . THR A 1 64  ? 1.494   -8.693  10.341  1.00 53.49  ? 44  THR A CA  1 
ATOM   304 C C   . THR A 1 64  ? 2.743   -7.817  10.217  1.00 53.96  ? 44  THR A C   1 
ATOM   305 O O   . THR A 1 64  ? 2.959   -6.919  11.038  1.00 55.44  ? 44  THR A O   1 
ATOM   306 C CB  . THR A 1 64  ? 1.832   -10.052 11.021  1.00 57.38  ? 44  THR A CB  1 
ATOM   307 O OG1 . THR A 1 64  ? 0.625   -10.625 11.535  1.00 58.39  ? 44  THR A OG1 1 
ATOM   308 C CG2 . THR A 1 64  ? 2.820   -9.888  12.174  1.00 61.20  ? 44  THR A CG2 1 
ATOM   309 N N   . ALA A 1 65  ? 3.548   -8.085  9.192   1.00 53.19  ? 45  ALA A N   1 
ATOM   310 C CA  . ALA A 1 65  ? 4.727   -7.295  8.887   1.00 53.62  ? 45  ALA A CA  1 
ATOM   311 C C   . ALA A 1 65  ? 4.358   -5.811  8.802   1.00 51.60  ? 45  ALA A C   1 
ATOM   312 O O   . ALA A 1 65  ? 4.990   -4.967  9.451   1.00 53.59  ? 45  ALA A O   1 
ATOM   313 C CB  . ALA A 1 65  ? 5.354   -7.767  7.584   1.00 52.95  ? 45  ALA A CB  1 
ATOM   314 N N   . VAL A 1 66  ? 3.321   -5.502  8.028   1.00 48.02  ? 46  VAL A N   1 
ATOM   315 C CA  . VAL A 1 66  ? 2.900   -4.125  7.827   1.00 46.13  ? 46  VAL A CA  1 
ATOM   316 C C   . VAL A 1 66  ? 2.536   -3.475  9.158   1.00 47.50  ? 46  VAL A C   1 
ATOM   317 O O   . VAL A 1 66  ? 3.062   -2.403  9.477   1.00 48.61  ? 46  VAL A O   1 
ATOM   318 C CB  . VAL A 1 66  ? 1.727   -3.999  6.826   1.00 43.13  ? 46  VAL A CB  1 
ATOM   319 C CG1 . VAL A 1 66  ? 1.460   -2.546  6.523   1.00 40.62  ? 46  VAL A CG1 1 
ATOM   320 C CG2 . VAL A 1 66  ? 2.035   -4.761  5.537   1.00 42.94  ? 46  VAL A CG2 1 
ATOM   321 N N   . ALA A 1 67  ? 1.673   -4.131  9.940   1.00 48.10  ? 47  ALA A N   1 
ATOM   322 C CA  . ALA A 1 67  ? 1.234   -3.585  11.226  1.00 50.13  ? 47  ALA A CA  1 
ATOM   323 C C   . ALA A 1 67  ? 2.388   -3.398  12.203  1.00 54.24  ? 47  ALA A C   1 
ATOM   324 O O   . ALA A 1 67  ? 2.364   -2.490  13.025  1.00 55.94  ? 47  ALA A O   1 
ATOM   325 C CB  . ALA A 1 67  ? 0.174   -4.455  11.838  1.00 50.99  ? 47  ALA A CB  1 
ATOM   326 N N   . GLU A 1 68  ? 3.394   -4.268  12.112  1.00 56.59  ? 48  GLU A N   1 
ATOM   327 C CA  . GLU A 1 68  ? 4.573   -4.193  12.972  1.00 60.95  ? 48  GLU A CA  1 
ATOM   328 C C   . GLU A 1 68  ? 5.477   -3.036  12.540  1.00 61.14  ? 48  GLU A C   1 
ATOM   329 O O   . GLU A 1 68  ? 6.046   -2.335  13.388  1.00 63.76  ? 48  GLU A O   1 
ATOM   330 C CB  . GLU A 1 68  ? 5.352   -5.508  12.925  1.00 63.28  ? 48  GLU A CB  1 
ATOM   331 C CG  . GLU A 1 68  ? 4.804   -6.639  13.775  1.00 65.85  ? 48  GLU A CG  1 
ATOM   332 C CD  . GLU A 1 68  ? 5.613   -7.939  13.632  1.00 68.98  ? 48  GLU A CD  1 
ATOM   333 O OE1 . GLU A 1 68  ? 5.127   -8.987  14.088  1.00 71.89  ? 48  GLU A OE1 1 
ATOM   334 O OE2 . GLU A 1 68  ? 6.734   -7.928  13.073  1.00 70.64  ? 48  GLU A OE2 1 
ATOM   335 N N   . MET A 1 69  ? 5.591   -2.860  11.217  1.00 58.41  ? 49  MET A N   1 
ATOM   336 C CA  . MET A 1 69  ? 6.423   -1.835  10.580  1.00 59.32  ? 49  MET A CA  1 
ATOM   337 C C   . MET A 1 69  ? 5.961   -0.396  10.845  1.00 58.15  ? 49  MET A C   1 
ATOM   338 O O   . MET A 1 69  ? 6.774   0.498   11.038  1.00 60.37  ? 49  MET A O   1 
ATOM   339 C CB  . MET A 1 69  ? 6.478   -2.069  9.068   1.00 56.64  ? 49  MET A CB  1 
ATOM   340 C CG  . MET A 1 69  ? 7.409   -3.197  8.627   1.00 59.64  ? 49  MET A CG  1 
ATOM   341 S SD  . MET A 1 69  ? 7.360   -3.480  6.834   1.00 58.84  ? 49  MET A SD  1 
ATOM   342 C CE  . MET A 1 69  ? 8.165   -1.988  6.218   1.00 58.87  ? 49  MET A CE  1 
ATOM   343 N N   . ILE A 1 70  ? 4.658   -0.163  10.828  1.00 55.45  ? 50  ILE A N   1 
ATOM   344 C CA  . ILE A 1 70  ? 4.149   1.183   11.087  1.00 55.07  ? 50  ILE A CA  1 
ATOM   345 C C   . ILE A 1 70  ? 3.527   1.244   12.475  1.00 56.88  ? 50  ILE A C   1 
ATOM   346 O O   . ILE A 1 70  ? 3.025   0.239   12.974  1.00 56.91  ? 50  ILE A O   1 
ATOM   347 C CB  . ILE A 1 70  ? 3.193   1.672   9.968   1.00 51.17  ? 50  ILE A CB  1 
ATOM   348 C CG1 . ILE A 1 70  ? 1.874   0.913   9.996   1.00 48.51  ? 50  ILE A CG1 1 
ATOM   349 C CG2 . ILE A 1 70  ? 3.896   1.562   8.602   1.00 50.30  ? 50  ILE A CG2 1 
ATOM   350 C CD1 . ILE A 1 70  ? 1.057   1.086   8.722   1.00 46.46  ? 50  ILE A CD1 1 
ATOM   351 N N   . GLN A 1 71  ? 3.586   2.399   13.127  1.00 59.02  ? 51  GLN A N   1 
ATOM   352 C CA  . GLN A 1 71  ? 3.058   2.427   14.487  1.00 62.31  ? 51  GLN A CA  1 
ATOM   353 C C   . GLN A 1 71  ? 1.606   2.774   14.658  1.00 60.85  ? 51  GLN A C   1 
ATOM   354 O O   . GLN A 1 71  ? 1.235   3.785   15.258  1.00 62.55  ? 51  GLN A O   1 
ATOM   355 C CB  . GLN A 1 71  ? 3.985   3.095   15.492  1.00 67.43  ? 51  GLN A CB  1 
ATOM   356 C CG  . GLN A 1 71  ? 4.822   2.048   16.256  1.00 72.12  ? 51  GLN A CG  1 
ATOM   357 C CD  . GLN A 1 71  ? 4.313   0.568   16.130  1.00 72.05  ? 51  GLN A CD  1 
ATOM   358 O OE1 . GLN A 1 71  ? 3.283   0.268   15.493  1.00 66.91  ? 51  GLN A OE1 1 
ATOM   359 N NE2 . GLN A 1 71  ? 5.056   -0.351  16.749  1.00 74.99  ? 51  GLN A NE2 1 
ATOM   360 N N   . LEU A 1 72  ? 0.787   1.878   14.111  1.00 57.97  ? 52  LEU A N   1 
ATOM   361 C CA  . LEU A 1 72  ? -0.654  1.923   14.224  1.00 56.43  ? 52  LEU A CA  1 
ATOM   362 C C   . LEU A 1 72  ? -1.131  0.512   14.581  1.00 56.56  ? 52  LEU A C   1 
ATOM   363 O O   . LEU A 1 72  ? -0.414  -0.475  14.360  1.00 56.36  ? 52  LEU A O   1 
ATOM   364 C CB  . LEU A 1 72  ? -1.254  2.418   12.912  1.00 52.66  ? 52  LEU A CB  1 
ATOM   365 C CG  . LEU A 1 72  ? -0.624  3.719   12.401  1.00 52.99  ? 52  LEU A CG  1 
ATOM   366 C CD1 . LEU A 1 72  ? -0.694  3.801   10.895  1.00 49.95  ? 52  LEU A CD1 1 
ATOM   367 C CD2 . LEU A 1 72  ? -1.244  4.956   13.067  1.00 55.21  ? 52  LEU A CD2 1 
ATOM   368 N N   . SER A 1 73  ? -2.326  0.431   15.157  1.00 57.06  ? 53  SER A N   1 
ATOM   369 C CA  . SER A 1 73  ? -2.887  -0.825  15.645  1.00 58.37  ? 53  SER A CA  1 
ATOM   370 C C   . SER A 1 73  ? -3.191  -1.797  14.509  1.00 54.99  ? 53  SER A C   1 
ATOM   371 O O   . SER A 1 73  ? -3.442  -1.377  13.380  1.00 51.69  ? 53  SER A O   1 
ATOM   372 C CB  . SER A 1 73  ? -4.166  -0.532  16.415  1.00 60.33  ? 53  SER A CB  1 
ATOM   373 O OG  . SER A 1 73  ? -5.099  0.130   15.576  1.00 57.54  ? 53  SER A OG  1 
ATOM   374 N N   . LYS A 1 74  ? -3.173  -3.093  14.811  1.00 56.30  ? 54  LYS A N   1 
ATOM   375 C CA  . LYS A 1 74  ? -3.529  -4.107  13.820  1.00 53.87  ? 54  LYS A CA  1 
ATOM   376 C C   . LYS A 1 74  ? -4.862  -3.812  13.123  1.00 51.19  ? 54  LYS A C   1 
ATOM   377 O O   . LYS A 1 74  ? -4.910  -3.796  11.893  1.00 48.17  ? 54  LYS A O   1 
ATOM   378 C CB  . LYS A 1 74  ? -3.557  -5.517  14.426  1.00 57.08  ? 54  LYS A CB  1 
ATOM   379 C CG  . LYS A 1 74  ? -2.209  -6.204  14.570  1.00 59.47  ? 54  LYS A CG  1 
ATOM   380 C CD  . LYS A 1 74  ? -2.410  -7.694  14.853  1.00 62.67  ? 54  LYS A CD  1 
ATOM   381 C CE  . LYS A 1 74  ? -1.359  -8.268  15.817  1.00 67.98  ? 54  LYS A CE  1 
ATOM   382 N NZ  . LYS A 1 74  ? 0.049   -8.126  15.339  1.00 66.64  ? 54  LYS A NZ  1 
ATOM   383 N N   . PRO A 1 75  ? -5.950  -3.589  13.898  1.00 52.90  ? 55  PRO A N   1 
ATOM   384 C CA  . PRO A 1 75  ? -7.249  -3.310  13.257  1.00 51.09  ? 55  PRO A CA  1 
ATOM   385 C C   . PRO A 1 75  ? -7.191  -2.209  12.188  1.00 47.70  ? 55  PRO A C   1 
ATOM   386 O O   . PRO A 1 75  ? -7.690  -2.399  11.083  1.00 45.98  ? 55  PRO A O   1 
ATOM   387 C CB  . PRO A 1 75  ? -8.131  -2.873  14.426  1.00 54.25  ? 55  PRO A CB  1 
ATOM   388 C CG  . PRO A 1 75  ? -7.527  -3.535  15.618  1.00 58.25  ? 55  PRO A CG  1 
ATOM   389 C CD  . PRO A 1 75  ? -6.058  -3.598  15.372  1.00 57.06  ? 55  PRO A CD  1 
ATOM   390 N N   . THR A 1 76  ? -6.571  -1.082  12.512  1.00 47.72  ? 56  THR A N   1 
ATOM   391 C CA  . THR A 1 76  ? -6.399  0.010   11.557  1.00 45.28  ? 56  THR A CA  1 
ATOM   392 C C   . THR A 1 76  ? -5.622  -0.444  10.318  1.00 42.50  ? 56  THR A C   1 
ATOM   393 O O   . THR A 1 76  ? -6.097  -0.325  9.172   1.00 40.74  ? 56  THR A O   1 
ATOM   394 C CB  . THR A 1 76  ? -5.706  1.204   12.247  1.00 46.97  ? 56  THR A CB  1 
ATOM   395 O OG1 . THR A 1 76  ? -6.527  1.647   13.330  1.00 50.40  ? 56  THR A OG1 1 
ATOM   396 C CG2 . THR A 1 76  ? -5.485  2.373   11.292  1.00 44.97  ? 56  THR A CG2 1 
ATOM   397 N N   . VAL A 1 77  ? -4.434  -0.980  10.548  1.00 42.42  ? 57  VAL A N   1 
ATOM   398 C CA  . VAL A 1 77  ? -3.583  -1.387  9.453   1.00 40.48  ? 57  VAL A CA  1 
ATOM   399 C C   . VAL A 1 77  ? -4.206  -2.477  8.589   1.00 39.09  ? 57  VAL A C   1 
ATOM   400 O O   . VAL A 1 77  ? -4.171  -2.376  7.367   1.00 37.80  ? 57  VAL A O   1 
ATOM   401 C CB  . VAL A 1 77  ? -2.211  -1.820  9.950   1.00 42.53  ? 57  VAL A CB  1 
ATOM   402 C CG1 . VAL A 1 77  ? -1.356  -2.310  8.775   1.00 40.98  ? 57  VAL A CG1 1 
ATOM   403 C CG2 . VAL A 1 77  ? -1.536  -0.664  10.713  1.00 42.72  ? 57  VAL A CG2 1 
ATOM   404 N N   . PHE A 1 78  ? -4.789  -3.495  9.211   1.00 40.20  ? 58  PHE A N   1 
ATOM   405 C CA  . PHE A 1 78  ? -5.387  -4.614  8.475   1.00 39.52  ? 58  PHE A CA  1 
ATOM   406 C C   . PHE A 1 78  ? -6.539  -4.148  7.603   1.00 38.34  ? 58  PHE A C   1 
ATOM   407 O O   . PHE A 1 78  ? -6.617  -4.516  6.422   1.00 37.55  ? 58  PHE A O   1 
ATOM   408 C CB  . PHE A 1 78  ? -5.914  -5.674  9.432   1.00 42.12  ? 58  PHE A CB  1 
ATOM   409 C CG  . PHE A 1 78  ? -4.852  -6.546  10.055  1.00 43.84  ? 58  PHE A CG  1 
ATOM   410 C CD1 . PHE A 1 78  ? -3.505  -6.216  9.984   1.00 44.07  ? 58  PHE A CD1 1 
ATOM   411 C CD2 . PHE A 1 78  ? -5.218  -7.693  10.750  1.00 47.18  ? 58  PHE A CD2 1 
ATOM   412 C CE1 . PHE A 1 78  ? -2.532  -7.027  10.570  1.00 46.53  ? 58  PHE A CE1 1 
ATOM   413 C CE2 . PHE A 1 78  ? -4.250  -8.510  11.349  1.00 49.96  ? 58  PHE A CE2 1 
ATOM   414 C CZ  . PHE A 1 78  ? -2.907  -8.175  11.251  1.00 49.32  ? 58  PHE A CZ  1 
ATOM   415 N N   . ALA A 1 79  ? -7.429  -3.337  8.177   1.00 38.51  ? 59  ALA A N   1 
ATOM   416 C CA  . ALA A 1 79  ? -8.585  -2.828  7.426   1.00 38.17  ? 59  ALA A CA  1 
ATOM   417 C C   . ALA A 1 79  ? -8.150  -2.000  6.217   1.00 36.79  ? 59  ALA A C   1 
ATOM   418 O O   . ALA A 1 79  ? -8.773  -2.059  5.148   1.00 36.50  ? 59  ALA A O   1 
ATOM   419 C CB  . ALA A 1 79  ? -9.488  -2.017  8.324   1.00 39.39  ? 59  ALA A CB  1 
ATOM   420 N N   . THR A 1 80  ? -7.080  -1.235  6.404   1.00 36.61  ? 60  THR A N   1 
ATOM   421 C CA  . THR A 1 80  ? -6.488  -0.422  5.344   1.00 36.72  ? 60  THR A CA  1 
ATOM   422 C C   . THR A 1 80  ? -5.906  -1.301  4.238   1.00 36.36  ? 60  THR A C   1 
ATOM   423 O O   . THR A 1 80  ? -6.138  -1.042  3.057   1.00 36.94  ? 60  THR A O   1 
ATOM   424 C CB  . THR A 1 80  ? -5.372  0.501   5.902   1.00 37.33  ? 60  THR A CB  1 
ATOM   425 O OG1 . THR A 1 80  ? -5.885  1.282   6.992   1.00 37.62  ? 60  THR A OG1 1 
ATOM   426 C CG2 . THR A 1 80  ? -4.832  1.414   4.817   1.00 36.86  ? 60  THR A CG2 1 
ATOM   427 N N   . VAL A 1 81  ? -5.159  -2.332  4.631   1.00 36.72  ? 61  VAL A N   1 
ATOM   428 C CA  . VAL A 1 81  ? -4.610  -3.336  3.698   1.00 36.52  ? 61  VAL A CA  1 
ATOM   429 C C   . VAL A 1 81  ? -5.726  -3.976  2.873   1.00 36.66  ? 61  VAL A C   1 
ATOM   430 O O   . VAL A 1 81  ? -5.653  -4.008  1.632   1.00 36.72  ? 61  VAL A O   1 
ATOM   431 C CB  . VAL A 1 81  ? -3.801  -4.438  4.446   1.00 37.42  ? 61  VAL A CB  1 
ATOM   432 C CG1 . VAL A 1 81  ? -3.476  -5.603  3.528   1.00 36.53  ? 61  VAL A CG1 1 
ATOM   433 C CG2 . VAL A 1 81  ? -2.518  -3.848  5.039   1.00 38.39  ? 61  VAL A CG2 1 
ATOM   434 N N   . ASN A 1 82  ? -6.754  -4.464  3.569   1.00 36.88  ? 62  ASN A N   1 
ATOM   435 C CA  . ASN A 1 82  ? -7.943  -5.020  2.910   1.00 37.82  ? 62  ASN A CA  1 
ATOM   436 C C   . ASN A 1 82  ? -8.562  -4.071  1.896   1.00 37.75  ? 62  ASN A C   1 
ATOM   437 O O   . ASN A 1 82  ? -8.765  -4.456  0.741   1.00 38.24  ? 62  ASN A O   1 
ATOM   438 C CB  . ASN A 1 82  ? -8.991  -5.526  3.922   1.00 38.29  ? 62  ASN A CB  1 
ATOM   439 C CG  . ASN A 1 82  ? -8.513  -6.753  4.689   1.00 39.98  ? 62  ASN A CG  1 
ATOM   440 O OD1 . ASN A 1 82  ? -7.756  -7.586  4.161   1.00 38.74  ? 62  ASN A OD1 1 
ATOM   441 N ND2 . ASN A 1 82  ? -8.962  -6.878  5.943   1.00 41.24  ? 62  ASN A ND2 1 
ATOM   442 N N   . SER A 1 83  ? -8.830  -2.831  2.306   1.00 37.68  ? 63  SER A N   1 
ATOM   443 C CA  . SER A 1 83  ? -9.458  -1.871  1.380   1.00 39.20  ? 63  SER A CA  1 
ATOM   444 C C   . SER A 1 83  ? -8.554  -1.536  0.184   1.00 39.42  ? 63  SER A C   1 
ATOM   445 O O   . SER A 1 83  ? -9.038  -1.410  -0.951  1.00 40.58  ? 63  SER A O   1 
ATOM   446 C CB  . SER A 1 83  ? -9.890  -0.583  2.090   1.00 39.54  ? 63  SER A CB  1 
ATOM   447 O OG  . SER A 1 83  ? -10.879 -0.820  3.068   1.00 41.19  ? 63  SER A OG  1 
ATOM   448 N N   . PHE A 1 84  ? -7.248  -1.415  0.441   1.00 38.54  ? 64  PHE A N   1 
ATOM   449 C CA  . PHE A 1 84  ? -6.267  -1.174  -0.627  1.00 39.35  ? 64  PHE A CA  1 
ATOM   450 C C   . PHE A 1 84  ? -6.158  -2.304  -1.655  1.00 39.85  ? 64  PHE A C   1 
ATOM   451 O O   . PHE A 1 84  ? -5.896  -2.056  -2.837  1.00 41.34  ? 64  PHE A O   1 
ATOM   452 C CB  . PHE A 1 84  ? -4.909  -0.809  -0.031  1.00 39.54  ? 64  PHE A CB  1 
ATOM   453 C CG  . PHE A 1 84  ? -4.784  0.650   0.340   1.00 40.58  ? 64  PHE A CG  1 
ATOM   454 C CD1 . PHE A 1 84  ? -5.857  1.520   0.180   1.00 42.51  ? 64  PHE A CD1 1 
ATOM   455 C CD2 . PHE A 1 84  ? -3.596  1.149   0.847   1.00 42.21  ? 64  PHE A CD2 1 
ATOM   456 C CE1 . PHE A 1 84  ? -5.745  2.861   0.517   1.00 43.71  ? 64  PHE A CE1 1 
ATOM   457 C CE2 . PHE A 1 84  ? -3.480  2.487   1.191   1.00 42.78  ? 64  PHE A CE2 1 
ATOM   458 C CZ  . PHE A 1 84  ? -4.562  3.341   1.027   1.00 42.54  ? 64  PHE A CZ  1 
ATOM   459 N N   . TYR A 1 85  ? -6.372  -3.535  -1.212  1.00 38.70  ? 65  TYR A N   1 
ATOM   460 C CA  . TYR A 1 85  ? -6.528  -4.644  -2.143  1.00 40.12  ? 65  TYR A CA  1 
ATOM   461 C C   . TYR A 1 85  ? -7.850  -4.551  -2.921  1.00 41.92  ? 65  TYR A C   1 
ATOM   462 O O   . TYR A 1 85  ? -7.894  -4.888  -4.103  1.00 44.02  ? 65  TYR A O   1 
ATOM   463 C CB  . TYR A 1 85  ? -6.413  -5.988  -1.424  1.00 39.35  ? 65  TYR A CB  1 
ATOM   464 C CG  . TYR A 1 85  ? -6.953  -7.158  -2.216  1.00 41.49  ? 65  TYR A CG  1 
ATOM   465 C CD1 . TYR A 1 85  ? -6.257  -7.658  -3.332  1.00 42.75  ? 65  TYR A CD1 1 
ATOM   466 C CD2 . TYR A 1 85  ? -8.161  -7.778  -1.851  1.00 41.68  ? 65  TYR A CD2 1 
ATOM   467 C CE1 . TYR A 1 85  ? -6.742  -8.748  -4.058  1.00 43.93  ? 65  TYR A CE1 1 
ATOM   468 C CE2 . TYR A 1 85  ? -8.664  -8.869  -2.583  1.00 43.22  ? 65  TYR A CE2 1 
ATOM   469 C CZ  . TYR A 1 85  ? -7.945  -9.349  -3.682  1.00 45.72  ? 65  TYR A CZ  1 
ATOM   470 O OH  . TYR A 1 85  ? -8.424  -10.425 -4.412  1.00 48.70  ? 65  TYR A OH  1 
ATOM   471 N N   . CYS A 1 86  ? -8.918  -4.095  -2.265  1.00 41.40  ? 66  CYS A N   1 
ATOM   472 C CA  . CYS A 1 86  ? -10.198 -3.885  -2.952  1.00 43.97  ? 66  CYS A CA  1 
ATOM   473 C C   . CYS A 1 86  ? -10.054 -2.848  -4.049  1.00 45.65  ? 66  CYS A C   1 
ATOM   474 O O   . CYS A 1 86  ? -10.481 -3.069  -5.180  1.00 48.46  ? 66  CYS A O   1 
ATOM   475 C CB  . CYS A 1 86  ? -11.299 -3.459  -1.974  1.00 43.50  ? 66  CYS A CB  1 
ATOM   476 S SG  . CYS A 1 86  ? -11.882 -4.823  -0.940  1.00 43.29  ? 66  CYS A SG  1 
ATOM   477 N N   . ALA A 1 87  ? -9.420  -1.734  -3.692  1.00 44.73  ? 67  ALA A N   1 
ATOM   478 C CA  . ALA A 1 87  ? -9.140  -0.623  -4.593  1.00 46.46  ? 67  ALA A CA  1 
ATOM   479 C C   . ALA A 1 87  ? -8.224  -1.026  -5.743  1.00 48.43  ? 67  ALA A C   1 
ATOM   480 O O   . ALA A 1 87  ? -8.182  -0.351  -6.768  1.00 51.87  ? 67  ALA A O   1 
ATOM   481 C CB  . ALA A 1 87  ? -8.534  0.540   -3.811  1.00 44.67  ? 67  ALA A CB  1 
ATOM   482 N N   . GLY A 1 88  ? -7.489  -2.121  -5.573  1.00 47.49  ? 68  GLY A N   1 
ATOM   483 C CA  . GLY A 1 88  ? -6.562  -2.599  -6.601  1.00 49.25  ? 68  GLY A CA  1 
ATOM   484 C C   . GLY A 1 88  ? -5.193  -1.965  -6.493  1.00 48.94  ? 68  GLY A C   1 
ATOM   485 O O   . GLY A 1 88  ? -4.421  -2.001  -7.441  1.00 51.26  ? 68  GLY A O   1 
ATOM   486 N N   . TYR A 1 89  ? -4.891  -1.396  -5.328  1.00 46.67  ? 69  TYR A N   1 
ATOM   487 C CA  . TYR A 1 89  ? -3.599  -0.753  -5.102  1.00 46.96  ? 69  TYR A CA  1 
ATOM   488 C C   . TYR A 1 89  ? -2.549  -1.753  -4.681  1.00 46.30  ? 69  TYR A C   1 
ATOM   489 O O   . TYR A 1 89  ? -1.372  -1.571  -4.981  1.00 47.71  ? 69  TYR A O   1 
ATOM   490 C CB  . TYR A 1 89  ? -3.690  0.343   -4.042  1.00 45.43  ? 69  TYR A CB  1 
ATOM   491 C CG  . TYR A 1 89  ? -4.652  1.458   -4.361  1.00 46.95  ? 69  TYR A CG  1 
ATOM   492 C CD1 . TYR A 1 89  ? -5.121  1.656   -5.660  1.00 50.69  ? 69  TYR A CD1 1 
ATOM   493 C CD2 . TYR A 1 89  ? -5.068  2.341   -3.370  1.00 45.87  ? 69  TYR A CD2 1 
ATOM   494 C CE1 . TYR A 1 89  ? -5.997  2.689   -5.958  1.00 52.10  ? 69  TYR A CE1 1 
ATOM   495 C CE2 . TYR A 1 89  ? -5.950  3.387   -3.661  1.00 48.06  ? 69  TYR A CE2 1 
ATOM   496 C CZ  . TYR A 1 89  ? -6.405  3.549   -4.957  1.00 50.55  ? 69  TYR A CZ  1 
ATOM   497 O OH  . TYR A 1 89  ? -7.275  4.568   -5.264  1.00 53.74  ? 69  TYR A OH  1 
ATOM   498 N N   . ILE A 1 90  ? -2.971  -2.789  -3.959  1.00 44.68  ? 70  ILE A N   1 
ATOM   499 C CA  . ILE A 1 90  ? -2.075  -3.887  -3.609  1.00 44.94  ? 70  ILE A CA  1 
ATOM   500 C C   . ILE A 1 90  ? -2.633  -5.215  -4.122  1.00 45.75  ? 70  ILE A C   1 
ATOM   501 O O   . ILE A 1 90  ? -3.847  -5.370  -4.271  1.00 45.90  ? 70  ILE A O   1 
ATOM   502 C CB  . ILE A 1 90  ? -1.737  -3.941  -2.073  1.00 43.10  ? 70  ILE A CB  1 
ATOM   503 C CG1 . ILE A 1 90  ? -2.858  -4.588  -1.264  1.00 42.17  ? 70  ILE A CG1 1 
ATOM   504 C CG2 . ILE A 1 90  ? -1.381  -2.551  -1.521  1.00 41.55  ? 70  ILE A CG2 1 
ATOM   505 C CD1 . ILE A 1 90  ? -2.793  -4.278  0.215   1.00 40.51  ? 70  ILE A CD1 1 
ATOM   506 N N   . ASP A 1 91  ? -1.743  -6.156  -4.426  1.00 47.15  ? 71  ASP A N   1 
ATOM   507 C CA  . ASP A 1 91  ? -2.153  -7.489  -4.877  1.00 48.42  ? 71  ASP A CA  1 
ATOM   508 C C   . ASP A 1 91  ? -2.111  -8.497  -3.735  1.00 47.43  ? 71  ASP A C   1 
ATOM   509 O O   . ASP A 1 91  ? -1.333  -8.364  -2.796  1.00 46.26  ? 71  ASP A O   1 
ATOM   510 C CB  . ASP A 1 91  ? -1.247  -7.994  -6.007  1.00 51.82  ? 71  ASP A CB  1 
ATOM   511 C CG  . ASP A 1 91  ? -1.570  -7.380  -7.356  1.00 53.24  ? 71  ASP A CG  1 
ATOM   512 O OD1 . ASP A 1 91  ? -2.694  -6.891  -7.562  1.00 54.22  ? 71  ASP A OD1 1 
ATOM   513 O OD2 . ASP A 1 91  ? -0.682  -7.388  -8.222  1.00 55.11  ? 71  ASP A OD2 1 
ATOM   514 N N   . GLU A 1 92  ? -2.947  -9.517  -3.830  1.00 48.51  ? 72  GLU A N   1 
ATOM   515 C CA  . GLU A 1 92  ? -2.971  -10.572 -2.842  1.00 48.47  ? 72  GLU A CA  1 
ATOM   516 C C   . GLU A 1 92  ? -2.585  -11.848 -3.544  1.00 51.29  ? 72  GLU A C   1 
ATOM   517 O O   . GLU A 1 92  ? -3.024  -12.113 -4.668  1.00 54.06  ? 72  GLU A O   1 
ATOM   518 C CB  . GLU A 1 92  ? -4.362  -10.694 -2.260  1.00 47.87  ? 72  GLU A CB  1 
ATOM   519 C CG  . GLU A 1 92  ? -4.533  -11.673 -1.127  1.00 49.10  ? 72  GLU A CG  1 
ATOM   520 C CD  . GLU A 1 92  ? -5.907  -11.517 -0.506  1.00 50.20  ? 72  GLU A CD  1 
ATOM   521 O OE1 . GLU A 1 92  ? -6.883  -12.024 -1.106  1.00 52.60  ? 72  GLU A OE1 1 
ATOM   522 O OE2 . GLU A 1 92  ? -6.012  -10.848 0.553   1.00 48.72  ? 72  GLU A OE2 1 
ATOM   523 N N   . THR A 1 93  ? -1.729  -12.628 -2.911  1.00 51.32  ? 73  THR A N   1 
ATOM   524 C CA  . THR A 1 93  ? -1.398  -13.918 -3.470  1.00 53.73  ? 73  THR A CA  1 
ATOM   525 C C   . THR A 1 93  ? -1.289  -14.948 -2.355  1.00 53.84  ? 73  THR A C   1 
ATOM   526 O O   . THR A 1 93  ? -0.735  -14.679 -1.296  1.00 52.46  ? 73  THR A O   1 
ATOM   527 C CB  . THR A 1 93  ? -0.192  -13.860 -4.459  1.00 56.04  ? 73  THR A CB  1 
ATOM   528 O OG1 . THR A 1 93  ? 0.314   -15.182 -4.709  1.00 59.21  ? 73  THR A OG1 1 
ATOM   529 C CG2 . THR A 1 93  ? 0.907   -12.970 -3.947  1.00 55.22  ? 73  THR A CG2 1 
ATOM   530 N N   . ARG A 1 94  ? -1.896  -16.102 -2.583  1.00 55.84  ? 74  ARG A N   1 
ATOM   531 C CA  . ARG A 1 94  ? -1.899  -17.160 -1.593  1.00 57.01  ? 74  ARG A CA  1 
ATOM   532 C C   . ARG A 1 94  ? -0.522  -17.803 -1.561  1.00 59.73  ? 74  ARG A C   1 
ATOM   533 O O   . ARG A 1 94  ? 0.111   -18.021 -2.597  1.00 61.34  ? 74  ARG A O   1 
ATOM   534 C CB  . ARG A 1 94  ? -3.014  -18.174 -1.864  1.00 58.56  ? 74  ARG A CB  1 
ATOM   535 C CG  . ARG A 1 94  ? -4.393  -17.527 -1.971  1.00 56.88  ? 74  ARG A CG  1 
ATOM   536 C CD  . ARG A 1 94  ? -5.511  -18.541 -1.922  1.00 57.69  ? 74  ARG A CD  1 
ATOM   537 N NE  . ARG A 1 94  ? -5.412  -19.306 -0.688  1.00 58.36  ? 74  ARG A NE  1 
ATOM   538 C CZ  . ARG A 1 94  ? -6.356  -19.399 0.242   1.00 57.30  ? 74  ARG A CZ  1 
ATOM   539 N NH1 . ARG A 1 94  ? -7.533  -18.805 0.086   1.00 53.37  ? 74  ARG A NH1 1 
ATOM   540 N NH2 . ARG A 1 94  ? -6.115  -20.123 1.326   1.00 59.85  ? 74  ARG A NH2 1 
ATOM   541 N N   . VAL A 1 95  ? -0.075  -18.088 -0.342  1.00 60.62  ? 75  VAL A N   1 
ATOM   542 C CA  . VAL A 1 95  ? 1.292   -18.476 -0.058  1.00 63.50  ? 75  VAL A CA  1 
ATOM   543 C C   . VAL A 1 95  ? 1.240   -19.200 1.301   1.00 65.35  ? 75  VAL A C   1 
ATOM   544 O O   . VAL A 1 95  ? 0.792   -18.625 2.305   1.00 63.57  ? 75  VAL A O   1 
ATOM   545 C CB  . VAL A 1 95  ? 2.202   -17.192 -0.117  1.00 61.50  ? 75  VAL A CB  1 
ATOM   546 C CG1 . VAL A 1 95  ? 2.514   -16.598 1.262   1.00 59.93  ? 75  VAL A CG1 1 
ATOM   547 C CG2 . VAL A 1 95  ? 3.437   -17.459 -0.914  1.00 64.86  ? 75  VAL A CG2 1 
ATOM   548 N N   . GLY A 1 96  ? 1.642   -20.472 1.324   1.00 69.79  ? 76  GLY A N   1 
ATOM   549 C CA  . GLY A 1 96  ? 1.315   -21.355 2.458   1.00 72.48  ? 76  GLY A CA  1 
ATOM   550 C C   . GLY A 1 96  ? -0.200  -21.479 2.495   1.00 71.62  ? 76  GLY A C   1 
ATOM   551 O O   . GLY A 1 96  ? -0.824  -21.663 1.443   1.00 71.56  ? 76  GLY A O   1 
ATOM   552 N N   . ARG A 1 97  ? -0.803  -21.371 3.682   1.00 71.60  ? 77  ARG A N   1 
ATOM   553 C CA  . ARG A 1 97  ? -2.269  -21.194 3.772   1.00 70.04  ? 77  ARG A CA  1 
ATOM   554 C C   . ARG A 1 97  ? -2.625  -19.783 4.207   1.00 65.78  ? 77  ARG A C   1 
ATOM   555 O O   . ARG A 1 97  ? -3.736  -19.513 4.676   1.00 65.09  ? 77  ARG A O   1 
ATOM   556 C CB  . ARG A 1 97  ? -2.951  -22.230 4.669   1.00 73.78  ? 77  ARG A CB  1 
ATOM   557 C CG  . ARG A 1 97  ? -2.952  -21.905 6.153   1.00 73.75  ? 77  ARG A CG  1 
ATOM   558 C CD  . ARG A 1 97  ? -1.821  -22.617 6.837   1.00 77.33  ? 77  ARG A CD  1 
ATOM   559 N NE  . ARG A 1 97  ? -2.289  -23.304 8.039   1.00 81.05  ? 77  ARG A NE  1 
ATOM   560 C CZ  . ARG A 1 97  ? -1.745  -24.413 8.521   1.00 85.81  ? 77  ARG A CZ  1 
ATOM   561 N NH1 . ARG A 1 97  ? -0.722  -24.976 7.900   1.00 87.26  ? 77  ARG A NH1 1 
ATOM   562 N NH2 . ARG A 1 97  ? -2.232  -24.966 9.618   1.00 90.66  ? 77  ARG A NH2 1 
ATOM   563 N N   . SER A 1 98  ? -1.670  -18.882 4.033   1.00 63.51  ? 78  SER A N   1 
ATOM   564 C CA  . SER A 1 98  ? -1.933  -17.465 4.214   1.00 59.62  ? 78  SER A CA  1 
ATOM   565 C C   . SER A 1 98  ? -1.709  -16.668 2.932   1.00 56.85  ? 78  SER A C   1 
ATOM   566 O O   . SER A 1 98  ? -1.577  -17.218 1.839   1.00 57.52  ? 78  SER A O   1 
ATOM   567 C CB  . SER A 1 98  ? -1.073  -16.930 5.344   1.00 59.64  ? 78  SER A CB  1 
ATOM   568 O OG  . SER A 1 98  ? 0.100   -17.710 5.416   1.00 63.59  ? 78  SER A OG  1 
ATOM   569 N N   . LYS A 1 99  ? -1.669  -15.354 3.085   1.00 53.99  ? 79  LYS A N   1 
ATOM   570 C CA  . LYS A 1 99  ? -1.650  -14.454 1.958   1.00 52.23  ? 79  LYS A CA  1 
ATOM   571 C C   . LYS A 1 99  ? -0.482  -13.494 2.057   1.00 51.82  ? 79  LYS A C   1 
ATOM   572 O O   . LYS A 1 99  ? 0.029   -13.216 3.152   1.00 52.22  ? 79  LYS A O   1 
ATOM   573 C CB  . LYS A 1 99  ? -2.953  -13.667 1.943   1.00 50.07  ? 79  LYS A CB  1 
ATOM   574 C CG  . LYS A 1 99  ? -4.180  -14.491 2.315   1.00 50.44  ? 79  LYS A CG  1 
ATOM   575 C CD  . LYS A 1 99  ? -4.892  -15.019 1.102   1.00 50.92  ? 79  LYS A CD  1 
ATOM   576 C CE  . LYS A 1 99  ? -6.271  -15.489 1.488   1.00 52.73  ? 79  LYS A CE  1 
ATOM   577 N NZ  . LYS A 1 99  ? -7.242  -15.218 0.392   1.00 55.24  ? 79  LYS A NZ  1 
ATOM   578 N N   . ILE A 1 100 ? -0.038  -12.999 0.907   1.00 52.15  ? 80  ILE A N   1 
ATOM   579 C CA  . ILE A 1 100 ? 0.938   -11.904 0.877   1.00 51.57  ? 80  ILE A CA  1 
ATOM   580 C C   . ILE A 1 100 ? 0.564   -10.793 -0.084  1.00 49.86  ? 80  ILE A C   1 
ATOM   581 O O   . ILE A 1 100 ? -0.086  -11.011 -1.122  1.00 49.90  ? 80  ILE A O   1 
ATOM   582 C CB  . ILE A 1 100 ? 2.349   -12.357 0.517   1.00 54.02  ? 80  ILE A CB  1 
ATOM   583 C CG1 . ILE A 1 100 ? 2.287   -13.405 -0.583  1.00 57.14  ? 80  ILE A CG1 1 
ATOM   584 C CG2 . ILE A 1 100 ? 3.100   -12.798 1.770   1.00 56.29  ? 80  ILE A CG2 1 
ATOM   585 C CD1 . ILE A 1 100 ? 3.606   -13.608 -1.313  1.00 62.71  ? 80  ILE A CD1 1 
ATOM   586 N N   . TYR A 1 101 ? 1.053   -9.608  0.260   1.00 48.84  ? 81  TYR A N   1 
ATOM   587 C CA  . TYR A 1 101 ? 0.694   -8.386  -0.419  1.00 47.61  ? 81  TYR A CA  1 
ATOM   588 C C   . TYR A 1 101 ? 1.894   -7.742  -1.086  1.00 49.34  ? 81  TYR A C   1 
ATOM   589 O O   . TYR A 1 101 ? 2.990   -7.711  -0.530  1.00 51.48  ? 81  TYR A O   1 
ATOM   590 C CB  . TYR A 1 101 ? -0.029  -7.467  0.559   1.00 44.84  ? 81  TYR A CB  1 
ATOM   591 C CG  . TYR A 1 101 ? -1.223  -8.173  1.150   1.00 43.86  ? 81  TYR A CG  1 
ATOM   592 C CD1 . TYR A 1 101 ? -2.407  -8.294  0.432   1.00 42.88  ? 81  TYR A CD1 1 
ATOM   593 C CD2 . TYR A 1 101 ? -1.153  -8.775  2.407   1.00 44.46  ? 81  TYR A CD2 1 
ATOM   594 C CE1 . TYR A 1 101 ? -3.496  -8.969  0.959   1.00 42.35  ? 81  TYR A CE1 1 
ATOM   595 C CE2 . TYR A 1 101 ? -2.246  -9.453  2.941   1.00 42.73  ? 81  TYR A CE2 1 
ATOM   596 C CZ  . TYR A 1 101 ? -3.407  -9.546  2.213   1.00 43.22  ? 81  TYR A CZ  1 
ATOM   597 O OH  . TYR A 1 101 ? -4.484  -10.231 2.744   1.00 45.47  ? 81  TYR A OH  1 
ATOM   598 N N   . THR A 1 102 ? 1.684   -7.309  -2.323  1.00 50.24  ? 82  THR A N   1 
ATOM   599 C CA  . THR A 1 102 ? 2.659   -6.541  -3.093  1.00 52.14  ? 82  THR A CA  1 
ATOM   600 C C   . THR A 1 102 ? 1.888   -5.383  -3.733  1.00 51.61  ? 82  THR A C   1 
ATOM   601 O O   . THR A 1 102 ? 0.669   -5.467  -3.922  1.00 50.87  ? 82  THR A O   1 
ATOM   602 C CB  . THR A 1 102 ? 3.341   -7.395  -4.194  1.00 55.71  ? 82  THR A CB  1 
ATOM   603 O OG1 . THR A 1 102 ? 2.346   -8.024  -5.018  1.00 56.51  ? 82  THR A OG1 1 
ATOM   604 C CG2 . THR A 1 102 ? 4.249   -8.475  -3.593  1.00 57.11  ? 82  THR A CG2 1 
ATOM   605 N N   . LEU A 1 103 ? 2.572   -4.294  -4.047  1.00 52.56  ? 83  LEU A N   1 
ATOM   606 C CA  . LEU A 1 103 ? 1.921   -3.212  -4.771  1.00 52.79  ? 83  LEU A CA  1 
ATOM   607 C C   . LEU A 1 103 ? 1.573   -3.704  -6.170  1.00 55.16  ? 83  LEU A C   1 
ATOM   608 O O   . LEU A 1 103 ? 2.360   -4.412  -6.785  1.00 57.87  ? 83  LEU A O   1 
ATOM   609 C CB  . LEU A 1 103 ? 2.840   -1.989  -4.867  1.00 54.38  ? 83  LEU A CB  1 
ATOM   610 C CG  . LEU A 1 103 ? 3.295   -1.296  -3.577  1.00 52.53  ? 83  LEU A CG  1 
ATOM   611 C CD1 . LEU A 1 103 ? 4.585   -0.527  -3.817  1.00 54.14  ? 83  LEU A CD1 1 
ATOM   612 C CD2 . LEU A 1 103 ? 2.203   -0.386  -3.002  1.00 49.73  ? 83  LEU A CD2 1 
ATOM   613 N N   . SER A 1 104 ? 0.385   -3.355  -6.653  1.00 54.73  ? 84  SER A N   1 
ATOM   614 C CA  . SER A 1 104 ? 0.043   -3.548  -8.060  1.00 58.23  ? 84  SER A CA  1 
ATOM   615 C C   . SER A 1 104 ? 0.768   -2.490  -8.891  1.00 61.35  ? 84  SER A C   1 
ATOM   616 O O   . SER A 1 104 ? 1.486   -1.647  -8.344  1.00 60.75  ? 84  SER A O   1 
ATOM   617 C CB  . SER A 1 104 ? -1.468  -3.430  -8.261  1.00 57.66  ? 84  SER A CB  1 
ATOM   618 O OG  . SER A 1 104 ? -1.930  -2.151  -7.854  1.00 56.62  ? 84  SER A OG  1 
ATOM   619 N N   . ASP A 1 105 ? 0.586   -2.532  -10.207 1.00 65.35  ? 85  ASP A N   1 
ATOM   620 C CA  . ASP A 1 105 ? 1.157   -1.513  -11.091 1.00 69.26  ? 85  ASP A CA  1 
ATOM   621 C C   . ASP A 1 105 ? 0.571   -0.147  -10.762 1.00 67.78  ? 85  ASP A C   1 
ATOM   622 O O   . ASP A 1 105 ? 1.259   0.875   -10.841 1.00 69.60  ? 85  ASP A O   1 
ATOM   623 C CB  . ASP A 1 105 ? 0.914   -1.872  -12.559 1.00 74.70  ? 85  ASP A CB  1 
ATOM   624 C CG  . ASP A 1 105 ? 1.695   -3.110  -12.993 1.00 77.62  ? 85  ASP A CG  1 
ATOM   625 O OD1 . ASP A 1 105 ? 2.463   -3.657  -12.165 1.00 75.21  ? 85  ASP A OD1 1 
ATOM   626 O OD2 . ASP A 1 105 ? 1.550   -3.533  -14.163 1.00 82.70  ? 85  ASP A OD2 1 
ATOM   627 N N   . LEU A 1 106 ? -0.700  -0.152  -10.373 1.00 64.69  ? 86  LEU A N   1 
ATOM   628 C CA  . LEU A 1 106 ? -1.384  1.039   -9.906  1.00 62.89  ? 86  LEU A CA  1 
ATOM   629 C C   . LEU A 1 106 ? -0.713  1.555   -8.622  1.00 59.31  ? 86  LEU A C   1 
ATOM   630 O O   . LEU A 1 106 ? -0.467  2.763   -8.474  1.00 59.56  ? 86  LEU A O   1 
ATOM   631 C CB  . LEU A 1 106 ? -2.868  0.709   -9.685  1.00 61.10  ? 86  LEU A CB  1 
ATOM   632 C CG  . LEU A 1 106 ? -3.899  1.765   -9.262  1.00 59.91  ? 86  LEU A CG  1 
ATOM   633 C CD1 . LEU A 1 106 ? -3.733  3.099   -9.986  1.00 63.61  ? 86  LEU A CD1 1 
ATOM   634 C CD2 . LEU A 1 106 ? -5.287  1.209   -9.501  1.00 60.48  ? 86  LEU A CD2 1 
ATOM   635 N N   . GLY A 1 107 ? -0.413  0.621   -7.712  1.00 55.86  ? 87  GLY A N   1 
ATOM   636 C CA  . GLY A 1 107 ? 0.282   0.921   -6.458  1.00 53.02  ? 87  GLY A CA  1 
ATOM   637 C C   . GLY A 1 107 ? 1.619   1.587   -6.713  1.00 55.59  ? 87  GLY A C   1 
ATOM   638 O O   . GLY A 1 107 ? 1.899   2.658   -6.171  1.00 55.68  ? 87  GLY A O   1 
ATOM   639 N N   . VAL A 1 108 ? 2.434   0.965   -7.561  1.00 58.23  ? 88  VAL A N   1 
ATOM   640 C CA  . VAL A 1 108 ? 3.734   1.524   -7.933  1.00 61.50  ? 88  VAL A CA  1 
ATOM   641 C C   . VAL A 1 108 ? 3.611   2.939   -8.532  1.00 64.41  ? 88  VAL A C   1 
ATOM   642 O O   . VAL A 1 108 ? 4.411   3.818   -8.208  1.00 65.59  ? 88  VAL A O   1 
ATOM   643 C CB  . VAL A 1 108 ? 4.514   0.572   -8.884  1.00 64.99  ? 88  VAL A CB  1 
ATOM   644 C CG1 . VAL A 1 108 ? 5.864   1.165   -9.274  1.00 68.83  ? 88  VAL A CG1 1 
ATOM   645 C CG2 . VAL A 1 108 ? 4.718   -0.772  -8.219  1.00 62.36  ? 88  VAL A CG2 1 
ATOM   646 N N   . GLU A 1 109 ? 2.609   3.157   -9.383  1.00 65.87  ? 89  GLU A N   1 
ATOM   647 C CA  . GLU A 1 109 ? 2.404   4.468   -10.007 1.00 69.65  ? 89  GLU A CA  1 
ATOM   648 C C   . GLU A 1 109 ? 2.059   5.562   -8.990  1.00 67.04  ? 89  GLU A C   1 
ATOM   649 O O   . GLU A 1 109 ? 2.563   6.682   -9.092  1.00 69.96  ? 89  GLU A O   1 
ATOM   650 C CB  . GLU A 1 109 ? 1.366   4.398   -11.126 1.00 72.22  ? 89  GLU A CB  1 
ATOM   651 C CG  . GLU A 1 109 ? 1.964   4.045   -12.490 1.00 79.11  ? 89  GLU A CG  1 
ATOM   652 C CD  . GLU A 1 109 ? 0.921   3.950   -13.606 1.00 82.74  ? 89  GLU A CD  1 
ATOM   653 O OE1 . GLU A 1 109 ? 1.210   4.428   -14.728 1.00 89.57  ? 89  GLU A OE1 1 
ATOM   654 O OE2 . GLU A 1 109 ? -0.181  3.398   -13.365 1.00 80.26  ? 89  GLU A OE2 1 
ATOM   655 N N   . ILE A 1 110 ? 1.218   5.222   -8.012  1.00 62.43  ? 90  ILE A N   1 
ATOM   656 C CA  . ILE A 1 110 ? 0.902   6.101   -6.883  1.00 59.63  ? 90  ILE A CA  1 
ATOM   657 C C   . ILE A 1 110 ? 2.156   6.445   -6.058  1.00 59.77  ? 90  ILE A C   1 
ATOM   658 O O   . ILE A 1 110 ? 2.410   7.615   -5.759  1.00 61.32  ? 90  ILE A O   1 
ATOM   659 C CB  . ILE A 1 110 ? -0.246  5.502   -6.002  1.00 55.21  ? 90  ILE A CB  1 
ATOM   660 C CG1 . ILE A 1 110 ? -1.574  5.539   -6.774  1.00 55.42  ? 90  ILE A CG1 1 
ATOM   661 C CG2 . ILE A 1 110 ? -0.387  6.243   -4.663  1.00 51.54  ? 90  ILE A CG2 1 
ATOM   662 C CD1 . ILE A 1 110 ? -2.577  4.493   -6.349  1.00 51.41  ? 90  ILE A CD1 1 
ATOM   663 N N   . VAL A 1 111 ? 2.952   5.431   -5.726  1.00 59.06  ? 91  VAL A N   1 
ATOM   664 C CA  . VAL A 1 111 ? 4.231   5.632   -5.032  1.00 60.15  ? 91  VAL A CA  1 
ATOM   665 C C   . VAL A 1 111 ? 5.166   6.598   -5.780  1.00 65.69  ? 91  VAL A C   1 
ATOM   666 O O   . VAL A 1 111 ? 5.869   7.398   -5.148  1.00 66.82  ? 91  VAL A O   1 
ATOM   667 C CB  . VAL A 1 111 ? 4.931   4.280   -4.749  1.00 59.02  ? 91  VAL A CB  1 
ATOM   668 C CG1 . VAL A 1 111 ? 6.377   4.481   -4.326  1.00 61.09  ? 91  VAL A CG1 1 
ATOM   669 C CG2 . VAL A 1 111 ? 4.176   3.518   -3.671  1.00 54.46  ? 91  VAL A CG2 1 
ATOM   670 N N   . GLU A 1 112 ? 5.148   6.536   -7.114  1.00 69.89  ? 92  GLU A N   1 
ATOM   671 C CA  . GLU A 1 112 ? 5.966   7.423   -7.956  1.00 76.28  ? 92  GLU A CA  1 
ATOM   672 C C   . GLU A 1 112 ? 5.649   8.912   -7.805  1.00 77.77  ? 92  GLU A C   1 
ATOM   673 O O   . GLU A 1 112 ? 6.556   9.740   -7.869  1.00 81.52  ? 92  GLU A O   1 
ATOM   674 C CB  . GLU A 1 112 ? 5.875   7.030   -9.438  1.00 80.71  ? 92  GLU A CB  1 
ATOM   675 C CG  . GLU A 1 112 ? 6.586   5.732   -9.805  1.00 83.18  ? 92  GLU A CG  1 
ATOM   676 C CD  . GLU A 1 112 ? 7.956   5.600   -9.157  1.00 85.97  ? 92  GLU A CD  1 
ATOM   677 O OE1 . GLU A 1 112 ? 8.903   6.295   -9.604  1.00 90.69  ? 92  GLU A OE1 1 
ATOM   678 O OE2 . GLU A 1 112 ? 8.075   4.791   -8.205  1.00 82.93  ? 92  GLU A OE2 1 
ATOM   679 N N   . CYS A 1 113 ? 4.373   9.246   -7.617  1.00 75.41  ? 93  CYS A N   1 
ATOM   680 C CA  . CYS A 1 113 ? 3.964   10.638  -7.435  1.00 77.23  ? 93  CYS A CA  1 
ATOM   681 C C   . CYS A 1 113 ? 4.593   11.199  -6.182  1.00 75.62  ? 93  CYS A C   1 
ATOM   682 O O   . CYS A 1 113 ? 5.023   12.352  -6.164  1.00 78.94  ? 93  CYS A O   1 
ATOM   683 C CB  . CYS A 1 113 ? 2.452   10.760  -7.297  1.00 74.92  ? 93  CYS A CB  1 
ATOM   684 S SG  . CYS A 1 113 ? 1.528   9.957   -8.592  1.00 77.96  ? 93  CYS A SG  1 
ATOM   685 N N   . PHE A 1 114 ? 4.635   10.373  -5.137  1.00 70.89  ? 94  PHE A N   1 
ATOM   686 C CA  . PHE A 1 114 ? 5.231   10.758  -3.866  1.00 69.82  ? 94  PHE A CA  1 
ATOM   687 C C   . PHE A 1 114 ? 6.742   10.945  -3.926  1.00 74.07  ? 94  PHE A C   1 
ATOM   688 O O   . PHE A 1 114 ? 7.275   11.941  -3.423  1.00 76.37  ? 94  PHE A O   1 
ATOM   689 C CB  . PHE A 1 114 ? 4.875   9.744   -2.799  1.00 64.36  ? 94  PHE A CB  1 
ATOM   690 C CG  . PHE A 1 114 ? 3.491   9.882   -2.292  1.00 60.05  ? 94  PHE A CG  1 
ATOM   691 C CD1 . PHE A 1 114 ? 3.094   11.047  -1.633  1.00 60.18  ? 94  PHE A CD1 1 
ATOM   692 C CD2 . PHE A 1 114 ? 2.573   8.854   -2.466  1.00 55.59  ? 94  PHE A CD2 1 
ATOM   693 C CE1 . PHE A 1 114 ? 1.787   11.183  -1.153  1.00 57.93  ? 94  PHE A CE1 1 
ATOM   694 C CE2 . PHE A 1 114 ? 1.272   8.973   -1.994  1.00 52.75  ? 94  PHE A CE2 1 
ATOM   695 C CZ  . PHE A 1 114 ? 0.877   10.135  -1.334  1.00 54.07  ? 94  PHE A CZ  1 
ATOM   696 N N   . LYS A 1 115 ? 7.419   9.979   -4.544  1.00 75.75  ? 95  LYS A N   1 
ATOM   697 C CA  . LYS A 1 115 ? 8.856   10.048  -4.789  1.00 80.84  ? 95  LYS A CA  1 
ATOM   698 C C   . LYS A 1 115 ? 9.250   11.346  -5.502  1.00 86.42  ? 95  LYS A C   1 
ATOM   699 O O   . LYS A 1 115 ? 10.282  11.938  -5.186  1.00 89.80  ? 95  LYS A O   1 
ATOM   700 C CB  . LYS A 1 115 ? 9.318   8.833   -5.603  1.00 81.62  ? 95  LYS A CB  1 
ATOM   701 C CG  . LYS A 1 115 ? 10.804  8.482   -5.425  1.00 85.42  ? 95  LYS A CG  1 
ATOM   702 C CD  . LYS A 1 115 ? 11.176  7.115   -6.042  1.00 86.23  ? 95  LYS A CD  1 
ATOM   703 C CE  . LYS A 1 115 ? 10.194  5.978   -5.673  1.00 81.66  ? 95  LYS A CE  1 
ATOM   704 N NZ  . LYS A 1 115 ? 9.750   5.990   -4.236  1.00 77.85  ? 95  LYS A NZ  1 
ATOM   705 N N   . GLN A 1 116 ? 8.416   11.779  -6.448  1.00 88.09  ? 96  GLN A N   1 
ATOM   706 C CA  . GLN A 1 116 ? 8.653   13.009  -7.212  1.00 94.45  ? 96  GLN A CA  1 
ATOM   707 C C   . GLN A 1 116 ? 8.507   14.272  -6.367  1.00 94.87  ? 96  GLN A C   1 
ATOM   708 O O   . GLN A 1 116 ? 9.270   15.219  -6.540  1.00 100.14 ? 96  GLN A O   1 
ATOM   709 C CB  . GLN A 1 116 ? 7.724   13.087  -8.424  1.00 96.40  ? 96  GLN A CB  1 
ATOM   710 C CG  . GLN A 1 116 ? 7.898   11.946  -9.404  1.00 98.30  ? 96  GLN A CG  1 
ATOM   711 C CD  . GLN A 1 116 ? 7.173   12.193  -10.704 1.00 103.48 ? 96  GLN A CD  1 
ATOM   712 O OE1 . GLN A 1 116 ? 7.715   12.814  -11.625 1.00 109.92 ? 96  GLN A OE1 1 
ATOM   713 N NE2 . GLN A 1 116 ? 5.940   11.700  -10.795 1.00 100.58 ? 96  GLN A NE2 1 
ATOM   714 N N   . LYS A 1 117 ? 7.521   14.277  -5.468  1.00 90.05  ? 97  LYS A N   1 
ATOM   715 C CA  . LYS A 1 117 ? 7.368   15.336  -4.474  1.00 90.12  ? 97  LYS A CA  1 
ATOM   716 C C   . LYS A 1 117 ? 8.656   15.475  -3.665  1.00 91.52  ? 97  LYS A C   1 
ATOM   717 O O   . LYS A 1 117 ? 9.219   16.566  -3.564  1.00 95.57  ? 97  LYS A O   1 
ATOM   718 C CB  . LYS A 1 117 ? 6.211   15.028  -3.510  1.00 84.71  ? 97  LYS A CB  1 
ATOM   719 C CG  . LYS A 1 117 ? 4.805   14.987  -4.114  1.00 84.00  ? 97  LYS A CG  1 
ATOM   720 C CD  . LYS A 1 117 ? 4.203   16.384  -4.289  1.00 88.52  ? 97  LYS A CD  1 
ATOM   721 C CE  . LYS A 1 117 ? 2.678   16.312  -4.334  1.00 86.06  ? 97  LYS A CE  1 
ATOM   722 N NZ  . LYS A 1 117 ? 2.065   17.540  -4.909  1.00 90.30  ? 97  LYS A NZ  1 
ATOM   723 N N   . ALA A 1 118 ? 9.104   14.350  -3.100  1.00 88.25  ? 98  ALA A N   1 
ATOM   724 C CA  . ALA A 1 118 ? 10.290  14.302  -2.240  1.00 89.82  ? 98  ALA A CA  1 
ATOM   725 C C   . ALA A 1 118 ? 11.611  14.347  -3.022  1.00 95.19  ? 98  ALA A C   1 
ATOM   726 O O   . ALA A 1 118 ? 11.956  15.356  -3.643  1.00 100.10 ? 98  ALA A O   1 
ATOM   727 C CB  . ALA A 1 118 ? 10.234  13.052  -1.340  1.00 84.93  ? 98  ALA A CB  1 
HETATM 728 O O   . HOH B 2 .   ? -8.068  15.020  -4.089  1.00 51.40  ? 105 HOH A O   1 
HETATM 729 O O   . HOH B 2 .   ? 9.113   1.038   4.035   1.00 42.98  ? 106 HOH A O   1 
HETATM 730 O O   . HOH B 2 .   ? 16.760  -4.621  -1.855  1.00 40.27  ? 107 HOH A O   1 
HETATM 731 O O   . HOH B 2 .   ? -8.013  -8.519  8.589   1.00 30.81  ? 108 HOH A O   1 
HETATM 732 O O   . HOH B 2 .   ? 10.036  -9.493  -1.334  1.00 36.59  ? 109 HOH A O   1 
HETATM 733 O O   . HOH B 2 .   ? 4.307   -12.702 -4.222  1.00 46.52  ? 110 HOH A O   1 
HETATM 734 O O   . HOH B 2 .   ? -0.846  -11.556 4.837   1.00 39.03  ? 111 HOH A O   1 
HETATM 735 O O   . HOH B 2 .   ? -4.113  3.253   15.157  1.00 55.32  ? 112 HOH A O   1 
HETATM 736 O O   . HOH B 2 .   ? -7.722  -8.203  1.626   1.00 43.34  ? 113 HOH A O   1 
HETATM 737 O O   . HOH B 2 .   ? -6.142  -14.559 -2.594  1.00 51.59  ? 114 HOH A O   1 
HETATM 738 O O   . HOH B 2 .   ? -8.907  -10.879 5.034   1.00 33.29  ? 115 HOH A O   1 
HETATM 739 O O   . HOH B 2 .   ? -7.987  14.992  0.566   1.00 47.71  ? 116 HOH A O   1 
HETATM 740 O O   . HOH B 2 .   ? 5.353   -4.921  -3.267  1.00 42.04  ? 117 HOH A O   1 
HETATM 741 O O   . HOH B 2 .   ? 5.807   4.052   11.369  1.00 45.33  ? 118 HOH A O   1 
HETATM 742 O O   . HOH B 2 .   ? 0.886   -10.045 -3.546  1.00 46.38  ? 119 HOH A O   1 
HETATM 743 O O   . HOH B 2 .   ? -2.962  -19.805 1.107   1.00 47.04  ? 120 HOH A O   1 
HETATM 744 O O   . HOH B 2 .   ? 1.791   7.417   11.452  1.00 38.47  ? 121 HOH A O   1 
HETATM 745 O O   . HOH B 2 .   ? 0.010   -11.946 9.127   1.00 45.55  ? 122 HOH A O   1 
HETATM 746 O O   . HOH B 2 .   ? -5.504  -17.781 3.788   1.00 52.73  ? 123 HOH A O   1 
# 
loop_
_atom_site_anisotrop.id 
_atom_site_anisotrop.type_symbol 
_atom_site_anisotrop.pdbx_label_atom_id 
_atom_site_anisotrop.pdbx_label_alt_id 
_atom_site_anisotrop.pdbx_label_comp_id 
_atom_site_anisotrop.pdbx_label_asym_id 
_atom_site_anisotrop.pdbx_label_seq_id 
_atom_site_anisotrop.pdbx_PDB_ins_code 
_atom_site_anisotrop.U[1][1] 
_atom_site_anisotrop.U[2][2] 
_atom_site_anisotrop.U[3][3] 
_atom_site_anisotrop.U[1][2] 
_atom_site_anisotrop.U[1][3] 
_atom_site_anisotrop.U[2][3] 
_atom_site_anisotrop.pdbx_auth_seq_id 
_atom_site_anisotrop.pdbx_auth_comp_id 
_atom_site_anisotrop.pdbx_auth_asym_id 
_atom_site_anisotrop.pdbx_auth_atom_id 
1   N N   . PHE A 26  ? 1.8238 1.6106 0.8266 0.1960  -0.5610 0.0406  6  PHE A N   
2   C CA  . PHE A 26  ? 1.7954 1.6038 0.9024 0.2148  -0.6284 0.0589  6  PHE A CA  
3   C C   . PHE A 26  ? 1.7735 1.5568 0.9137 0.2235  -0.6034 0.1219  6  PHE A C   
4   O O   . PHE A 26  ? 1.8364 1.6044 0.9758 0.2472  -0.6605 0.1569  6  PHE A O   
5   C CB  . PHE A 26  ? 1.6540 1.5259 0.9398 0.2045  -0.6417 0.0116  6  PHE A CB  
6   C CG  . PHE A 26  ? 1.6986 1.6002 1.0076 0.2126  -0.7247 -0.0343 6  PHE A CG  
7   C CD1 . PHE A 26  ? 1.7835 1.6828 1.0831 0.2387  -0.8107 -0.0167 6  PHE A CD1 
8   C CD2 . PHE A 26  ? 1.6507 1.5827 1.0035 0.1947  -0.7201 -0.0961 6  PHE A CD2 
9   C CE1 . PHE A 26  ? 1.8311 1.7619 1.1630 0.2459  -0.8933 -0.0636 6  PHE A CE1 
10  C CE2 . PHE A 26  ? 1.7001 1.6602 1.0866 0.1998  -0.7971 -0.1433 6  PHE A CE2 
11  C CZ  . PHE A 26  ? 1.7893 1.7513 1.1662 0.2250  -0.8854 -0.1288 6  PHE A CZ  
12  N N   . TYR A 27  ? 1.6907 1.4692 0.8662 0.2054  -0.5219 0.1344  7  TYR A N   
13  C CA  . TYR A 27  ? 1.6541 1.4140 0.8871 0.2101  -0.4946 0.1837  7  TYR A CA  
14  C C   . TYR A 27  ? 1.6646 1.3849 0.8301 0.1944  -0.4129 0.2125  7  TYR A C   
15  O O   . TYR A 27  ? 1.6011 1.3377 0.7762 0.1730  -0.3570 0.1833  7  TYR A O   
16  C CB  . TYR A 27  ? 1.5050 1.3167 0.9195 0.2036  -0.4872 0.1620  7  TYR A CB  
17  C CG  . TYR A 27  ? 1.4927 1.2956 0.9897 0.2195  -0.5003 0.2003  7  TYR A CG  
18  C CD1 . TYR A 27  ? 1.5546 1.3618 1.0862 0.2459  -0.5771 0.2121  7  TYR A CD1 
19  C CD2 . TYR A 27  ? 1.4345 1.2260 0.9845 0.2088  -0.4385 0.2207  7  TYR A CD2 
20  C CE1 . TYR A 27  ? 1.5468 1.3452 1.1672 0.2628  -0.5880 0.2449  7  TYR A CE1 
21  C CE2 . TYR A 27  ? 1.4257 1.2067 1.0578 0.2235  -0.4478 0.2506  7  TYR A CE2 
22  C CZ  . TYR A 27  ? 1.4785 1.2623 1.1477 0.2509  -0.5204 0.2631  7  TYR A CZ  
23  O OH  . TYR A 27  ? 1.4648 1.2375 1.2262 0.2674  -0.5279 0.2902  7  TYR A OH  
24  N N   . THR A 28  ? 1.7479 1.4153 0.8539 0.2056  -0.4068 0.2705  8  THR A N   
25  C CA  . THR A 28  ? 1.7724 1.3989 0.8211 0.1896  -0.3280 0.3008  8  THR A CA  
26  C C   . THR A 28  ? 1.6439 1.2860 0.8306 0.1778  -0.2820 0.3066  8  THR A C   
27  O O   . THR A 28  ? 1.5878 1.2458 0.8809 0.1896  -0.3130 0.3128  8  THR A O   
28  C CB  . THR A 28  ? 1.9445 1.4968 0.8489 0.2034  -0.3341 0.3635  8  THR A CB  
29  O OG1 . THR A 28  ? 2.0756 1.6145 0.8431 0.2161  -0.3862 0.3540  8  THR A OG1 
30  C CG2 . THR A 28  ? 1.9810 1.4933 0.8223 0.1816  -0.2437 0.3879  8  THR A CG2 
31  N N   . LEU A 29  ? 1.6060 1.2438 0.7905 0.1546  -0.2079 0.3013  9  LEU A N   
32  C CA  . LEU A 29  ? 1.4782 1.1394 0.7887 0.1397  -0.1648 0.2921  9  LEU A CA  
33  C C   . LEU A 29  ? 1.5203 1.1365 0.8021 0.1262  -0.1006 0.3281  9  LEU A C   
34  O O   . LEU A 29  ? 1.5938 1.1864 0.7819 0.1149  -0.0587 0.3336  9  LEU A O   
35  C CB  . LEU A 29  ? 1.3746 1.0889 0.7386 0.1219  -0.1419 0.2371  9  LEU A CB  
36  C CG  . LEU A 29  ? 1.2380 1.0002 0.7415 0.1156  -0.1427 0.2081  9  LEU A CG  
37  C CD1 . LEU A 29  ? 1.2247 1.0104 0.7842 0.1333  -0.2057 0.2002  9  LEU A CD1 
38  C CD2 . LEU A 29  ? 1.1597 0.9591 0.6861 0.0983  -0.1150 0.1642  9  LEU A CD2 
39  N N   . ASN A 30  ? 1.4764 1.0806 0.8457 0.1266  -0.0898 0.3497  10 ASN A N   
40  C CA  . ASN A 30  ? 1.4997 1.0654 0.8733 0.1106  -0.0274 0.3783  10 ASN A CA  
41  C C   . ASN A 30  ? 1.3728 0.9827 0.8469 0.0867  0.0182  0.3364  10 ASN A C   
42  O O   . ASN A 30  ? 1.2735 0.9170 0.8553 0.0869  0.0044  0.3127  10 ASN A O   
43  C CB  . ASN A 30  ? 1.5367 1.0597 0.9547 0.1244  -0.0424 0.4224  10 ASN A CB  
44  C CG  . ASN A 30  ? 1.5660 1.0470 1.0079 0.1058  0.0219  0.4500  10 ASN A CG  
45  O OD1 . ASN A 30  ? 1.5618 1.0475 0.9882 0.0822  0.0792  0.4374  10 ASN A OD1 
46  N ND2 . ASN A 30  ? 1.6044 1.0444 1.0963 0.1166  0.0131  0.4861  10 ASN A ND2 
47  N N   . ILE A 31  ? 1.3837 0.9928 0.8220 0.0670  0.0724  0.3270  11 ILE A N   
48  C CA  . ILE A 31  ? 1.2729 0.9279 0.8021 0.0465  0.1081  0.2846  11 ILE A CA  
49  C C   . ILE A 31  ? 1.2226 0.8704 0.8535 0.0341  0.1363  0.2908  11 ILE A C   
50  O O   . ILE A 31  ? 1.1188 0.8094 0.8422 0.0233  0.1419  0.2535  11 ILE A O   
51  C CB  . ILE A 31  ? 1.3045 0.9669 0.7810 0.0311  0.1556  0.2667  11 ILE A CB  
52  C CG1 . ILE A 31  ? 1.3382 1.0150 0.7303 0.0430  0.1225  0.2461  11 ILE A CG1 
53  C CG2 . ILE A 31  ? 1.1961 0.9066 0.7783 0.0127  0.1858  0.2249  11 ILE A CG2 
54  C CD1 . ILE A 31  ? 1.4014 1.0752 0.7214 0.0318  0.1696  0.2300  11 ILE A CD1 
55  N N   . ALA A 32  ? 1.2961 0.8872 0.9079 0.0366  0.1498  0.3374  12 ALA A N   
56  C CA  . ALA A 32  ? 1.2611 0.8373 0.9707 0.0251  0.1755  0.3430  12 ALA A CA  
57  C C   . ALA A 32  ? 1.1710 0.7728 0.9730 0.0364  0.1343  0.3209  12 ALA A C   
58  O O   . ALA A 32  ? 1.0953 0.7218 0.9911 0.0227  0.1496  0.2897  12 ALA A O   
59  C CB  . ALA A 32  ? 1.3820 0.8830 1.0471 0.0251  0.2024  0.4023  12 ALA A CB  
60  N N   . GLU A 33  ? 1.1841 0.7809 0.9603 0.0611  0.0827  0.3344  13 GLU A N   
61  C CA  . GLU A 33  ? 1.1057 0.7305 0.9703 0.0727  0.0477  0.3107  13 GLU A CA  
62  C C   . GLU A 33  ? 0.9860 0.6757 0.8999 0.0619  0.0458  0.2559  13 GLU A C   
63  O O   . GLU A 33  ? 0.9216 0.6315 0.9187 0.0555  0.0517  0.2284  13 GLU A O   
64  C CB  . GLU A 33  ? 1.1481 0.7651 0.9833 0.1013  -0.0089 0.3306  13 GLU A CB  
65  C CG  . GLU A 33  ? 1.2563 0.8131 1.0988 0.1189  -0.0216 0.3794  13 GLU A CG  
66  C CD  . GLU A 33  ? 1.2834 0.8511 1.1637 0.1480  -0.0821 0.3816  13 GLU A CD  
67  O OE1 . GLU A 33  ? 1.2235 0.8486 1.1376 0.1506  -0.1072 0.3411  13 GLU A OE1 
68  O OE2 . GLU A 33  ? 1.3564 0.8750 1.2410 0.1682  -0.1036 0.4244  13 GLU A OE2 
69  N N   . ILE A 34  ? 0.9657 0.6838 0.8237 0.0604  0.0377  0.2406  14 ILE A N   
70  C CA  . ILE A 34  ? 0.8641 0.6370 0.7601 0.0511  0.0348  0.1955  14 ILE A CA  
71  C C   . ILE A 34  ? 0.8133 0.5991 0.7681 0.0301  0.0723  0.1736  14 ILE A C   
72  O O   . ILE A 34  ? 0.7515 0.5630 0.7710 0.0260  0.0669  0.1462  14 ILE A O   
73  C CB  . ILE A 34  ? 0.8746 0.6659 0.7022 0.0513  0.0273  0.1845  14 ILE A CB  
74  C CG1 . ILE A 34  ? 0.9260 0.7080 0.6975 0.0718  -0.0179 0.1996  14 ILE A CG1 
75  C CG2 . ILE A 34  ? 0.7816 0.6224 0.6540 0.0426  0.0245  0.1434  14 ILE A CG2 
76  C CD1 . ILE A 34  ? 0.9721 0.7561 0.6569 0.0720  -0.0213 0.1931  14 ILE A CD1 
77  N N   . ALA A 35  ? 0.8474 0.6151 0.7796 0.0164  0.1103  0.1843  15 ALA A N   
78  C CA  . ALA A 35  ? 0.8100 0.5890 0.8085 -0.0043 0.1444  0.1641  15 ALA A CA  
79  C C   . ALA A 35  ? 0.7931 0.5588 0.8662 -0.0073 0.1449  0.1596  15 ALA A C   
80  O O   . ALA A 35  ? 0.7356 0.5308 0.8711 -0.0180 0.1453  0.1244  15 ALA A O   
81  C CB  . ALA A 35  ? 0.8734 0.6271 0.8443 -0.0182 0.1910  0.1832  15 ALA A CB  
82  N N   . GLU A 36  ? 0.8487 0.5680 0.9134 0.0031  0.1425  0.1942  16 GLU A N   
83  C CA  . GLU A 36  ? 0.8400 0.5429 0.9785 0.0046  0.1396  0.1878  16 GLU A CA  
84  C C   . GLU A 36  ? 0.7574 0.5022 0.9364 0.0115  0.1106  0.1486  16 GLU A C   
85  O O   . GLU A 36  ? 0.7238 0.4794 0.9664 0.0016  0.1182  0.1167  16 GLU A O   
86  C CB  . GLU A 36  ? 0.9255 0.5714 1.0443 0.0217  0.1321  0.2353  16 GLU A CB  
87  C CG  . GLU A 36  ? 0.9570 0.5838 1.1587 0.0289  0.1251  0.2277  16 GLU A CG  
88  C CD  . GLU A 36  ? 1.0016 0.6119 1.2797 0.0065  0.1618  0.2095  16 GLU A CD  
89  O OE1 . GLU A 36  ? 1.0390 0.6349 1.3073 -0.0128 0.1964  0.2213  16 GLU A OE1 
90  O OE2 . GLU A 36  ? 0.9924 0.6047 1.3452 0.0074  0.1575  0.1799  16 GLU A OE2 
91  N N   . ARG A 37  ? 0.7310 0.4978 0.8717 0.0271  0.0795  0.1495  17 ARG A N   
92  C CA  . ARG A 37  ? 0.6668 0.4712 0.8417 0.0325  0.0588  0.1166  17 ARG A CA  
93  C C   . ARG A 37  ? 0.6093 0.4536 0.7954 0.0154  0.0671  0.0786  17 ARG A C   
94  O O   . ARG A 37  ? 0.5835 0.4429 0.8117 0.0097  0.0691  0.0480  17 ARG A O   
95  C CB  . ARG A 37  ? 0.6635 0.4825 0.8040 0.0506  0.0252  0.1269  17 ARG A CB  
96  C CG  . ARG A 37  ? 0.7092 0.4986 0.8654 0.0721  0.0040  0.1543  17 ARG A CG  
97  C CD  . ARG A 37  ? 0.7276 0.5255 0.8396 0.0894  -0.0339 0.1704  17 ARG A CD  
98  N NE  . ARG A 37  ? 0.8259 0.5869 0.9459 0.1112  -0.0576 0.2048  17 ARG A NE  
99  C CZ  . ARG A 37  ? 0.8438 0.6170 1.0038 0.1320  -0.0949 0.2052  17 ARG A CZ  
100 N NH1 . ARG A 37  ? 0.7776 0.5998 0.9728 0.1317  -0.1088 0.1726  17 ARG A NH1 
101 N NH2 . ARG A 37  ? 0.9096 0.6438 1.0793 0.1536  -0.1190 0.2409  17 ARG A NH2 
102 N N   . ILE A 38  ? 0.5971 0.4560 0.7436 0.0084  0.0715  0.0805  18 ILE A N   
103 C CA  . ILE A 38  ? 0.5513 0.4460 0.7087 -0.0044 0.0733  0.0501  18 ILE A CA  
104 C C   . ILE A 38  ? 0.5498 0.4438 0.7610 -0.0203 0.0903  0.0279  18 ILE A C   
105 O O   . ILE A 38  ? 0.5196 0.4389 0.7513 -0.0263 0.0805  -0.0032 18 ILE A O   
106 C CB  . ILE A 38  ? 0.5530 0.4590 0.6695 -0.0067 0.0774  0.0565  18 ILE A CB  
107 C CG1 . ILE A 38  ? 0.5517 0.4663 0.6222 0.0076  0.0527  0.0645  18 ILE A CG1 
108 C CG2 . ILE A 38  ? 0.5133 0.4512 0.6575 -0.0191 0.0804  0.0285  18 ILE A CG2 
109 C CD1 . ILE A 38  ? 0.5725 0.4904 0.5949 0.0081  0.0571  0.0697  18 ILE A CD1 
110 N N   . GLY A 39  ? 0.5900 0.4524 0.8221 -0.0275 0.1147  0.0441  19 GLY A N   
111 C CA  . GLY A 39  ? 0.5934 0.4508 0.8901 -0.0444 0.1316  0.0221  19 GLY A CA  
112 C C   . GLY A 39  ? 0.5930 0.4473 0.9289 -0.0434 0.1219  -0.0045 19 GLY A C   
113 O O   . GLY A 39  ? 0.5891 0.4496 0.9745 -0.0576 0.1263  -0.0367 19 GLY A O   
114 N N   . ASN A 40  ? 0.5992 0.4454 0.9175 -0.0265 0.1089  0.0046  20 ASN A N   
115 C CA  . ASN A 40  ? 0.6045 0.4487 0.9607 -0.0242 0.1058  -0.0244 20 ASN A CA  
116 C C   . ASN A 40  ? 0.5742 0.4565 0.9041 -0.0221 0.0892  -0.0526 20 ASN A C   
117 O O   . ASN A 40  ? 0.5835 0.4657 0.9296 -0.0162 0.0898  -0.0721 20 ASN A O   
118 C CB  . ASN A 40  ? 0.6324 0.4413 1.0084 -0.0070 0.1069  0.0000  20 ASN A CB  
119 C CG  . ASN A 40  ? 0.6929 0.4529 1.1111 -0.0115 0.1275  0.0204  20 ASN A CG  
120 O OD1 . ASN A 40  ? 0.6862 0.4371 1.1556 -0.0279 0.1434  -0.0064 20 ASN A OD1 
121 N ND2 . ASN A 40  ? 0.7411 0.4664 1.1376 0.0028  0.1255  0.0685  20 ASN A ND2 
122 N N   . ASP A 41  ? 0.5551 0.4669 0.8471 -0.0269 0.0781  -0.0543 21 ASP A N   
123 C CA  . ASP A 41  ? 0.5448 0.4864 0.8015 -0.0244 0.0631  -0.0692 21 ASP A CA  
124 C C   . ASP A 41  ? 0.5346 0.5010 0.7733 -0.0346 0.0513  -0.0808 21 ASP A C   
125 O O   . ASP A 41  ? 0.5253 0.5005 0.7471 -0.0328 0.0470  -0.0619 21 ASP A O   
126 C CB  . ASP A 41  ? 0.5403 0.4852 0.7699 -0.0095 0.0549  -0.0423 21 ASP A CB  
127 C CG  . ASP A 41  ? 0.5504 0.5232 0.7460 -0.0089 0.0432  -0.0502 21 ASP A CG  
128 O OD1 . ASP A 41  ? 0.5943 0.5792 0.7786 -0.0164 0.0433  -0.0747 21 ASP A OD1 
129 O OD2 . ASP A 41  ? 0.5671 0.5463 0.7438 -0.0010 0.0336  -0.0305 21 ASP A OD2 
130 N N   . ASP A 42  ? 0.5518 0.5290 0.7950 -0.0440 0.0441  -0.1142 22 ASP A N   
131 C CA  . ASP A 42  ? 0.5570 0.5571 0.7973 -0.0528 0.0258  -0.1291 22 ASP A CA  
132 C C   . ASP A 42  ? 0.5388 0.5577 0.7402 -0.0459 0.0105  -0.1106 22 ASP A C   
133 O O   . ASP A 42  ? 0.5334 0.5660 0.7510 -0.0483 0.0024  -0.1073 22 ASP A O   
134 C CB  . ASP A 42  ? 0.5881 0.5955 0.8161 -0.0602 0.0118  -0.1675 22 ASP A CB  
135 C CG  . ASP A 42  ? 0.6266 0.6222 0.9103 -0.0720 0.0187  -0.1981 22 ASP A CG  
136 O OD1 . ASP A 42  ? 0.6401 0.6179 0.9762 -0.0751 0.0384  -0.1849 22 ASP A OD1 
137 O OD2 . ASP A 42  ? 0.6752 0.6764 0.9478 -0.0792 0.0044  -0.2362 22 ASP A OD2 
138 N N   . CYS A 43  ? 0.5443 0.5635 0.7044 -0.0381 0.0087  -0.1009 23 CYS A N   
139 C CA  . CYS A 43  ? 0.5277 0.5604 0.6549 -0.0329 -0.0057 -0.0854 23 CYS A CA  
140 C C   . CYS A 43  ? 0.4988 0.5306 0.6369 -0.0269 -0.0009 -0.0620 23 CYS A C   
141 O O   . CYS A 43  ? 0.4940 0.5375 0.6372 -0.0266 -0.0106 -0.0592 23 CYS A O   
142 C CB  . CYS A 43  ? 0.5398 0.5708 0.6287 -0.0291 -0.0026 -0.0814 23 CYS A CB  
143 S SG  . CYS A 43  ? 0.5532 0.5929 0.6088 -0.0244 -0.0178 -0.0598 23 CYS A SG  
144 N N   . ALA A 44  ? 0.4843 0.5014 0.6255 -0.0210 0.0127  -0.0472 24 ALA A N   
145 C CA  . ALA A 44  ? 0.4633 0.4750 0.5987 -0.0150 0.0166  -0.0266 24 ALA A CA  
146 C C   . ALA A 44  ? 0.4641 0.4780 0.6208 -0.0219 0.0256  -0.0292 24 ALA A C   
147 O O   . ALA A 44  ? 0.4563 0.4793 0.6065 -0.0199 0.0244  -0.0250 24 ALA A O   
148 C CB  . ALA A 44  ? 0.4696 0.4601 0.6060 -0.0077 0.0252  -0.0109 24 ALA A CB  
149 N N   . TYR A 45  ? 0.4750 0.4809 0.6658 -0.0307 0.0371  -0.0394 25 TYR A N   
150 C CA  . TYR A 45  ? 0.4774 0.4846 0.7057 -0.0404 0.0530  -0.0428 25 TYR A CA  
151 C C   . TYR A 45  ? 0.4626 0.4995 0.7116 -0.0432 0.0387  -0.0589 25 TYR A C   
152 O O   . TYR A 45  ? 0.4606 0.5043 0.7233 -0.0438 0.0518  -0.0542 25 TYR A O   
153 C CB  . TYR A 45  ? 0.4886 0.4826 0.7632 -0.0518 0.0650  -0.0565 25 TYR A CB  
154 C CG  . TYR A 45  ? 0.4894 0.4887 0.8189 -0.0651 0.0837  -0.0634 25 TYR A CG  
155 C CD1 . TYR A 45  ? 0.5033 0.4834 0.8313 -0.0675 0.1164  -0.0387 25 TYR A CD1 
156 C CD2 . TYR A 45  ? 0.4735 0.4984 0.8567 -0.0758 0.0690  -0.0954 25 TYR A CD2 
157 C CE1 . TYR A 45  ? 0.5262 0.5125 0.9127 -0.0820 0.1424  -0.0456 25 TYR A CE1 
158 C CE2 . TYR A 45  ? 0.4832 0.5189 0.9353 -0.0890 0.0870  -0.1051 25 TYR A CE2 
159 C CZ  . TYR A 45  ? 0.5104 0.5272 0.9681 -0.0930 0.1280  -0.0801 25 TYR A CZ  
160 O OH  . TYR A 45  ? 0.5214 0.5493 1.0548 -0.1085 0.1548  -0.0901 25 TYR A OH  
161 N N   . GLN A 46  ? 0.4599 0.5129 0.7097 -0.0440 0.0120  -0.0778 26 GLN A N   
162 C CA  . GLN A 46  ? 0.4589 0.5381 0.7288 -0.0432 -0.0117 -0.0904 26 GLN A CA  
163 C C   . GLN A 46  ? 0.4498 0.5347 0.6924 -0.0319 -0.0202 -0.0754 26 GLN A C   
164 O O   . GLN A 46  ? 0.4519 0.5548 0.7289 -0.0294 -0.0284 -0.0811 26 GLN A O   
165 C CB  . GLN A 46  ? 0.4766 0.5640 0.7324 -0.0452 -0.0422 -0.1095 26 GLN A CB  
166 C CG  . GLN A 46  ? 0.5076 0.6015 0.8112 -0.0573 -0.0477 -0.1381 26 GLN A CG  
167 C CD  . GLN A 46  ? 0.5835 0.6746 0.8437 -0.0585 -0.0715 -0.1569 26 GLN A CD  
168 O OE1 . GLN A 46  ? 0.6280 0.7360 0.8938 -0.0606 -0.1059 -0.1784 26 GLN A OE1 
169 N NE2 . GLN A 46  ? 0.5878 0.6581 0.8016 -0.0562 -0.0546 -0.1499 26 GLN A NE2 
170 N N   . VAL A 47  ? 0.4516 0.5223 0.6438 -0.0251 -0.0192 -0.0593 27 VAL A N   
171 C CA  . VAL A 47  ? 0.4477 0.5196 0.6196 -0.0160 -0.0253 -0.0474 27 VAL A CA  
172 C C   . VAL A 47  ? 0.4519 0.5235 0.6403 -0.0146 -0.0039 -0.0448 27 VAL A C   
173 O O   . VAL A 47  ? 0.4552 0.5362 0.6579 -0.0093 -0.0078 -0.0482 27 VAL A O   
174 C CB  . VAL A 47  ? 0.4513 0.5097 0.5799 -0.0114 -0.0257 -0.0340 27 VAL A CB  
175 C CG1 . VAL A 47  ? 0.4423 0.4988 0.5600 -0.0041 -0.0273 -0.0251 27 VAL A CG1 
176 C CG2 . VAL A 47  ? 0.4623 0.5212 0.5686 -0.0130 -0.0411 -0.0358 27 VAL A CG2 
177 N N   . LEU A 48  ? 0.4683 0.5257 0.6529 -0.0191 0.0208  -0.0388 28 LEU A N   
178 C CA  . LEU A 48  ? 0.4893 0.5396 0.6707 -0.0193 0.0483  -0.0332 28 LEU A CA  
179 C C   . LEU A 48  ? 0.4841 0.5535 0.7254 -0.0259 0.0630  -0.0490 28 LEU A C   
180 O O   . LEU A 48  ? 0.5005 0.5767 0.7493 -0.0227 0.0773  -0.0543 28 LEU A O   
181 C CB  . LEU A 48  ? 0.5212 0.5444 0.6786 -0.0226 0.0700  -0.0163 28 LEU A CB  
182 C CG  . LEU A 48  ? 0.5755 0.5798 0.6998 -0.0225 0.1002  -0.0024 28 LEU A CG  
183 C CD1 . LEU A 48  ? 0.5785 0.5680 0.6353 -0.0101 0.0854  0.0109  28 LEU A CD1 
184 C CD2 . LEU A 48  ? 0.5852 0.5647 0.7203 -0.0320 0.1287  0.0124  28 LEU A CD2 
185 N N   . MET A 49  ? 0.4724 0.5523 0.7633 -0.0352 0.0590  -0.0609 29 MET A N   
186 C CA  . MET A 49  ? 0.4670 0.5682 0.8345 -0.0439 0.0733  -0.0786 29 MET A CA  
187 C C   . MET A 49  ? 0.4445 0.5757 0.8540 -0.0359 0.0436  -0.0951 29 MET A C   
188 O O   . MET A 49  ? 0.4491 0.6022 0.9271 -0.0379 0.0568  -0.1100 29 MET A O   
189 C CB  . MET A 49  ? 0.4720 0.5732 0.8851 -0.0576 0.0745  -0.0895 29 MET A CB  
190 C CG  . MET A 49  ? 0.5007 0.5682 0.8955 -0.0666 0.1116  -0.0715 29 MET A CG  
191 S SD  . MET A 49  ? 0.5670 0.6172 0.9388 -0.0682 0.1644  -0.0514 29 MET A SD  
192 C CE  . MET A 49  ? 0.5961 0.6036 0.9638 -0.0815 0.2031  -0.0278 29 MET A CE  
193 N N   . ALA A 50  ? 0.4295 0.5603 0.8022 -0.0264 0.0054  -0.0908 30 ALA A N   
194 C CA  . ALA A 50  ? 0.4168 0.5674 0.8205 -0.0159 -0.0272 -0.0986 30 ALA A CA  
195 C C   . ALA A 50  ? 0.4175 0.5749 0.8500 -0.0086 -0.0064 -0.1024 30 ALA A C   
196 O O   . ALA A 50  ? 0.4207 0.6019 0.9244 -0.0027 -0.0188 -0.1172 30 ALA A O   
197 C CB  . ALA A 50  ? 0.4166 0.5541 0.7585 -0.0076 -0.0601 -0.0843 30 ALA A CB  
198 N N   . PHE A 51  ? 0.4208 0.5575 0.8009 -0.0081 0.0238  -0.0923 31 PHE A N   
199 C CA  . PHE A 51  ? 0.4318 0.5712 0.8269 -0.0018 0.0473  -0.1014 31 PHE A CA  
200 C C   . PHE A 51  ? 0.4480 0.6043 0.9085 -0.0096 0.0883  -0.1184 31 PHE A C   
201 O O   . PHE A 51  ? 0.4697 0.6345 0.9604 -0.0038 0.1093  -0.1337 31 PHE A O   
202 C CB  . PHE A 51  ? 0.4509 0.5634 0.7638 0.0010  0.0625  -0.0900 31 PHE A CB  
203 C CG  . PHE A 51  ? 0.4346 0.5349 0.7038 0.0085  0.0276  -0.0781 31 PHE A CG  
204 C CD1 . PHE A 51  ? 0.4227 0.5220 0.7016 0.0187  0.0133  -0.0846 31 PHE A CD1 
205 C CD2 . PHE A 51  ? 0.4056 0.4941 0.6324 0.0046  0.0133  -0.0617 31 PHE A CD2 
206 C CE1 . PHE A 51  ? 0.4295 0.5155 0.6762 0.0226  -0.0133 -0.0720 31 PHE A CE1 
207 C CE2 . PHE A 51  ? 0.3915 0.4705 0.5867 0.0091  -0.0109 -0.0516 31 PHE A CE2 
208 C CZ  . PHE A 51  ? 0.4084 0.4854 0.6127 0.0171  -0.0238 -0.0550 31 PHE A CZ  
209 N N   . ILE A 52  ? 0.4471 0.6074 0.9355 -0.0236 0.1037  -0.1183 32 ILE A N   
210 C CA  . ILE A 52  ? 0.4625 0.6412 1.0311 -0.0346 0.1461  -0.1348 32 ILE A CA  
211 C C   . ILE A 52  ? 0.4425 0.6614 1.1255 -0.0339 0.1158  -0.1581 32 ILE A C   
212 O O   . ILE A 52  ? 0.4268 0.6521 1.1219 -0.0371 0.0769  -0.1589 32 ILE A O   
213 C CB  . ILE A 52  ? 0.4842 0.6418 1.0349 -0.0528 0.1858  -0.1214 32 ILE A CB  
214 C CG1 . ILE A 52  ? 0.5185 0.6348 0.9556 -0.0512 0.2128  -0.0957 32 ILE A CG1 
215 C CG2 . ILE A 52  ? 0.4990 0.6774 1.1475 -0.0673 0.2336  -0.1390 32 ILE A CG2 
216 C CD1 . ILE A 52  ? 0.5589 0.6705 0.9666 -0.0467 0.2525  -0.1024 32 ILE A CD1 
217 N N   . ASN A 53  ? 0.4455 0.6918 1.2135 -0.0290 0.1332  -0.1799 33 ASN A N   
218 C CA  . ASN A 53  ? 0.4333 0.7211 1.3194 -0.0223 0.0946  -0.2029 33 ASN A CA  
219 C C   . ASN A 53  ? 0.4414 0.7594 1.4403 -0.0400 0.1143  -0.2239 33 ASN A C   
220 O O   . ASN A 53  ? 0.4600 0.7618 1.4423 -0.0593 0.1621  -0.2173 33 ASN A O   
221 C CB  . ASN A 53  ? 0.4328 0.7371 1.3720 -0.0036 0.0921  -0.2178 33 ASN A CB  
222 C CG  . ASN A 53  ? 0.4577 0.7780 1.4677 -0.0101 0.1625  -0.2408 33 ASN A CG  
223 O OD1 . ASN A 53  ? 0.4801 0.7985 1.4990 -0.0299 0.2158  -0.2422 33 ASN A OD1 
224 N ND2 . ASN A 53  ? 0.4499 0.7831 1.5116 0.0066  0.1662  -0.2590 33 ASN A ND2 
225 N N   . GLU A 54  ? 0.4348 0.7957 1.5536 -0.0329 0.0751  -0.2486 34 GLU A N   
226 C CA  . GLU A 54  ? 0.4437 0.8416 1.6929 -0.0491 0.0814  -0.2751 34 GLU A CA  
227 C C   . GLU A 54  ? 0.4663 0.8693 1.7768 -0.0684 0.1702  -0.2851 34 GLU A C   
228 O O   . GLU A 54  ? 0.4786 0.8876 1.8470 -0.0913 0.1972  -0.2933 34 GLU A O   
229 C CB  . GLU A 54  ? 0.4373 0.8836 1.8125 -0.0326 0.0208  -0.3009 34 GLU A CB  
230 C CG  . GLU A 54  ? 0.4490 0.9313 1.9292 -0.0444 -0.0204 -0.3269 34 GLU A CG  
231 C CD  . GLU A 54  ? 0.4751 1.0166 2.1326 -0.0334 -0.0493 -0.3610 34 GLU A CD  
232 O OE1 . GLU A 54  ? 0.4841 1.0593 2.2266 -0.0356 -0.1088 -0.3842 34 GLU A OE1 
233 O OE2 . GLU A 54  ? 0.4866 1.0422 2.2042 -0.0220 -0.0142 -0.3679 34 GLU A OE2 
234 N N   . ASN A 55  ? 0.4844 0.8815 1.7796 -0.0604 0.2180  -0.2855 35 ASN A N   
235 C CA  . ASN A 55  ? 0.5221 0.9200 1.8584 -0.0779 0.3104  -0.2942 35 ASN A CA  
236 C C   . ASN A 55  ? 0.5656 0.9066 1.7503 -0.0895 0.3684  -0.2617 35 ASN A C   
237 O O   . ASN A 55  ? 0.6145 0.9460 1.7980 -0.1016 0.4478  -0.2635 35 ASN A O   
238 C CB  . ASN A 55  ? 0.5287 0.9572 1.9515 -0.0635 0.3368  -0.3224 35 ASN A CB  
239 C CG  . ASN A 55  ? 0.5063 0.9981 2.1252 -0.0592 0.3067  -0.3591 35 ASN A CG  
240 O OD1 . ASN A 55  ? 0.4795 0.9939 2.1477 -0.0346 0.2419  -0.3696 35 ASN A OD1 
241 N ND2 . ASN A 55  ? 0.5118 1.0312 2.2489 -0.0833 0.3518  -0.3776 35 ASN A ND2 
242 N N   . GLY A 56  ? 0.5519 0.8550 1.6098 -0.0854 0.3289  -0.2321 36 GLY A N   
243 C CA  . GLY A 56  ? 0.5966 0.8458 1.5130 -0.0927 0.3691  -0.1987 36 GLY A CA  
244 C C   . GLY A 56  ? 0.6191 0.8436 1.4220 -0.0758 0.3735  -0.1899 36 GLY A C   
245 O O   . GLY A 56  ? 0.6552 0.8358 1.3337 -0.0782 0.3960  -0.1630 36 GLY A O   
246 N N   . GLU A 57  ? 0.6026 0.8543 1.4536 -0.0578 0.3479  -0.2135 37 GLU A N   
247 C CA  . GLU A 57  ? 0.6287 0.8610 1.3959 -0.0422 0.3522  -0.2151 37 GLU A CA  
248 C C   . GLU A 57  ? 0.5932 0.8043 1.2717 -0.0282 0.2863  -0.1949 37 GLU A C   
249 O O   . GLU A 57  ? 0.5482 0.7748 1.2664 -0.0220 0.2283  -0.1923 37 GLU A O   
250 C CB  . GLU A 57  ? 0.6251 0.8936 1.5006 -0.0288 0.3577  -0.2519 37 GLU A CB  
251 C CG  . GLU A 57  ? 0.6960 0.9877 1.6634 -0.0416 0.4357  -0.2783 37 GLU A CG  
252 C CD  . GLU A 57  ? 0.8146 1.0686 1.6677 -0.0514 0.5118  -0.2726 37 GLU A CD  
253 O OE1 . GLU A 57  ? 0.8600 1.0823 1.5929 -0.0399 0.4994  -0.2663 37 GLU A OE1 
254 O OE2 . GLU A 57  ? 0.8708 1.1259 1.7531 -0.0713 0.5838  -0.2749 37 GLU A OE2 
255 N N   . ALA A 58  ? 0.6243 0.7998 1.1822 -0.0238 0.2961  -0.1819 38 ALA A N   
256 C CA  . ALA A 58  ? 0.5985 0.7556 1.0824 -0.0111 0.2409  -0.1670 38 ALA A CA  
257 C C   . ALA A 58  ? 0.5741 0.7502 1.1193 0.0061  0.2054  -0.1868 38 ALA A C   
258 O O   . ALA A 58  ? 0.5898 0.7809 1.1940 0.0119  0.2333  -0.2146 38 ALA A O   
259 C CB  . ALA A 58  ? 0.6426 0.7622 1.0001 -0.0105 0.2584  -0.1544 38 ALA A CB  
260 N N   . GLN A 59  ? 0.5404 0.7132 1.0740 0.0144  0.1471  -0.1718 39 GLN A N   
261 C CA  . GLN A 59  ? 0.5244 0.7076 1.1143 0.0311  0.1081  -0.1815 39 GLN A CA  
262 C C   . GLN A 59  ? 0.5232 0.6790 1.0369 0.0379  0.0709  -0.1626 39 GLN A C   
263 O O   . GLN A 59  ? 0.5256 0.6624 0.9575 0.0303  0.0666  -0.1425 39 GLN A O   
264 C CB  . GLN A 59  ? 0.4928 0.7054 1.1758 0.0346  0.0692  -0.1819 39 GLN A CB  
265 C CG  . GLN A 59  ? 0.4704 0.6752 1.1038 0.0275  0.0315  -0.1573 39 GLN A CG  
266 C CD  . GLN A 59  ? 0.4605 0.6941 1.1744 0.0294  -0.0088 -0.1625 39 GLN A CD  
267 O OE1 . GLN A 59  ? 0.4500 0.7033 1.2456 0.0436  -0.0360 -0.1737 39 GLN A OE1 
268 N NE2 . GLN A 59  ? 0.4331 0.6677 1.1254 0.0163  -0.0168 -0.1560 39 GLN A NE2 
269 N N   . MET A 60  ? 0.5257 0.6796 1.0788 0.0524  0.0454  -0.1693 40 MET A N   
270 C CA  . MET A 60  ? 0.5359 0.6645 1.0419 0.0583  0.0106  -0.1520 40 MET A CA  
271 C C   . MET A 60  ? 0.4991 0.6286 1.0116 0.0607  -0.0371 -0.1256 40 MET A C   
272 O O   . MET A 60  ? 0.4973 0.6480 1.0781 0.0662  -0.0568 -0.1280 40 MET A O   
273 C CB  . MET A 60  ? 0.5524 0.6734 1.1070 0.0720  0.0110  -0.1729 40 MET A CB  
274 C CG  . MET A 60  ? 0.5704 0.6701 1.1362 0.0825  -0.0320 -0.1550 40 MET A CG  
275 S SD  . MET A 60  ? 0.6386 0.7358 1.3063 0.1012  -0.0275 -0.1863 40 MET A SD  
276 C CE  . MET A 60  ? 0.7002 0.7929 1.3191 0.0933  0.0298  -0.2271 40 MET A CE  
277 N N   . LEU A 61  ? 0.4804 0.5878 0.9222 0.0565  -0.0555 -0.1022 41 LEU A N   
278 C CA  . LEU A 61  ? 0.4682 0.5704 0.8969 0.0577  -0.0951 -0.0767 41 LEU A CA  
279 C C   . LEU A 61  ? 0.4768 0.5491 0.8540 0.0575  -0.1083 -0.0556 41 LEU A C   
280 O O   . LEU A 61  ? 0.4750 0.5361 0.8077 0.0504  -0.0898 -0.0576 41 LEU A O   
281 C CB  . LEU A 61  ? 0.4521 0.5654 0.8473 0.0458  -0.0939 -0.0708 41 LEU A CB  
282 C CG  . LEU A 61  ? 0.4289 0.5712 0.8789 0.0410  -0.0830 -0.0888 41 LEU A CG  
283 C CD1 . LEU A 61  ? 0.4047 0.5470 0.8118 0.0263  -0.0704 -0.0849 41 LEU A CD1 
284 C CD2 . LEU A 61  ? 0.4199 0.5806 0.9357 0.0507  -0.1229 -0.0913 41 LEU A CD2 
285 N N   . ASN A 62  ? 0.4933 0.5515 0.8784 0.0649  -0.1411 -0.0341 42 ASN A N   
286 C CA  . ASN A 62  ? 0.5074 0.5369 0.8401 0.0599  -0.1490 -0.0086 42 ASN A CA  
287 C C   . ASN A 62  ? 0.5071 0.5386 0.7738 0.0483  -0.1499 0.0060  42 ASN A C   
288 O O   . ASN A 62  ? 0.4991 0.5505 0.7659 0.0463  -0.1547 -0.0016 42 ASN A O   
289 C CB  . ASN A 62  ? 0.5454 0.5495 0.9048 0.0716  -0.1779 0.0139  42 ASN A CB  
290 C CG  . ASN A 62  ? 0.5813 0.5897 0.9439 0.0803  -0.2150 0.0316  42 ASN A CG  
291 O OD1 . ASN A 62  ? 0.6290 0.6439 0.9375 0.0724  -0.2226 0.0403  42 ASN A OD1 
292 N ND2 . ASN A 62  ? 0.5836 0.5870 1.0111 0.0977  -0.2416 0.0354  42 ASN A ND2 
293 N N   . LYS A 63  ? 0.5187 0.5306 0.7381 0.0398  -0.1423 0.0225  43 LYS A N   
294 C CA  . LYS A 63  ? 0.5212 0.5333 0.6820 0.0291  -0.1375 0.0331  43 LYS A CA  
295 C C   . LYS A 63  ? 0.5560 0.5690 0.6912 0.0314  -0.1631 0.0443  43 LYS A C   
296 O O   . LYS A 63  ? 0.5558 0.5812 0.6624 0.0244  -0.1595 0.0353  43 LYS A O   
297 C CB  . LYS A 63  ? 0.5352 0.5255 0.6651 0.0208  -0.1249 0.0508  43 LYS A CB  
298 C CG  . LYS A 63  ? 0.4987 0.4975 0.6264 0.0129  -0.1010 0.0366  43 LYS A CG  
299 C CD  . LYS A 63  ? 0.4997 0.4803 0.6295 0.0059  -0.0918 0.0494  43 LYS A CD  
300 C CE  . LYS A 63  ? 0.4896 0.4822 0.6197 -0.0010 -0.0753 0.0368  43 LYS A CE  
301 N NZ  . LYS A 63  ? 0.4989 0.4789 0.6485 -0.0098 -0.0657 0.0453  43 LYS A NZ  
302 N N   . THR A 64  ? 0.5913 0.5888 0.7364 0.0416  -0.1918 0.0629  44 THR A N   
303 C CA  . THR A 64  ? 0.6424 0.6368 0.7533 0.0461  -0.2261 0.0760  44 THR A CA  
304 C C   . THR A 64  ? 0.6223 0.6516 0.7765 0.0501  -0.2436 0.0484  44 THR A C   
305 O O   . THR A 64  ? 0.6506 0.6884 0.7672 0.0452  -0.2584 0.0420  44 THR A O   
306 C CB  . THR A 64  ? 0.7008 0.6648 0.8146 0.0594  -0.2579 0.1083  44 THR A CB  
307 O OG1 . THR A 64  ? 0.7451 0.6726 0.8007 0.0507  -0.2401 0.1387  44 THR A OG1 
308 C CG2 . THR A 64  ? 0.7565 0.7220 0.8469 0.0695  -0.3066 0.1182  44 THR A CG2 
309 N N   . ALA A 65  ? 0.5785 0.6275 0.8148 0.0576  -0.2389 0.0291  45 ALA A N   
310 C CA  . ALA A 65  ? 0.5518 0.6364 0.8491 0.0588  -0.2449 0.0006  45 ALA A CA  
311 C C   . ALA A 65  ? 0.5329 0.6301 0.7974 0.0425  -0.2210 -0.0158 45 ALA A C   
312 O O   . ALA A 65  ? 0.5507 0.6648 0.8207 0.0390  -0.2407 -0.0293 45 ALA A O   
313 C CB  . ALA A 65  ? 0.5102 0.6104 0.8911 0.0651  -0.2229 -0.0193 45 ALA A CB  
314 N N   . VAL A 66  ? 0.5009 0.5884 0.7351 0.0334  -0.1825 -0.0155 46 VAL A N   
315 C CA  . VAL A 66  ? 0.4827 0.5767 0.6935 0.0205  -0.1584 -0.0280 46 VAL A CA  
316 C C   . VAL A 66  ? 0.5215 0.6084 0.6747 0.0145  -0.1754 -0.0247 46 VAL A C   
317 O O   . VAL A 66  ? 0.5268 0.6281 0.6918 0.0079  -0.1801 -0.0442 46 VAL A O   
318 C CB  . VAL A 66  ? 0.4572 0.5391 0.6425 0.0153  -0.1229 -0.0239 46 VAL A CB  
319 C CG1 . VAL A 66  ? 0.4273 0.5138 0.6024 0.0052  -0.1006 -0.0349 46 VAL A CG1 
320 C CG2 . VAL A 66  ? 0.4407 0.5252 0.6658 0.0215  -0.1078 -0.0304 46 VAL A CG2 
321 N N   . ALA A 67  ? 0.5573 0.6207 0.6497 0.0154  -0.1821 -0.0022 47 ALA A N   
322 C CA  . ALA A 67  ? 0.6100 0.6624 0.6322 0.0090  -0.1912 0.0002  47 ALA A CA  
323 C C   . ALA A 67  ? 0.6593 0.7219 0.6796 0.0135  -0.2355 -0.0094 47 ALA A C   
324 O O   . ALA A 67  ? 0.6942 0.7582 0.6732 0.0062  -0.2428 -0.0252 47 ALA A O   
325 C CB  . ALA A 67  ? 0.6511 0.6743 0.6118 0.0084  -0.1840 0.0292  47 ALA A CB  
326 N N   . GLU A 68  ? 0.6700 0.7404 0.7397 0.0265  -0.2676 -0.0028 48 GLU A N   
327 C CA  . GLU A 68  ? 0.7159 0.8002 0.7997 0.0340  -0.3196 -0.0123 48 GLU A CA  
328 C C   . GLU A 68  ? 0.6812 0.8017 0.8401 0.0268  -0.3186 -0.0514 48 GLU A C   
329 O O   . GLU A 68  ? 0.7132 0.8457 0.8636 0.0236  -0.3512 -0.0720 48 GLU A O   
330 C CB  . GLU A 68  ? 0.7297 0.8121 0.8625 0.0526  -0.3544 0.0070  48 GLU A CB  
331 C CG  . GLU A 68  ? 0.8010 0.8428 0.8583 0.0613  -0.3743 0.0491  48 GLU A CG  
332 C CD  . GLU A 68  ? 0.8205 0.8570 0.9434 0.0822  -0.4090 0.0683  48 GLU A CD  
333 O OE1 . GLU A 68  ? 0.8858 0.8831 0.9626 0.0893  -0.4172 0.1071  48 GLU A OE1 
334 O OE2 . GLU A 68  ? 0.7956 0.8655 1.0230 0.0915  -0.4255 0.0450  48 GLU A OE2 
335 N N   . MET A 69  ? 0.6184 0.7531 0.8477 0.0235  -0.2801 -0.0616 49 MET A N   
336 C CA  . MET A 69  ? 0.5933 0.7574 0.9032 0.0146  -0.2654 -0.0932 49 MET A CA  
337 C C   . MET A 69  ? 0.5899 0.7509 0.8686 -0.0019 -0.2466 -0.1120 49 MET A C   
338 O O   . MET A 69  ? 0.5936 0.7754 0.9247 -0.0099 -0.2574 -0.1405 49 MET A O   
339 C CB  . MET A 69  ? 0.5386 0.7085 0.9049 0.0144  -0.2205 -0.0929 49 MET A CB  
340 C CG  . MET A 69  ? 0.5460 0.7313 0.9887 0.0290  -0.2340 -0.0925 49 MET A CG  
341 S SD  . MET A 69  ? 0.5214 0.7080 1.0063 0.0276  -0.1745 -0.0972 49 MET A SD  
342 C CE  . MET A 69  ? 0.4920 0.7034 1.0413 0.0103  -0.1403 -0.1247 49 MET A CE  
343 N N   . ILE A 70  ? 0.5886 0.7241 0.7941 -0.0070 -0.2176 -0.0987 50 ILE A N   
344 C CA  . ILE A 70  ? 0.5936 0.7228 0.7759 -0.0204 -0.1984 -0.1173 50 ILE A CA  
345 C C   . ILE A 70  ? 0.6521 0.7647 0.7443 -0.0216 -0.2187 -0.1181 50 ILE A C   
346 O O   . ILE A 70  ? 0.6780 0.7746 0.7097 -0.0139 -0.2296 -0.0927 50 ILE A O   
347 C CB  . ILE A 70  ? 0.5489 0.6643 0.7308 -0.0253 -0.1480 -0.1079 50 ILE A CB  
348 C CG1 . ILE A 70  ? 0.5441 0.6384 0.6605 -0.0200 -0.1354 -0.0820 50 ILE A CG1 
349 C CG2 . ILE A 70  ? 0.5098 0.6379 0.7635 -0.0246 -0.1266 -0.1065 50 ILE A CG2 
350 C CD1 . ILE A 70  ? 0.5179 0.6032 0.6441 -0.0203 -0.0982 -0.0704 50 ILE A CD1 
351 N N   . GLN A 71  ? 0.6824 0.7962 0.7640 -0.0318 -0.2220 -0.1482 51 GLN A N   
352 C CA  . GLN A 71  ? 0.7620 0.8589 0.7466 -0.0330 -0.2395 -0.1531 51 GLN A CA  
353 C C   . GLN A 71  ? 0.7724 0.8456 0.6941 -0.0383 -0.1973 -0.1476 51 GLN A C   
354 O O   . GLN A 71  ? 0.8052 0.8715 0.6999 -0.0471 -0.1858 -0.1762 51 GLN A O   
355 C CB  . GLN A 71  ? 0.8233 0.9330 0.8059 -0.0378 -0.2832 -0.1905 51 GLN A CB  
356 C CG  . GLN A 71  ? 0.8895 1.0055 0.8454 -0.0251 -0.3436 -0.1775 51 GLN A CG  
357 C CD  . GLN A 71  ? 0.9099 1.0064 0.8210 -0.0118 -0.3412 -0.1269 51 GLN A CD  
358 O OE1 . GLN A 71  ? 0.8546 0.9352 0.7526 -0.0132 -0.2946 -0.1039 51 GLN A OE1 
359 N NE2 . GLN A 71  ? 0.9527 1.0495 0.8472 0.0017  -0.3952 -0.1107 51 GLN A NE2 
360 N N   . LEU A 72  ? 0.7444 0.8064 0.6518 -0.0325 -0.1742 -0.1133 52 LEU A N   
361 C CA  . LEU A 72  ? 0.7467 0.7900 0.6074 -0.0359 -0.1351 -0.1029 52 LEU A CA  
362 C C   . LEU A 72  ? 0.7714 0.7991 0.5785 -0.0302 -0.1390 -0.0662 52 LEU A C   
363 O O   . LEU A 72  ? 0.7619 0.7925 0.5870 -0.0215 -0.1669 -0.0465 52 LEU A O   
364 C CB  . LEU A 72  ? 0.6766 0.7234 0.6007 -0.0365 -0.0995 -0.1003 52 LEU A CB  
365 C CG  . LEU A 72  ? 0.6567 0.7132 0.6435 -0.0419 -0.0952 -0.1276 52 LEU A CG  
366 C CD1 . LEU A 72  ? 0.5972 0.6565 0.6440 -0.0388 -0.0745 -0.1126 52 LEU A CD1 
367 C CD2 . LEU A 72  ? 0.6941 0.7400 0.6638 -0.0495 -0.0760 -0.1567 52 LEU A CD2 
368 N N   . SER A 73  ? 0.8033 0.8129 0.5519 -0.0354 -0.1084 -0.0583 53 SER A N   
369 C CA  . SER A 73  ? 0.8453 0.8337 0.5387 -0.0337 -0.1040 -0.0227 53 SER A CA  
370 C C   . SER A 73  ? 0.7818 0.7721 0.5354 -0.0284 -0.0956 0.0036  53 SER A C   
371 O O   . SER A 73  ? 0.7128 0.7181 0.5329 -0.0277 -0.0798 -0.0062 53 SER A O   
372 C CB  . SER A 73  ? 0.8957 0.8679 0.5286 -0.0437 -0.0609 -0.0257 53 SER A CB  
373 O OG  . SER A 73  ? 0.8350 0.8192 0.5321 -0.0465 -0.0234 -0.0389 53 SER A OG  
374 N N   . LYS A 74  ? 0.8136 0.7850 0.5407 -0.0244 -0.1075 0.0367  54 LYS A N   
375 C CA  . LYS A 74  ? 0.7649 0.7342 0.5478 -0.0206 -0.0991 0.0575  54 LYS A CA  
376 C C   . LYS A 74  ? 0.7176 0.6928 0.5347 -0.0278 -0.0570 0.0514  54 LYS A C   
377 O O   . LYS A 74  ? 0.6529 0.6430 0.5342 -0.0240 -0.0552 0.0442  54 LYS A O   
378 C CB  . LYS A 74  ? 0.8279 0.7669 0.5741 -0.0178 -0.1102 0.0959  54 LYS A CB  
379 C CG  . LYS A 74  ? 0.8563 0.7917 0.6117 -0.0038 -0.1598 0.1082  54 LYS A CG  
380 C CD  . LYS A 74  ? 0.9129 0.8132 0.6550 0.0002  -0.1653 0.1503  54 LYS A CD  
381 C CE  . LYS A 74  ? 1.0024 0.8822 0.6982 0.0129  -0.2155 0.1742  54 LYS A CE  
382 N NZ  . LYS A 74  ? 0.9530 0.8616 0.7174 0.0278  -0.2606 0.1539  54 LYS A NZ  
383 N N   . PRO A 75  ? 0.7570 0.7210 0.5321 -0.0379 -0.0234 0.0535  55 PRO A N   
384 C CA  . PRO A 75  ? 0.7143 0.6886 0.5384 -0.0432 0.0130  0.0457  55 PRO A CA  
385 C C   . PRO A 75  ? 0.6437 0.6420 0.5267 -0.0380 0.0108  0.0196  55 PRO A C   
386 O O   . PRO A 75  ? 0.5996 0.6079 0.5395 -0.0347 0.0138  0.0206  55 PRO A O   
387 C CB  . PRO A 75  ? 0.7758 0.7396 0.5457 -0.0541 0.0499  0.0410  55 PRO A CB  
388 C CG  . PRO A 75  ? 0.8658 0.8023 0.5451 -0.0561 0.0361  0.0630  55 PRO A CG  
389 C CD  . PRO A 75  ? 0.8484 0.7901 0.5297 -0.0445 -0.0159 0.0617  55 PRO A CD  
390 N N   . THR A 76  ? 0.6471 0.6516 0.5143 -0.0373 0.0040  -0.0027 56 THR A N   
391 C CA  . THR A 76  ? 0.5940 0.6132 0.5133 -0.0331 0.0030  -0.0224 56 THR A CA  
392 C C   . THR A 76  ? 0.5423 0.5694 0.5030 -0.0255 -0.0189 -0.0142 56 THR A C   
393 O O   . THR A 76  ? 0.5043 0.5372 0.5062 -0.0214 -0.0129 -0.0129 56 THR A O   
394 C CB  . THR A 76  ? 0.6221 0.6423 0.5203 -0.0359 -0.0021 -0.0488 56 THR A CB  
395 O OG1 . THR A 76  ? 0.6820 0.6939 0.5390 -0.0429 0.0243  -0.0620 56 THR A OG1 
396 C CG2 . THR A 76  ? 0.5751 0.6034 0.5301 -0.0329 0.0004  -0.0649 56 THR A CG2 
397 N N   . VAL A 77  ? 0.5454 0.5723 0.4940 -0.0228 -0.0450 -0.0098 57 VAL A N   
398 C CA  . VAL A 77  ? 0.5041 0.5395 0.4945 -0.0161 -0.0600 -0.0074 57 VAL A CA  
399 C C   . VAL A 77  ? 0.4808 0.5125 0.4919 -0.0124 -0.0557 0.0075  57 VAL A C   
400 O O   . VAL A 77  ? 0.4520 0.4900 0.4942 -0.0085 -0.0526 0.0029  57 VAL A O   
401 C CB  . VAL A 77  ? 0.5295 0.5687 0.5178 -0.0124 -0.0900 -0.0078 57 VAL A CB  
402 C CG1 . VAL A 77  ? 0.4885 0.5385 0.5301 -0.0054 -0.0974 -0.0087 57 VAL A CG1 
403 C CG2 . VAL A 77  ? 0.5332 0.5796 0.5105 -0.0171 -0.0995 -0.0300 57 VAL A CG2 
404 N N   . PHE A 78  ? 0.5059 0.5244 0.4971 -0.0146 -0.0544 0.0245  58 PHE A N   
405 C CA  . PHE A 78  ? 0.4897 0.5028 0.5092 -0.0132 -0.0519 0.0350  58 PHE A CA  
406 C C   . PHE A 78  ? 0.4626 0.4846 0.5097 -0.0147 -0.0356 0.0261  58 PHE A C   
407 O O   . PHE A 78  ? 0.4415 0.4680 0.5174 -0.0102 -0.0419 0.0209  58 PHE A O   
408 C CB  . PHE A 78  ? 0.5371 0.5296 0.5337 -0.0185 -0.0473 0.0574  58 PHE A CB  
409 C CG  . PHE A 78  ? 0.5703 0.5473 0.5480 -0.0127 -0.0722 0.0740  58 PHE A CG  
410 C CD1 . PHE A 78  ? 0.5674 0.5556 0.5513 -0.0041 -0.0975 0.0639  58 PHE A CD1 
411 C CD2 . PHE A 78  ? 0.6277 0.5774 0.5876 -0.0159 -0.0704 0.1017  58 PHE A CD2 
412 C CE1 . PHE A 78  ? 0.6046 0.5809 0.5824 0.0041  -0.1267 0.0792  58 PHE A CE1 
413 C CE2 . PHE A 78  ? 0.6750 0.6054 0.6178 -0.0076 -0.0986 0.1222  58 PHE A CE2 
414 C CZ  . PHE A 78  ? 0.6580 0.6038 0.6123 0.0038  -0.1297 0.1098  58 PHE A CZ  
415 N N   . ALA A 79  ? 0.4667 0.4914 0.5050 -0.0202 -0.0164 0.0221  59 ALA A N   
416 C CA  . ALA A 79  ? 0.4466 0.4817 0.5219 -0.0191 -0.0057 0.0141  59 ALA A CA  
417 C C   . ALA A 79  ? 0.4223 0.4645 0.5109 -0.0106 -0.0170 0.0048  59 ALA A C   
418 O O   . ALA A 79  ? 0.4087 0.4557 0.5224 -0.0055 -0.0239 0.0028  59 ALA A O   
419 C CB  . ALA A 79  ? 0.4620 0.4996 0.5348 -0.0248 0.0194  0.0080  59 ALA A CB  
420 N N   . THR A 80  ? 0.4267 0.4675 0.4968 -0.0095 -0.0195 -0.0003 60 THR A N   
421 C CA  . THR A 80  ? 0.4250 0.4668 0.5035 -0.0041 -0.0233 -0.0049 60 THR A CA  
422 C C   . THR A 80  ? 0.4196 0.4615 0.5004 0.0006  -0.0344 -0.0026 60 THR A C   
423 O O   . THR A 80  ? 0.4274 0.4671 0.5089 0.0060  -0.0360 -0.0024 60 THR A O   
424 C CB  . THR A 80  ? 0.4355 0.4766 0.5061 -0.0075 -0.0211 -0.0136 60 THR A CB  
425 O OG1 . THR A 80  ? 0.4425 0.4815 0.5054 -0.0123 -0.0102 -0.0222 60 THR A OG1 
426 C CG2 . THR A 80  ? 0.4264 0.4637 0.5103 -0.0046 -0.0165 -0.0146 60 THR A CG2 
427 N N   . VAL A 81  ? 0.4247 0.4666 0.5039 -0.0003 -0.0425 -0.0013 61 VAL A N   
428 C CA  . VAL A 81  ? 0.4190 0.4603 0.5081 0.0044  -0.0499 -0.0044 61 VAL A CA  
429 C C   . VAL A 81  ? 0.4194 0.4582 0.5152 0.0063  -0.0541 -0.0060 61 VAL A C   
430 O O   . VAL A 81  ? 0.4226 0.4605 0.5120 0.0111  -0.0564 -0.0138 61 VAL A O   
431 C CB  . VAL A 81  ? 0.4282 0.4670 0.5265 0.0051  -0.0610 -0.0008 61 VAL A CB  
432 C CG1 . VAL A 81  ? 0.4110 0.4467 0.5304 0.0106  -0.0660 -0.0077 61 VAL A CG1 
433 C CG2 . VAL A 81  ? 0.4369 0.4834 0.5384 0.0051  -0.0657 -0.0048 61 VAL A CG2 
434 N N   . ASN A 82  ? 0.4189 0.4561 0.5262 0.0016  -0.0542 0.0002  62 ASN A N   
435 C CA  . ASN A 82  ? 0.4226 0.4616 0.5526 0.0015  -0.0605 -0.0047 62 ASN A CA  
436 C C   . ASN A 82  ? 0.4210 0.4663 0.5472 0.0076  -0.0666 -0.0104 62 ASN A C   
437 O O   . ASN A 82  ? 0.4282 0.4732 0.5515 0.0126  -0.0811 -0.0203 62 ASN A O   
438 C CB  . ASN A 82  ? 0.4209 0.4590 0.5749 -0.0075 -0.0516 0.0034  62 ASN A CB  
439 C CG  . ASN A 82  ? 0.4470 0.4700 0.6018 -0.0123 -0.0502 0.0145  62 ASN A CG  
440 O OD1 . ASN A 82  ? 0.4317 0.4474 0.5928 -0.0079 -0.0620 0.0099  62 ASN A OD1 
441 N ND2 . ASN A 82  ? 0.4681 0.4832 0.6156 -0.0210 -0.0343 0.0299  62 ASN A ND2 
442 N N   . SER A 83  ? 0.4202 0.4683 0.5433 0.0085  -0.0576 -0.0049 63 SER A N   
443 C CA  . SER A 83  ? 0.4392 0.4881 0.5622 0.0169  -0.0667 -0.0045 63 SER A CA  
444 C C   . SER A 83  ? 0.4591 0.4971 0.5414 0.0233  -0.0714 -0.0033 63 SER A C   
445 O O   . SER A 83  ? 0.4807 0.5143 0.5469 0.0313  -0.0882 -0.0034 63 SER A O   
446 C CB  . SER A 83  ? 0.4383 0.4884 0.5758 0.0176  -0.0538 -0.0001 63 SER A CB  
447 O OG  . SER A 83  ? 0.4435 0.5040 0.6175 0.0118  -0.0434 -0.0035 63 SER A OG  
448 N N   . PHE A 84  ? 0.4553 0.4884 0.5205 0.0196  -0.0565 -0.0026 64 PHE A N   
449 C CA  . PHE A 84  ? 0.4800 0.5032 0.5119 0.0225  -0.0500 -0.0024 64 PHE A CA  
450 C C   . PHE A 84  ? 0.4933 0.5148 0.5061 0.0258  -0.0590 -0.0150 64 PHE A C   
451 O O   . PHE A 84  ? 0.5299 0.5402 0.5008 0.0303  -0.0566 -0.0152 64 PHE A O   
452 C CB  . PHE A 84  ? 0.4795 0.5041 0.5188 0.0164  -0.0312 -0.0033 64 PHE A CB  
453 C CG  . PHE A 84  ? 0.4933 0.5111 0.5376 0.0140  -0.0194 0.0052  64 PHE A CG  
454 C CD1 . PHE A 84  ? 0.5207 0.5298 0.5645 0.0191  -0.0246 0.0151  64 PHE A CD1 
455 C CD2 . PHE A 84  ? 0.5076 0.5280 0.5679 0.0070  -0.0052 0.0009  64 PHE A CD2 
456 C CE1 . PHE A 84  ? 0.5352 0.5339 0.5918 0.0175  -0.0125 0.0208  64 PHE A CE1 
457 C CE2 . PHE A 84  ? 0.5137 0.5255 0.5864 0.0031  0.0058  0.0043  64 PHE A CE2 
458 C CZ  . PHE A 84  ? 0.5160 0.5147 0.5855 0.0084  0.0036  0.0146  64 PHE A CZ  
459 N N   . TYR A 85  ? 0.4673 0.4961 0.5072 0.0231  -0.0677 -0.0256 65 TYR A N   
460 C CA  . TYR A 85  ? 0.4887 0.5149 0.5207 0.0259  -0.0796 -0.0434 65 TYR A CA  
461 C C   . TYR A 85  ? 0.5147 0.5412 0.5368 0.0307  -0.1047 -0.0474 65 TYR A C   
462 O O   . TYR A 85  ? 0.5559 0.5754 0.5412 0.0356  -0.1164 -0.0616 65 TYR A O   
463 C CB  . TYR A 85  ? 0.4641 0.4928 0.5383 0.0213  -0.0821 -0.0520 65 TYR A CB  
464 C CG  . TYR A 85  ? 0.4890 0.5142 0.5731 0.0223  -0.0983 -0.0740 65 TYR A CG  
465 C CD1 . TYR A 85  ? 0.5166 0.5345 0.5732 0.0268  -0.0951 -0.0964 65 TYR A CD1 
466 C CD2 . TYR A 85  ? 0.4763 0.5053 0.6018 0.0172  -0.1138 -0.0766 65 TYR A CD2 
467 C CE1 . TYR A 85  ? 0.5301 0.5433 0.5958 0.0272  -0.1113 -0.1237 65 TYR A CE1 
468 C CE2 . TYR A 85  ? 0.4904 0.5162 0.6354 0.0163  -0.1311 -0.1020 65 TYR A CE2 
469 C CZ  . TYR A 85  ? 0.5359 0.5529 0.6482 0.0217  -0.1319 -0.1271 65 TYR A CZ  
470 O OH  . TYR A 85  ? 0.5692 0.5814 0.6997 0.0205  -0.1501 -0.1589 65 TYR A OH  
471 N N   . CYS A 86  ? 0.4939 0.5294 0.5498 0.0298  -0.1134 -0.0376 66 CYS A N   
472 C CA  . CYS A 86  ? 0.5222 0.5630 0.5853 0.0363  -0.1422 -0.0412 66 CYS A CA  
473 C C   . CYS A 86  ? 0.5686 0.5950 0.5709 0.0474  -0.1511 -0.0303 66 CYS A C   
474 O O   . CYS A 86  ? 0.6175 0.6390 0.5849 0.0547  -0.1781 -0.0397 66 CYS A O   
475 C CB  . CYS A 86  ? 0.4912 0.5468 0.6149 0.0339  -0.1425 -0.0334 66 CYS A CB  
476 S SG  . CYS A 86  ? 0.4619 0.5295 0.6535 0.0200  -0.1351 -0.0439 66 CYS A SG  
477 N N   . ALA A 87  ? 0.5653 0.5819 0.5522 0.0476  -0.1284 -0.0104 67 ALA A N   
478 C CA  . ALA A 87  ? 0.6131 0.6082 0.5438 0.0560  -0.1276 0.0082  67 ALA A CA  
479 C C   . ALA A 87  ? 0.6678 0.6464 0.5258 0.0564  -0.1187 0.0019  67 ALA A C   
480 O O   . ALA A 87  ? 0.7407 0.6966 0.5337 0.0640  -0.1229 0.0171  67 ALA A O   
481 C CB  . ALA A 87  ? 0.5879 0.5754 0.5338 0.0521  -0.0992 0.0261  67 ALA A CB  
482 N N   . GLY A 88  ? 0.6496 0.6370 0.5177 0.0488  -0.1043 -0.0198 68 GLY A N   
483 C CA  . GLY A 88  ? 0.6958 0.6704 0.5052 0.0485  -0.0879 -0.0331 68 GLY A CA  
484 C C   . GLY A 88  ? 0.6977 0.6642 0.4975 0.0423  -0.0452 -0.0222 68 GLY A C   
485 O O   . GLY A 88  ? 0.7500 0.7022 0.4953 0.0418  -0.0221 -0.0272 68 GLY A O   
486 N N   . TYR A 89  ? 0.6474 0.6237 0.5022 0.0366  -0.0331 -0.0105 69 TYR A N   
487 C CA  . TYR A 89  ? 0.6486 0.6217 0.5139 0.0292  0.0034  -0.0038 69 TYR A CA  
488 C C   . TYR A 89  ? 0.6204 0.6113 0.5275 0.0241  0.0183  -0.0263 69 TYR A C   
489 O O   . TYR A 89  ? 0.6371 0.6274 0.5482 0.0193  0.0501  -0.0306 69 TYR A O   
490 C CB  . TYR A 89  ? 0.6144 0.5900 0.5216 0.0253  0.0057  0.0130  69 TYR A CB  
491 C CG  . TYR A 89  ? 0.6480 0.6043 0.5316 0.0320  -0.0068 0.0363  69 TYR A CG  
492 C CD1 . TYR A 89  ? 0.7254 0.6590 0.5415 0.0408  -0.0168 0.0491  69 TYR A CD1 
493 C CD2 . TYR A 89  ? 0.6188 0.5774 0.5466 0.0308  -0.0099 0.0449  69 TYR A CD2 
494 C CE1 . TYR A 89  ? 0.7554 0.6689 0.5554 0.0503  -0.0341 0.0743  69 TYR A CE1 
495 C CE2 . TYR A 89  ? 0.6556 0.5952 0.5751 0.0395  -0.0216 0.0656  69 TYR A CE2 
496 C CZ  . TYR A 89  ? 0.7148 0.6319 0.5741 0.0500  -0.0357 0.0825  69 TYR A CZ  
497 O OH  . TYR A 89  ? 0.7634 0.6597 0.6189 0.0618  -0.0534 0.1063  69 TYR A OH  
498 N N   . ILE A 90  ? 0.5821 0.5876 0.5281 0.0254  -0.0036 -0.0390 70 ILE A N   
499 C CA  . ILE A 90  ? 0.5672 0.5847 0.5556 0.0243  0.0033  -0.0585 70 ILE A CA  
500 C C   . ILE A 90  ? 0.5798 0.5949 0.5637 0.0288  -0.0135 -0.0793 70 ILE A C   
501 O O   . ILE A 90  ? 0.5879 0.5992 0.5568 0.0307  -0.0382 -0.0780 70 ILE A O   
502 C CB  . ILE A 90  ? 0.5194 0.5515 0.5666 0.0208  -0.0049 -0.0519 70 ILE A CB  
503 C CG1 . ILE A 90  ? 0.5026 0.5355 0.5640 0.0213  -0.0310 -0.0470 70 ILE A CG1 
504 C CG2 . ILE A 90  ? 0.4973 0.5312 0.5501 0.0152  0.0063  -0.0370 70 ILE A CG2 
505 C CD1 . ILE A 90  ? 0.4706 0.5103 0.5583 0.0172  -0.0372 -0.0344 70 ILE A CD1 
506 N N   . ASP A 91  ? 0.5892 0.6070 0.5951 0.0306  -0.0001 -0.1021 71 ASP A N   
507 C CA  . ASP A 91  ? 0.6045 0.6173 0.6178 0.0342  -0.0141 -0.1278 71 ASP A CA  
508 C C   . ASP A 91  ? 0.5664 0.5840 0.6517 0.0345  -0.0292 -0.1272 71 ASP A C   
509 O O   . ASP A 91  ? 0.5353 0.5614 0.6611 0.0345  -0.0246 -0.1147 71 ASP A O   
510 C CB  . ASP A 91  ? 0.6558 0.6636 0.6497 0.0373  0.0132  -0.1583 71 ASP A CB  
511 C CG  . ASP A 91  ? 0.7100 0.7029 0.6098 0.0376  0.0230  -0.1625 71 ASP A CG  
512 O OD1 . ASP A 91  ? 0.7395 0.7253 0.5954 0.0385  -0.0039 -0.1483 71 ASP A OD1 
513 O OD2 . ASP A 91  ? 0.7458 0.7334 0.6148 0.0377  0.0582  -0.1800 71 ASP A OD2 
514 N N   . GLU A 92  ? 0.5776 0.5874 0.6783 0.0348  -0.0490 -0.1402 72 GLU A N   
515 C CA  . GLU A 92  ? 0.5573 0.5627 0.7218 0.0345  -0.0611 -0.1359 72 GLU A CA  
516 C C   . GLU A 92  ? 0.5867 0.5815 0.7807 0.0394  -0.0582 -0.1702 72 GLU A C   
517 O O   . GLU A 92  ? 0.6344 0.6236 0.7959 0.0394  -0.0599 -0.1991 72 GLU A O   
518 C CB  . GLU A 92  ? 0.5480 0.5501 0.7209 0.0278  -0.0818 -0.1210 72 GLU A CB  
519 C CG  . GLU A 92  ? 0.5488 0.5396 0.7770 0.0247  -0.0899 -0.1063 72 GLU A CG  
520 C CD  . GLU A 92  ? 0.5610 0.5519 0.7946 0.0152  -0.0992 -0.0888 72 GLU A CD  
521 O OE1 . GLU A 92  ? 0.5866 0.5755 0.8364 0.0108  -0.1104 -0.1068 72 GLU A OE1 
522 O OE2 . GLU A 92  ? 0.5440 0.5391 0.7682 0.0117  -0.0943 -0.0608 72 GLU A OE2 
523 N N   . THR A 93  ? 0.5680 0.5589 0.8231 0.0447  -0.0557 -0.1695 73 THR A N   
524 C CA  . THR A 93  ? 0.5883 0.5658 0.8873 0.0506  -0.0530 -0.2034 73 THR A CA  
525 C C   . THR A 93  ? 0.5705 0.5320 0.9432 0.0539  -0.0687 -0.1850 73 THR A C   
526 O O   . THR A 93  ? 0.5453 0.5108 0.9372 0.0572  -0.0744 -0.1537 73 THR A O   
527 C CB  . THR A 93  ? 0.6161 0.6019 0.9112 0.0579  -0.0227 -0.2365 73 THR A CB  
528 O OG1 . THR A 93  ? 0.6386 0.6114 0.9998 0.0661  -0.0187 -0.2686 73 THR A OG1 
529 C CG2 . THR A 93  ? 0.5951 0.6006 0.9024 0.0605  -0.0070 -0.2166 73 THR A CG2 
530 N N   . ARG A 94  ? 0.5907 0.5308 1.0002 0.0521  -0.0784 -0.2031 74 ARG A N   
531 C CA  . ARG A 94  ? 0.5910 0.5063 1.0688 0.0544  -0.0920 -0.1817 74 ARG A CA  
532 C C   . ARG A 94  ? 0.6064 0.5168 1.1463 0.0706  -0.0860 -0.1935 74 ARG A C   
533 O O   . ARG A 94  ? 0.6204 0.5377 1.1725 0.0773  -0.0681 -0.2372 74 ARG A O   
534 C CB  . ARG A 94  ? 0.6080 0.4993 1.1177 0.0452  -0.1018 -0.1982 74 ARG A CB  
535 C CG  . ARG A 94  ? 0.5981 0.5007 1.0625 0.0303  -0.1096 -0.1918 74 ARG A CG  
536 C CD  . ARG A 94  ? 0.5977 0.4785 1.1156 0.0186  -0.1207 -0.2003 74 ARG A CD  
537 N NE  . ARG A 94  ? 0.5981 0.4494 1.1699 0.0172  -0.1203 -0.1605 74 ARG A NE  
538 C CZ  . ARG A 94  ? 0.5842 0.4236 1.1693 0.0035  -0.1201 -0.1245 74 ARG A CZ  
539 N NH1 . ARG A 94  ? 0.5342 0.3933 1.1002 -0.0098 -0.1213 -0.1278 74 ARG A NH1 
540 N NH2 . ARG A 94  ? 0.6160 0.4217 1.2365 0.0041  -0.1178 -0.0846 74 ARG A NH2 
541 N N   . VAL A 95  ? 0.6089 0.5076 1.1868 0.0774  -0.1014 -0.1540 75 VAL A N   
542 C CA  . VAL A 95  ? 0.6234 0.5238 1.2657 0.0954  -0.1046 -0.1548 75 VAL A CA  
543 C C   . VAL A 95  ? 0.6457 0.5139 1.3233 0.1007  -0.1326 -0.1059 75 VAL A C   
544 O O   . VAL A 95  ? 0.6408 0.5074 1.2670 0.0931  -0.1449 -0.0628 75 VAL A O   
545 C CB  . VAL A 95  ? 0.5946 0.5350 1.2071 0.0981  -0.0937 -0.1557 75 VAL A CB  
546 C CG1 . VAL A 95  ? 0.5768 0.5233 1.1771 0.1001  -0.1180 -0.1083 75 VAL A CG1 
547 C CG2 . VAL A 95  ? 0.6114 0.5678 1.2851 0.1114  -0.0732 -0.1963 75 VAL A CG2 
548 N N   . GLY A 96  ? 0.6845 0.5223 1.4450 0.1136  -0.1407 -0.1120 76 GLY A N   
549 C CA  . GLY A 96  ? 0.7247 0.5172 1.5122 0.1160  -0.1644 -0.0631 76 GLY A CA  
550 C C   . GLY A 96  ? 0.7341 0.5066 1.4808 0.0932  -0.1555 -0.0526 76 GLY A C   
551 O O   . GLY A 96  ? 0.7297 0.5069 1.4824 0.0834  -0.1397 -0.0965 76 GLY A O   
552 N N   . ARG A 97  ? 0.7544 0.5058 1.4600 0.0844  -0.1651 0.0027  77 ARG A N   
553 C CA  . ARG A 97  ? 0.7502 0.4952 1.4157 0.0603  -0.1507 0.0121  77 ARG A CA  
554 C C   . ARG A 97  ? 0.7145 0.4937 1.2910 0.0507  -0.1454 0.0287  77 ARG A C   
555 O O   . ARG A 97  ? 0.7194 0.4935 1.2603 0.0332  -0.1345 0.0496  77 ARG A O   
556 C CB  . ARG A 97  ? 0.8065 0.4967 1.5000 0.0519  -0.1516 0.0565  77 ARG A CB  
557 C CG  . ARG A 97  ? 0.8335 0.5048 1.4638 0.0508  -0.1594 0.1222  77 ARG A CG  
558 C CD  . ARG A 97  ? 0.8797 0.5175 1.5410 0.0737  -0.1871 0.1554  77 ARG A CD  
559 N NE  . ARG A 97  ? 0.9530 0.5325 1.5940 0.0678  -0.1890 0.2203  77 ARG A NE  
560 C CZ  . ARG A 97  ? 1.0143 0.5405 1.7054 0.0833  -0.2091 0.2548  77 ARG A CZ  
561 N NH1 . ARG A 97  ? 1.0037 0.5315 1.7803 0.1066  -0.2289 0.2255  77 ARG A NH1 
562 N NH2 . ARG A 97  ? 1.1064 0.5750 1.7633 0.0758  -0.2067 0.3195  77 ARG A NH2 
563 N N   . SER A 98  ? 0.6828 0.4969 1.2334 0.0618  -0.1505 0.0164  78 SER A N   
564 C CA  . SER A 98  ? 0.6470 0.4952 1.1232 0.0534  -0.1437 0.0209  78 SER A CA  
565 C C   . SER A 98  ? 0.6032 0.4893 1.0676 0.0539  -0.1303 -0.0252 78 SER A C   
566 O O   . SER A 98  ? 0.5994 0.4858 1.1002 0.0574  -0.1230 -0.0640 78 SER A O   
567 C CB  . SER A 98  ? 0.6562 0.5087 1.1013 0.0626  -0.1618 0.0544  78 SER A CB  
568 O OG  . SER A 98  ? 0.6894 0.5306 1.1962 0.0822  -0.1816 0.0545  78 SER A OG  
569 N N   . LYS A 99  ? 0.5762 0.4905 0.9847 0.0498  -0.1257 -0.0203 79 LYS A N   
570 C CA  . LYS A 99  ? 0.5534 0.4966 0.9346 0.0475  -0.1106 -0.0529 79 LYS A CA  
571 C C   . LYS A 99  ? 0.5431 0.5120 0.9140 0.0545  -0.1082 -0.0543 79 LYS A C   
572 O O   . LYS A 99  ? 0.5486 0.5187 0.9168 0.0578  -0.1228 -0.0283 79 LYS A O   
573 C CB  . LYS A 99  ? 0.5400 0.4908 0.8719 0.0334  -0.1046 -0.0461 79 LYS A CB  
574 C CG  . LYS A 99  ? 0.5458 0.4738 0.8970 0.0230  -0.1072 -0.0340 79 LYS A CG  
575 C CD  . LYS A 99  ? 0.5447 0.4723 0.9179 0.0188  -0.1067 -0.0703 79 LYS A CD  
576 C CE  . LYS A 99  ? 0.5639 0.4789 0.9607 0.0044  -0.1072 -0.0595 79 LYS A CE  
577 N NZ  . LYS A 99  ? 0.5910 0.5233 0.9845 -0.0016 -0.1126 -0.0923 79 LYS A NZ  
578 N N   . ILE A 100 ? 0.5431 0.5308 0.9075 0.0560  -0.0897 -0.0857 80 ILE A N   
579 C CA  . ILE A 100 ? 0.5299 0.5432 0.8864 0.0578  -0.0797 -0.0884 80 ILE A CA  
580 C C   . ILE A 100 ? 0.5225 0.5483 0.8234 0.0496  -0.0578 -0.1008 80 ILE A C   
581 O O   . ILE A 100 ? 0.5345 0.5531 0.8082 0.0472  -0.0486 -0.1199 80 ILE A O   
582 C CB  . ILE A 100 ? 0.5351 0.5599 0.9576 0.0699  -0.0722 -0.1107 80 ILE A CB  
583 C CG1 . ILE A 100 ? 0.5703 0.5826 1.0182 0.0747  -0.0577 -0.1447 80 ILE A CG1 
584 C CG2 . ILE A 100 ? 0.5473 0.5704 1.0213 0.0803  -0.1018 -0.0882 80 ILE A CG2 
585 C CD1 . ILE A 100 ? 0.6164 0.6452 1.1212 0.0845  -0.0339 -0.1782 80 ILE A CD1 
586 N N   . TYR A 101 ? 0.5090 0.5514 0.7952 0.0461  -0.0518 -0.0906 81 TYR A N   
587 C CA  . TYR A 101 ? 0.5092 0.5572 0.7425 0.0385  -0.0332 -0.0914 81 TYR A CA  
588 C C   . TYR A 101 ? 0.5211 0.5842 0.7693 0.0384  -0.0053 -0.1064 81 TYR A C   
589 O O   . TYR A 101 ? 0.5245 0.6032 0.8283 0.0414  -0.0064 -0.1087 81 TYR A O   
590 C CB  . TYR A 101 ? 0.4840 0.5322 0.6877 0.0316  -0.0457 -0.0659 81 TYR A CB  
591 C CG  . TYR A 101 ? 0.4791 0.5130 0.6743 0.0297  -0.0636 -0.0527 81 TYR A CG  
592 C CD1 . TYR A 101 ? 0.4777 0.5040 0.6478 0.0266  -0.0635 -0.0581 81 TYR A CD1 
593 C CD2 . TYR A 101 ? 0.4827 0.5092 0.6975 0.0308  -0.0813 -0.0349 81 TYR A CD2 
594 C CE1 . TYR A 101 ? 0.4714 0.4873 0.6503 0.0225  -0.0757 -0.0486 81 TYR A CE1 
595 C CE2 . TYR A 101 ? 0.4681 0.4779 0.6775 0.0266  -0.0895 -0.0204 81 TYR A CE2 
596 C CZ  . TYR A 101 ? 0.4788 0.4854 0.6778 0.0214  -0.0843 -0.0288 81 TYR A CZ  
597 O OH  . TYR A 101 ? 0.5086 0.5011 0.7178 0.0148  -0.0885 -0.0165 81 TYR A OH  
598 N N   . THR A 102 ? 0.5504 0.6077 0.7508 0.0353  0.0197  -0.1174 82 THR A N   
599 C CA  . THR A 102 ? 0.5722 0.6377 0.7710 0.0314  0.0568  -0.1269 82 THR A CA  
600 C C   . THR A 102 ? 0.5966 0.6476 0.7167 0.0245  0.0672  -0.1106 82 THR A C   
601 O O   . THR A 102 ? 0.6078 0.6453 0.6795 0.0261  0.0466  -0.1029 82 THR A O   
602 C CB  . THR A 102 ? 0.6135 0.6785 0.8247 0.0364  0.0856  -0.1597 82 THR A CB  
603 O OG1 . THR A 102 ? 0.6501 0.6954 0.8015 0.0388  0.0781  -0.1716 82 THR A OG1 
604 C CG2 . THR A 102 ? 0.5945 0.6740 0.9014 0.0458  0.0766  -0.1763 82 THR A CG2 
605 N N   . LEU A 103 ? 0.6096 0.6625 0.7251 0.0174  0.0973  -0.1039 83 LEU A N   
606 C CA  . LEU A 103 ? 0.6444 0.6764 0.6848 0.0129  0.1088  -0.0846 83 LEU A CA  
607 C C   . LEU A 103 ? 0.7052 0.7187 0.6719 0.0170  0.1220  -0.0972 83 LEU A C   
608 O O   . LEU A 103 ? 0.7344 0.7522 0.7122 0.0181  0.1486  -0.1229 83 LEU A O   
609 C CB  . LEU A 103 ? 0.6587 0.6911 0.7163 0.0026  0.1446  -0.0740 83 LEU A CB  
610 C CG  . LEU A 103 ? 0.6062 0.6559 0.7337 -0.0035 0.1328  -0.0671 83 LEU A CG  
611 C CD1 . LEU A 103 ? 0.6076 0.6656 0.7839 -0.0149 0.1744  -0.0716 83 LEU A CD1 
612 C CD2 . LEU A 103 ? 0.5860 0.6217 0.6818 -0.0046 0.1087  -0.0436 83 LEU A CD2 
613 N N   . SER A 104 ? 0.7305 0.7244 0.6248 0.0201  0.1012  -0.0823 84 SER A N   
614 C CA  . SER A 104 ? 0.8122 0.7841 0.6161 0.0237  0.1100  -0.0910 84 SER A CA  
615 C C   . SER A 104 ? 0.8757 0.8281 0.6273 0.0170  0.1564  -0.0741 84 SER A C   
616 O O   . SER A 104 ? 0.8499 0.8083 0.6500 0.0088  0.1797  -0.0584 84 SER A O   
617 C CB  . SER A 104 ? 0.8264 0.7859 0.5787 0.0305  0.0650  -0.0785 84 SER A CB  
618 O OG  . SER A 104 ? 0.8175 0.7686 0.5651 0.0295  0.0569  -0.0434 84 SER A OG  
619 N N   . ASP A 105 ? 0.9685 0.8954 0.6191 0.0194  0.1705  -0.0776 85 ASP A N   
620 C CA  . ASP A 105 ? 1.0507 0.9492 0.6317 0.0125  0.2177  -0.0543 85 ASP A CA  
621 C C   . ASP A 105 ? 1.0424 0.9219 0.6109 0.0119  0.2017  -0.0084 85 ASP A C   
622 O O   . ASP A 105 ? 1.0691 0.9333 0.6422 0.0019  0.2420  0.0160  85 ASP A O   
623 C CB  . ASP A 105 ? 1.1722 1.0414 0.6246 0.0170  0.2285  -0.0654 85 ASP A CB  
624 C CG  . ASP A 105 ? 1.1995 1.0836 0.6662 0.0161  0.2597  -0.1157 85 ASP A CG  
625 O OD1 . ASP A 105 ? 1.1190 1.0357 0.7028 0.0132  0.2719  -0.1375 85 ASP A OD1 
626 O OD2 . ASP A 105 ? 1.3065 1.1683 0.6674 0.0192  0.2706  -0.1351 85 ASP A OD2 
627 N N   . LEU A 106 ? 1.0041 0.8848 0.5689 0.0220  0.1448  0.0009  86 LEU A N   
628 C CA  . LEU A 106 ? 0.9829 0.8500 0.5565 0.0244  0.1237  0.0382  86 LEU A CA  
629 C C   . LEU A 106 ? 0.8945 0.7833 0.5756 0.0142  0.1394  0.0403  86 LEU A C   
630 O O   . LEU A 106 ? 0.9000 0.7707 0.5924 0.0082  0.1586  0.0675  86 LEU A O   
631 C CB  . LEU A 106 ? 0.9594 0.8331 0.5291 0.0375  0.0613  0.0372  86 LEU A CB  
632 C CG  . LEU A 106 ? 0.9431 0.8059 0.5272 0.0450  0.0291  0.0691  86 LEU A CG  
633 C CD1 . LEU A 106 ? 1.0251 0.8446 0.5473 0.0461  0.0494  0.1110  86 LEU A CD1 
634 C CD2 . LEU A 106 ? 0.9540 0.8237 0.5204 0.0585  -0.0276 0.0606  86 LEU A CD2 
635 N N   . GLY A 107 ? 0.8135 0.7379 0.5710 0.0126  0.1292  0.0109  87 GLY A N   
636 C CA  . GLY A 107 ? 0.7379 0.6859 0.5907 0.0041  0.1364  0.0065  87 GLY A CA  
637 C C   . GLY A 107 ? 0.7628 0.7074 0.6420 -0.0087 0.1878  0.0092  87 GLY A C   
638 O O   . GLY A 107 ? 0.7519 0.6920 0.6715 -0.0169 0.1978  0.0241  87 GLY A O   
639 N N   . VAL A 108 ? 0.8017 0.7477 0.6630 -0.0113 0.2233  -0.0082 88 VAL A N   
640 C CA  . VAL A 108 ? 0.8333 0.7779 0.7257 -0.0253 0.2815  -0.0082 88 VAL A CA  
641 C C   . VAL A 108 ? 0.9018 0.8049 0.7405 -0.0331 0.3090  0.0313  88 VAL A C   
642 O O   . VAL A 108 ? 0.8957 0.7990 0.7975 -0.0472 0.3406  0.0392  88 VAL A O   
643 C CB  . VAL A 108 ? 0.8820 0.8324 0.7549 -0.0258 0.3217  -0.0363 88 VAL A CB  
644 C CG1 . VAL A 108 ? 0.9157 0.8673 0.8323 -0.0422 0.3899  -0.0376 88 VAL A CG1 
645 C CG2 . VAL A 108 ? 0.8125 0.8000 0.7570 -0.0173 0.2947  -0.0731 88 VAL A CG2 
646 N N   . GLU A 109 ? 0.9692 0.8357 0.6979 -0.0237 0.2934  0.0562  89 GLU A N   
647 C CA  . GLU A 109 ? 1.0531 0.8717 0.7217 -0.0276 0.3141  0.1007  89 GLU A CA  
648 C C   . GLU A 109 ? 0.9979 0.8133 0.7362 -0.0300 0.2929  0.1202  89 GLU A C   
649 O O   . GLU A 109 ? 1.0373 0.8262 0.7948 -0.0421 0.3287  0.1449  89 GLU A O   
650 C CB  . GLU A 109 ? 1.1436 0.9240 0.6764 -0.0131 0.2908  0.1232  89 GLU A CB  
651 C CG  . GLU A 109 ? 1.2734 1.0289 0.7037 -0.0174 0.3397  0.1217  89 GLU A CG  
652 C CD  . GLU A 109 ? 1.3816 1.0982 0.6641 -0.0018 0.3073  0.1413  89 GLU A CD  
653 O OE1 . GLU A 109 ? 1.5204 1.1906 0.6924 -0.0055 0.3472  0.1692  89 GLU A OE1 
654 O OE2 . GLU A 109 ? 1.3471 1.0789 0.6235 0.0138  0.2420  0.1291  89 GLU A OE2 
655 N N   . ILE A 110 ? 0.9176 0.7583 0.6961 -0.0198 0.2391  0.1068  90 ILE A N   
656 C CA  . ILE A 110 ? 0.8567 0.7014 0.7077 -0.0219 0.2192  0.1129  90 ILE A CA  
657 C C   . ILE A 110 ? 0.8165 0.6848 0.7697 -0.0396 0.2486  0.0935  90 ILE A C   
658 O O   . ILE A 110 ? 0.8283 0.6781 0.8235 -0.0496 0.2650  0.1075  90 ILE A O   
659 C CB  . ILE A 110 ? 0.7867 0.6564 0.6548 -0.0085 0.1627  0.0981  90 ILE A CB  
660 C CG1 . ILE A 110 ? 0.8241 0.6684 0.6131 0.0083  0.1302  0.1206  90 ILE A CG1 
661 C CG2 . ILE A 110 ? 0.7097 0.5910 0.6574 -0.0128 0.1492  0.0923  90 ILE A CG2 
662 C CD1 . ILE A 110 ? 0.7623 0.6348 0.5563 0.0197  0.0843  0.0999  90 ILE A CD1 
663 N N   . VAL A 111 ? 0.7792 0.6870 0.7779 -0.0431 0.2529  0.0601  91 VAL A N   
664 C CA  . VAL A 111 ? 0.7493 0.6851 0.8512 -0.0584 0.2754  0.0378  91 VAL A CA  
665 C C   . VAL A 111 ? 0.8221 0.7333 0.9405 -0.0760 0.3360  0.0538  91 VAL A C   
666 O O   . VAL A 111 ? 0.8044 0.7234 1.0112 -0.0908 0.3496  0.0465  91 VAL A O   
667 C CB  . VAL A 111 ? 0.7057 0.6849 0.8518 -0.0552 0.2686  0.0025  91 VAL A CB  
668 C CG1 . VAL A 111 ? 0.6857 0.6942 0.9413 -0.0700 0.2960  -0.0201 91 VAL A CG1 
669 C CG2 . VAL A 111 ? 0.6375 0.6391 0.7925 -0.0426 0.2113  -0.0107 91 VAL A CG2 
670 N N   . GLU A 112 ? 0.9151 0.7943 0.9461 -0.0755 0.3728  0.0752  92 GLU A N   
671 C CA  . GLU A 112 ? 1.0077 0.8546 1.0361 -0.0933 0.4394  0.0977  92 GLU A CA  
672 C C   . GLU A 112 ? 1.0373 0.8416 1.0761 -0.1010 0.4450  0.1332  92 GLU A C   
673 O O   . GLU A 112 ? 1.0671 0.8599 1.1705 -0.1216 0.4935  0.1395  92 GLU A O   
674 C CB  . GLU A 112 ? 1.1162 0.9299 1.0204 -0.0894 0.4757  0.1163  92 GLU A CB  
675 C CG  . GLU A 112 ? 1.1330 0.9828 1.0445 -0.0885 0.4976  0.0772  92 GLU A CG  
676 C CD  . GLU A 112 ? 1.1041 1.0006 1.1617 -0.1039 0.5285  0.0422  92 GLU A CD  
677 O OE1 . GLU A 112 ? 1.1547 1.0395 1.2515 -0.1240 0.5941  0.0507  92 GLU A OE1 
678 O OE2 . GLU A 112 ? 1.0237 0.9679 1.1592 -0.0958 0.4860  0.0076  92 GLU A OE2 
679 N N   . CYS A 113 ? 1.0330 0.8137 1.0187 -0.0848 0.3975  0.1548  93 CYS A N   
680 C CA  . CYS A 113 ? 1.0648 0.8026 1.0670 -0.0882 0.3976  0.1867  93 CYS A CA  
681 C C   . CYS A 113 ? 0.9907 0.7565 1.1260 -0.1032 0.3953  0.1569  93 CYS A C   
682 O O   . CYS A 113 ? 1.0254 0.7609 1.2130 -0.1189 0.4269  0.1723  93 CYS A O   
683 C CB  . CYS A 113 ? 1.0607 0.7803 1.0055 -0.0651 0.3405  0.2051  93 CYS A CB  
684 S SG  . CYS A 113 ? 1.1566 0.8540 0.9514 -0.0440 0.3200  0.2293  93 CYS A SG  
685 N N   . PHE A 114 ? 0.8954 0.7159 1.0821 -0.0984 0.3561  0.1143  94 PHE A N   
686 C CA  . PHE A 114 ? 0.8331 0.6853 1.1346 -0.1106 0.3434  0.0795  94 PHE A CA  
687 C C   . PHE A 114 ? 0.8488 0.7208 1.2449 -0.1340 0.3892  0.0603  94 PHE A C   
688 O O   . PHE A 114 ? 0.8504 0.7168 1.3346 -0.1512 0.4025  0.0512  94 PHE A O   
689 C CB  . PHE A 114 ? 0.7442 0.6442 1.0568 -0.0981 0.2892  0.0451  94 PHE A CB  
690 C CG  . PHE A 114 ? 0.7091 0.5963 0.9761 -0.0818 0.2464  0.0534  94 PHE A CG  
691 C CD1 . PHE A 114 ? 0.7049 0.5713 1.0102 -0.0855 0.2390  0.0537  94 PHE A CD1 
692 C CD2 . PHE A 114 ? 0.6731 0.5698 0.8693 -0.0636 0.2161  0.0572  94 PHE A CD2 
693 C CE1 . PHE A 114 ? 0.6902 0.5473 0.9636 -0.0698 0.2043  0.0580  94 PHE A CE1 
694 C CE2 . PHE A 114 ? 0.6490 0.5380 0.8172 -0.0496 0.1804  0.0627  94 PHE A CE2 
695 C CZ  . PHE A 114 ? 0.6589 0.5295 0.8660 -0.0522 0.1759  0.0630  94 PHE A CZ  
696 N N   . LYS A 115 ? 0.8652 0.7613 1.2515 -0.1345 0.4137  0.0506  95 LYS A N   
697 C CA  . LYS A 115 ? 0.8913 0.8090 1.3711 -0.1556 0.4653  0.0325  95 LYS A CA  
698 C C   . LYS A 115 ? 0.9732 0.8412 1.4689 -0.1769 0.5276  0.0649  95 LYS A C   
699 O O   . LYS A 115 ? 0.9711 0.8542 1.5867 -0.1996 0.5574  0.0461  95 LYS A O   
700 C CB  . LYS A 115 ? 0.9056 0.8451 1.3506 -0.1496 0.4913  0.0226  95 LYS A CB  
701 C CG  . LYS A 115 ? 0.8934 0.8825 1.4695 -0.1648 0.5233  -0.0156 95 LYS A CG  
702 C CD  . LYS A 115 ? 0.9021 0.9189 1.4553 -0.1538 0.5390  -0.0348 95 LYS A CD  
703 C CE  . LYS A 115 ? 0.8655 0.8939 1.3432 -0.1272 0.4738  -0.0421 95 LYS A CE  
704 N NZ  . LYS A 115 ? 0.7954 0.8470 1.3156 -0.1189 0.4011  -0.0558 95 LYS A NZ  
705 N N   . GLN A 116 ? 1.0540 0.8615 1.4317 -0.1696 0.5440  0.1141  96 GLN A N   
706 C CA  . GLN A 116 ? 1.1572 0.9033 1.5282 -0.1874 0.6027  0.1571  96 GLN A CA  
707 C C   . GLN A 116 ? 1.1406 0.8663 1.5979 -0.1974 0.5872  0.1579  96 GLN A C   
708 O O   . GLN A 116 ? 1.1899 0.8909 1.7241 -0.2222 0.6386  0.1678  96 GLN A O   
709 C CB  . GLN A 116 ? 1.2567 0.9404 1.4659 -0.1723 0.6126  0.2127  96 GLN A CB  
710 C CG  . GLN A 116 ? 1.3091 1.0036 1.4221 -0.1651 0.6361  0.2105  96 GLN A CG  
711 C CD  . GLN A 116 ? 1.4520 1.0778 1.4021 -0.1548 0.6535  0.2669  96 GLN A CD  
712 O OE1 . GLN A 116 ? 1.5624 1.1399 1.4743 -0.1713 0.7222  0.3033  96 GLN A OE1 
713 N NE2 . GLN A 116 ? 1.4499 1.0700 1.3015 -0.1278 0.5906  0.2751  96 GLN A NE2 
714 N N   . LYS A 117 ? 1.0799 0.8145 1.5272 -0.1791 0.5203  0.1455  97 LYS A N   
715 C CA  . LYS A 117 ? 1.0547 0.7794 1.5900 -0.1867 0.4989  0.1310  97 LYS A CA  
716 C C   . LYS A 117 ? 1.0075 0.7795 1.6904 -0.2112 0.5102  0.0807  97 LYS A C   
717 O O   . LYS A 117 ? 1.0366 0.7843 1.8105 -0.2339 0.5424  0.0806  97 LYS A O   
718 C CB  . LYS A 117 ? 0.9901 0.7336 1.4948 -0.1633 0.4275  0.1119  97 LYS A CB  
719 C CG  . LYS A 117 ? 1.0344 0.7375 1.4196 -0.1375 0.4041  0.1542  97 LYS A CG  
720 C CD  . LYS A 117 ? 1.1111 0.7482 1.5039 -0.1368 0.4129  0.1903  97 LYS A CD  
721 C CE  . LYS A 117 ? 1.1125 0.7305 1.4271 -0.1072 0.3655  0.2117  97 LYS A CE  
722 N NZ  . LYS A 117 ? 1.1956 0.7399 1.4957 -0.1006 0.3765  0.2619  97 LYS A NZ  
723 N N   . ALA A 118 ? 0.9349 0.7732 1.6449 -0.2059 0.4803  0.0383  98 ALA A N   
724 C CA  . ALA A 118 ? 0.8898 0.7831 1.7399 -0.2238 0.4740  -0.0142 98 ALA A CA  
725 C C   . ALA A 118 ? 0.9276 0.8311 1.8581 -0.2477 0.5433  -0.0148 98 ALA A C   
726 O O   . ALA A 118 ? 0.9934 0.8524 1.9575 -0.2689 0.6016  0.0114  98 ALA A O   
727 C CB  . ALA A 118 ? 0.8090 0.7644 1.6534 -0.2055 0.4112  -0.0532 98 ALA A CB  
# 
loop_
_pdbx_poly_seq_scheme.asym_id 
_pdbx_poly_seq_scheme.entity_id 
_pdbx_poly_seq_scheme.seq_id 
_pdbx_poly_seq_scheme.mon_id 
_pdbx_poly_seq_scheme.ndb_seq_num 
_pdbx_poly_seq_scheme.pdb_seq_num 
_pdbx_poly_seq_scheme.auth_seq_num 
_pdbx_poly_seq_scheme.pdb_mon_id 
_pdbx_poly_seq_scheme.auth_mon_id 
_pdbx_poly_seq_scheme.pdb_strand_id 
_pdbx_poly_seq_scheme.pdb_ins_code 
_pdbx_poly_seq_scheme.hetero 
A 1 1   MET 1   -19 ?  ?   ?   A . n 
A 1 2   GLY 2   -18 ?  ?   ?   A . n 
A 1 3   SER 3   -17 ?  ?   ?   A . n 
A 1 4   SER 4   -16 ?  ?   ?   A . n 
A 1 5   HIS 5   -15 ?  ?   ?   A . n 
A 1 6   HIS 6   -14 ?  ?   ?   A . n 
A 1 7   HIS 7   -13 ?  ?   ?   A . n 
A 1 8   HIS 8   -12 ?  ?   ?   A . n 
A 1 9   HIS 9   -11 ?  ?   ?   A . n 
A 1 10  HIS 10  -10 ?  ?   ?   A . n 
A 1 11  SER 11  -9  ?  ?   ?   A . n 
A 1 12  SER 12  -8  ?  ?   ?   A . n 
A 1 13  GLY 13  -7  ?  ?   ?   A . n 
A 1 14  LEU 14  -6  ?  ?   ?   A . n 
A 1 15  VAL 15  -5  ?  ?   ?   A . n 
A 1 16  PRO 16  -4  ?  ?   ?   A . n 
A 1 17  ARG 17  -3  ?  ?   ?   A . n 
A 1 18  GLY 18  -2  ?  ?   ?   A . n 
A 1 19  SER 19  -1  ?  ?   ?   A . n 
A 1 20  HIS 20  0   ?  ?   ?   A . n 
A 1 21  MET 21  1   ?  ?   ?   A . n 
A 1 22  ASN 22  2   ?  ?   ?   A . n 
A 1 23  ARG 23  3   ?  ?   ?   A . n 
A 1 24  ASP 24  4   ?  ?   ?   A . n 
A 1 25  HIS 25  5   ?  ?   ?   A . n 
A 1 26  PHE 26  6   6  PHE PHE A . n 
A 1 27  TYR 27  7   7  TYR TYR A . n 
A 1 28  THR 28  8   8  THR THR A . n 
A 1 29  LEU 29  9   9  LEU LEU A . n 
A 1 30  ASN 30  10  10 ASN ASN A . n 
A 1 31  ILE 31  11  11 ILE ILE A . n 
A 1 32  ALA 32  12  12 ALA ALA A . n 
A 1 33  GLU 33  13  13 GLU GLU A . n 
A 1 34  ILE 34  14  14 ILE ILE A . n 
A 1 35  ALA 35  15  15 ALA ALA A . n 
A 1 36  GLU 36  16  16 GLU GLU A . n 
A 1 37  ARG 37  17  17 ARG ARG A . n 
A 1 38  ILE 38  18  18 ILE ILE A . n 
A 1 39  GLY 39  19  19 GLY GLY A . n 
A 1 40  ASN 40  20  20 ASN ASN A . n 
A 1 41  ASP 41  21  21 ASP ASP A . n 
A 1 42  ASP 42  22  22 ASP ASP A . n 
A 1 43  CYS 43  23  23 CYS CYS A . n 
A 1 44  ALA 44  24  24 ALA ALA A . n 
A 1 45  TYR 45  25  25 TYR TYR A . n 
A 1 46  GLN 46  26  26 GLN GLN A . n 
A 1 47  VAL 47  27  27 VAL VAL A . n 
A 1 48  LEU 48  28  28 LEU LEU A . n 
A 1 49  MET 49  29  29 MET MET A . n 
A 1 50  ALA 50  30  30 ALA ALA A . n 
A 1 51  PHE 51  31  31 PHE PHE A . n 
A 1 52  ILE 52  32  32 ILE ILE A . n 
A 1 53  ASN 53  33  33 ASN ASN A . n 
A 1 54  GLU 54  34  34 GLU GLU A . n 
A 1 55  ASN 55  35  35 ASN ASN A . n 
A 1 56  GLY 56  36  36 GLY GLY A . n 
A 1 57  GLU 57  37  37 GLU GLU A . n 
A 1 58  ALA 58  38  38 ALA ALA A . n 
A 1 59  GLN 59  39  39 GLN GLN A . n 
A 1 60  MET 60  40  40 MET MET A . n 
A 1 61  LEU 61  41  41 LEU LEU A . n 
A 1 62  ASN 62  42  42 ASN ASN A . n 
A 1 63  LYS 63  43  43 LYS LYS A . n 
A 1 64  THR 64  44  44 THR THR A . n 
A 1 65  ALA 65  45  45 ALA ALA A . n 
A 1 66  VAL 66  46  46 VAL VAL A . n 
A 1 67  ALA 67  47  47 ALA ALA A . n 
A 1 68  GLU 68  48  48 GLU GLU A . n 
A 1 69  MET 69  49  49 MET MET A . n 
A 1 70  ILE 70  50  50 ILE ILE A . n 
A 1 71  GLN 71  51  51 GLN GLN A . n 
A 1 72  LEU 72  52  52 LEU LEU A . n 
A 1 73  SER 73  53  53 SER SER A . n 
A 1 74  LYS 74  54  54 LYS LYS A . n 
A 1 75  PRO 75  55  55 PRO PRO A . n 
A 1 76  THR 76  56  56 THR THR A . n 
A 1 77  VAL 77  57  57 VAL VAL A . n 
A 1 78  PHE 78  58  58 PHE PHE A . n 
A 1 79  ALA 79  59  59 ALA ALA A . n 
A 1 80  THR 80  60  60 THR THR A . n 
A 1 81  VAL 81  61  61 VAL VAL A . n 
A 1 82  ASN 82  62  62 ASN ASN A . n 
A 1 83  SER 83  63  63 SER SER A . n 
A 1 84  PHE 84  64  64 PHE PHE A . n 
A 1 85  TYR 85  65  65 TYR TYR A . n 
A 1 86  CYS 86  66  66 CYS CYS A . n 
A 1 87  ALA 87  67  67 ALA ALA A . n 
A 1 88  GLY 88  68  68 GLY GLY A . n 
A 1 89  TYR 89  69  69 TYR TYR A . n 
A 1 90  ILE 90  70  70 ILE ILE A . n 
A 1 91  ASP 91  71  71 ASP ASP A . n 
A 1 92  GLU 92  72  72 GLU GLU A . n 
A 1 93  THR 93  73  73 THR THR A . n 
A 1 94  ARG 94  74  74 ARG ARG A . n 
A 1 95  VAL 95  75  75 VAL VAL A . n 
A 1 96  GLY 96  76  76 GLY GLY A . n 
A 1 97  ARG 97  77  77 ARG ARG A . n 
A 1 98  SER 98  78  78 SER SER A . n 
A 1 99  LYS 99  79  79 LYS LYS A . n 
A 1 100 ILE 100 80  80 ILE ILE A . n 
A 1 101 TYR 101 81  81 TYR TYR A . n 
A 1 102 THR 102 82  82 THR THR A . n 
A 1 103 LEU 103 83  83 LEU LEU A . n 
A 1 104 SER 104 84  84 SER SER A . n 
A 1 105 ASP 105 85  85 ASP ASP A . n 
A 1 106 LEU 106 86  86 LEU LEU A . n 
A 1 107 GLY 107 87  87 GLY GLY A . n 
A 1 108 VAL 108 88  88 VAL VAL A . n 
A 1 109 GLU 109 89  89 GLU GLU A . n 
A 1 110 ILE 110 90  90 ILE ILE A . n 
A 1 111 VAL 111 91  91 VAL VAL A . n 
A 1 112 GLU 112 92  92 GLU GLU A . n 
A 1 113 CYS 113 93  93 CYS CYS A . n 
A 1 114 PHE 114 94  94 PHE PHE A . n 
A 1 115 LYS 115 95  95 LYS LYS A . n 
A 1 116 GLN 116 96  96 GLN GLN A . n 
A 1 117 LYS 117 97  97 LYS LYS A . n 
A 1 118 ALA 118 98  98 ALA ALA A . n 
A 1 119 MET 119 99  ?  ?   ?   A . n 
A 1 120 GLU 120 100 ?  ?   ?   A . n 
A 1 121 MET 121 101 ?  ?   ?   A . n 
A 1 122 ARG 122 102 ?  ?   ?   A . n 
A 1 123 ASN 123 103 ?  ?   ?   A . n 
A 1 124 LEU 124 104 ?  ?   ?   A . n 
# 
loop_
_pdbx_nonpoly_scheme.asym_id 
_pdbx_nonpoly_scheme.entity_id 
_pdbx_nonpoly_scheme.mon_id 
_pdbx_nonpoly_scheme.ndb_seq_num 
_pdbx_nonpoly_scheme.pdb_seq_num 
_pdbx_nonpoly_scheme.auth_seq_num 
_pdbx_nonpoly_scheme.pdb_mon_id 
_pdbx_nonpoly_scheme.auth_mon_id 
_pdbx_nonpoly_scheme.pdb_strand_id 
_pdbx_nonpoly_scheme.pdb_ins_code 
B 2 HOH 1  105 1  HOH HOH A . 
B 2 HOH 2  106 2  HOH HOH A . 
B 2 HOH 3  107 3  HOH HOH A . 
B 2 HOH 4  108 4  HOH HOH A . 
B 2 HOH 5  109 5  HOH HOH A . 
B 2 HOH 6  110 6  HOH HOH A . 
B 2 HOH 7  111 7  HOH HOH A . 
B 2 HOH 8  112 8  HOH HOH A . 
B 2 HOH 9  113 9  HOH HOH A . 
B 2 HOH 10 114 10 HOH HOH A . 
B 2 HOH 11 115 12 HOH HOH A . 
B 2 HOH 12 116 13 HOH HOH A . 
B 2 HOH 13 117 14 HOH HOH A . 
B 2 HOH 14 118 15 HOH HOH A . 
B 2 HOH 15 119 16 HOH HOH A . 
B 2 HOH 16 120 17 HOH HOH A . 
B 2 HOH 17 121 18 HOH HOH A . 
B 2 HOH 18 122 19 HOH HOH A . 
B 2 HOH 19 123 20 HOH HOH A . 
# 
_pdbx_struct_assembly.id                   1 
_pdbx_struct_assembly.details              author_and_software_defined_assembly 
_pdbx_struct_assembly.method_details       PISA 
_pdbx_struct_assembly.oligomeric_details   dimeric 
_pdbx_struct_assembly.oligomeric_count     2 
# 
_pdbx_struct_assembly_gen.assembly_id       1 
_pdbx_struct_assembly_gen.oper_expression   1,2 
_pdbx_struct_assembly_gen.asym_id_list      A,B 
# 
loop_
_pdbx_struct_assembly_prop.biol_id 
_pdbx_struct_assembly_prop.type 
_pdbx_struct_assembly_prop.value 
_pdbx_struct_assembly_prop.details 
1 'ABSA (A^2)' 2290  ? 
1 MORE         -17   ? 
1 'SSA (A^2)'  10080 ? 
# 
loop_
_pdbx_struct_oper_list.id 
_pdbx_struct_oper_list.type 
_pdbx_struct_oper_list.name 
_pdbx_struct_oper_list.symmetry_operation 
_pdbx_struct_oper_list.matrix[1][1] 
_pdbx_struct_oper_list.matrix[1][2] 
_pdbx_struct_oper_list.matrix[1][3] 
_pdbx_struct_oper_list.vector[1] 
_pdbx_struct_oper_list.matrix[2][1] 
_pdbx_struct_oper_list.matrix[2][2] 
_pdbx_struct_oper_list.matrix[2][3] 
_pdbx_struct_oper_list.vector[2] 
_pdbx_struct_oper_list.matrix[3][1] 
_pdbx_struct_oper_list.matrix[3][2] 
_pdbx_struct_oper_list.matrix[3][3] 
_pdbx_struct_oper_list.vector[3] 
1 'identity operation'         1_555 x,y,z     1.0000000000  0.0000000000  0.0000000000 0.0000000000   0.0000000000  1.0000000000  0.0000000000  0.0000000000 0.0000000000 0.0000000000  1.0000000000 0.0000000000 
2 'crystal symmetry operation' 2_565 -x,-y+1,z -0.9989949468 -0.0078599378 0.0441284226 -18.9993484555 -0.0078599378 -0.9385319891 -0.3451027771 2.8013888972 0.0441284226 -0.3451027771 0.9375269359 0.9316920103 
# 
loop_
_pdbx_audit_revision_history.ordinal 
_pdbx_audit_revision_history.data_content_type 
_pdbx_audit_revision_history.major_revision 
_pdbx_audit_revision_history.minor_revision 
_pdbx_audit_revision_history.revision_date 
1 'Structure model' 1 0 2010-07-07 
2 'Structure model' 1 1 2011-07-13 
3 'Structure model' 1 2 2017-11-08 
4 'Structure model' 1 3 2023-09-06 
# 
_pdbx_audit_revision_details.ordinal             1 
_pdbx_audit_revision_details.revision_ordinal    1 
_pdbx_audit_revision_details.data_content_type   'Structure model' 
_pdbx_audit_revision_details.provider            repository 
_pdbx_audit_revision_details.type                'Initial release' 
_pdbx_audit_revision_details.description         ? 
_pdbx_audit_revision_details.details             ? 
# 
loop_
_pdbx_audit_revision_group.ordinal 
_pdbx_audit_revision_group.revision_ordinal 
_pdbx_audit_revision_group.data_content_type 
_pdbx_audit_revision_group.group 
1 2 'Structure model' 'Version format compliance' 
2 3 'Structure model' 'Refinement description'    
3 4 'Structure model' 'Data collection'           
4 4 'Structure model' 'Database references'       
5 4 'Structure model' 'Refinement description'    
# 
loop_
_pdbx_audit_revision_category.ordinal 
_pdbx_audit_revision_category.revision_ordinal 
_pdbx_audit_revision_category.data_content_type 
_pdbx_audit_revision_category.category 
1 3 'Structure model' software                      
2 4 'Structure model' chem_comp_atom                
3 4 'Structure model' chem_comp_bond                
4 4 'Structure model' database_2                    
5 4 'Structure model' pdbx_initial_refinement_model 
6 4 'Structure model' struct_ref_seq_dif            
# 
loop_
_pdbx_audit_revision_item.ordinal 
_pdbx_audit_revision_item.revision_ordinal 
_pdbx_audit_revision_item.data_content_type 
_pdbx_audit_revision_item.item 
1 3 'Structure model' '_software.name'                      
2 4 'Structure model' '_database_2.pdbx_DOI'                
3 4 'Structure model' '_database_2.pdbx_database_accession' 
4 4 'Structure model' '_struct_ref_seq_dif.details'         
# 
_pdbx_refine_tls.pdbx_refine_id   'X-RAY DIFFRACTION' 
_pdbx_refine_tls.id               1 
_pdbx_refine_tls.details          ? 
_pdbx_refine_tls.method           refined 
_pdbx_refine_tls.origin_x         -0.1136 
_pdbx_refine_tls.origin_y         -0.0203 
_pdbx_refine_tls.origin_z         -0.0362 
_pdbx_refine_tls.T[1][1]          0.0735 
_pdbx_refine_tls.T[2][2]          0.1152 
_pdbx_refine_tls.T[3][3]          0.1781 
_pdbx_refine_tls.T[1][2]          -0.0002 
_pdbx_refine_tls.T[1][3]          0.0270 
_pdbx_refine_tls.T[2][3]          -0.0250 
_pdbx_refine_tls.L[1][1]          7.1187 
_pdbx_refine_tls.L[2][2]          9.2119 
_pdbx_refine_tls.L[3][3]          2.7112 
_pdbx_refine_tls.L[1][2]          -0.0062 
_pdbx_refine_tls.L[1][3]          -0.4234 
_pdbx_refine_tls.L[2][3]          1.6118 
_pdbx_refine_tls.S[1][1]          0.2158 
_pdbx_refine_tls.S[1][2]          0.3728 
_pdbx_refine_tls.S[1][3]          0.1396 
_pdbx_refine_tls.S[2][1]          -0.6277 
_pdbx_refine_tls.S[2][2]          0.1231 
_pdbx_refine_tls.S[2][3]          -0.7898 
_pdbx_refine_tls.S[3][1]          -0.1959 
_pdbx_refine_tls.S[3][2]          0.2453 
_pdbx_refine_tls.S[3][3]          -0.3388 
# 
_pdbx_refine_tls_group.pdbx_refine_id      'X-RAY DIFFRACTION' 
_pdbx_refine_tls_group.id                  1 
_pdbx_refine_tls_group.refine_tls_id       1 
_pdbx_refine_tls_group.beg_auth_asym_id    A 
_pdbx_refine_tls_group.beg_auth_seq_id     6 
_pdbx_refine_tls_group.beg_label_asym_id   ? 
_pdbx_refine_tls_group.beg_label_seq_id    ? 
_pdbx_refine_tls_group.end_auth_asym_id    A 
_pdbx_refine_tls_group.end_auth_seq_id     98 
_pdbx_refine_tls_group.end_label_asym_id   ? 
_pdbx_refine_tls_group.end_label_seq_id    ? 
_pdbx_refine_tls_group.selection           ? 
_pdbx_refine_tls_group.selection_details   ? 
# 
loop_
_software.name 
_software.classification 
_software.version 
_software.citation_id 
_software.pdbx_ordinal 
Blu-Ice 'data collection' .        ? 1 
PHASER  phasing           .        ? 2 
REFMAC  refinement        5.2.0019 ? 3 
MOSFLM  'data reduction'  .        ? 4 
SCALA   'data scaling'    .        ? 5 
# 
_pdbx_validate_torsion.id              1 
_pdbx_validate_torsion.PDB_model_num   1 
_pdbx_validate_torsion.auth_comp_id    SER 
_pdbx_validate_torsion.auth_asym_id    A 
_pdbx_validate_torsion.auth_seq_id     78 
_pdbx_validate_torsion.PDB_ins_code    ? 
_pdbx_validate_torsion.label_alt_id    ? 
_pdbx_validate_torsion.phi             -118.36 
_pdbx_validate_torsion.psi             -167.08 
# 
loop_
_pdbx_unobs_or_zero_occ_residues.id 
_pdbx_unobs_or_zero_occ_residues.PDB_model_num 
_pdbx_unobs_or_zero_occ_residues.polymer_flag 
_pdbx_unobs_or_zero_occ_residues.occupancy_flag 
_pdbx_unobs_or_zero_occ_residues.auth_asym_id 
_pdbx_unobs_or_zero_occ_residues.auth_comp_id 
_pdbx_unobs_or_zero_occ_residues.auth_seq_id 
_pdbx_unobs_or_zero_occ_residues.PDB_ins_code 
_pdbx_unobs_or_zero_occ_residues.label_asym_id 
_pdbx_unobs_or_zero_occ_residues.label_comp_id 
_pdbx_unobs_or_zero_occ_residues.label_seq_id 
1  1 Y 1 A MET -19 ? A MET 1   
2  1 Y 1 A GLY -18 ? A GLY 2   
3  1 Y 1 A SER -17 ? A SER 3   
4  1 Y 1 A SER -16 ? A SER 4   
5  1 Y 1 A HIS -15 ? A HIS 5   
6  1 Y 1 A HIS -14 ? A HIS 6   
7  1 Y 1 A HIS -13 ? A HIS 7   
8  1 Y 1 A HIS -12 ? A HIS 8   
9  1 Y 1 A HIS -11 ? A HIS 9   
10 1 Y 1 A HIS -10 ? A HIS 10  
11 1 Y 1 A SER -9  ? A SER 11  
12 1 Y 1 A SER -8  ? A SER 12  
13 1 Y 1 A GLY -7  ? A GLY 13  
14 1 Y 1 A LEU -6  ? A LEU 14  
15 1 Y 1 A VAL -5  ? A VAL 15  
16 1 Y 1 A PRO -4  ? A PRO 16  
17 1 Y 1 A ARG -3  ? A ARG 17  
18 1 Y 1 A GLY -2  ? A GLY 18  
19 1 Y 1 A SER -1  ? A SER 19  
20 1 Y 1 A HIS 0   ? A HIS 20  
21 1 Y 1 A MET 1   ? A MET 21  
22 1 Y 1 A ASN 2   ? A ASN 22  
23 1 Y 1 A ARG 3   ? A ARG 23  
24 1 Y 1 A ASP 4   ? A ASP 24  
25 1 Y 1 A HIS 5   ? A HIS 25  
26 1 Y 1 A MET 99  ? A MET 119 
27 1 Y 1 A GLU 100 ? A GLU 120 
28 1 Y 1 A MET 101 ? A MET 121 
29 1 Y 1 A ARG 102 ? A ARG 122 
30 1 Y 1 A ASN 103 ? A ASN 123 
31 1 Y 1 A LEU 104 ? A LEU 124 
# 
loop_
_chem_comp_atom.comp_id 
_chem_comp_atom.atom_id 
_chem_comp_atom.type_symbol 
_chem_comp_atom.pdbx_aromatic_flag 
_chem_comp_atom.pdbx_stereo_config 
_chem_comp_atom.pdbx_ordinal 
ALA N    N N N 1   
ALA CA   C N S 2   
ALA C    C N N 3   
ALA O    O N N 4   
ALA CB   C N N 5   
ALA OXT  O N N 6   
ALA H    H N N 7   
ALA H2   H N N 8   
ALA HA   H N N 9   
ALA HB1  H N N 10  
ALA HB2  H N N 11  
ALA HB3  H N N 12  
ALA HXT  H N N 13  
ARG N    N N N 14  
ARG CA   C N S 15  
ARG C    C N N 16  
ARG O    O N N 17  
ARG CB   C N N 18  
ARG CG   C N N 19  
ARG CD   C N N 20  
ARG NE   N N N 21  
ARG CZ   C N N 22  
ARG NH1  N N N 23  
ARG NH2  N N N 24  
ARG OXT  O N N 25  
ARG H    H N N 26  
ARG H2   H N N 27  
ARG HA   H N N 28  
ARG HB2  H N N 29  
ARG HB3  H N N 30  
ARG HG2  H N N 31  
ARG HG3  H N N 32  
ARG HD2  H N N 33  
ARG HD3  H N N 34  
ARG HE   H N N 35  
ARG HH11 H N N 36  
ARG HH12 H N N 37  
ARG HH21 H N N 38  
ARG HH22 H N N 39  
ARG HXT  H N N 40  
ASN N    N N N 41  
ASN CA   C N S 42  
ASN C    C N N 43  
ASN O    O N N 44  
ASN CB   C N N 45  
ASN CG   C N N 46  
ASN OD1  O N N 47  
ASN ND2  N N N 48  
ASN OXT  O N N 49  
ASN H    H N N 50  
ASN H2   H N N 51  
ASN HA   H N N 52  
ASN HB2  H N N 53  
ASN HB3  H N N 54  
ASN HD21 H N N 55  
ASN HD22 H N N 56  
ASN HXT  H N N 57  
ASP N    N N N 58  
ASP CA   C N S 59  
ASP C    C N N 60  
ASP O    O N N 61  
ASP CB   C N N 62  
ASP CG   C N N 63  
ASP OD1  O N N 64  
ASP OD2  O N N 65  
ASP OXT  O N N 66  
ASP H    H N N 67  
ASP H2   H N N 68  
ASP HA   H N N 69  
ASP HB2  H N N 70  
ASP HB3  H N N 71  
ASP HD2  H N N 72  
ASP HXT  H N N 73  
CYS N    N N N 74  
CYS CA   C N R 75  
CYS C    C N N 76  
CYS O    O N N 77  
CYS CB   C N N 78  
CYS SG   S N N 79  
CYS OXT  O N N 80  
CYS H    H N N 81  
CYS H2   H N N 82  
CYS HA   H N N 83  
CYS HB2  H N N 84  
CYS HB3  H N N 85  
CYS HG   H N N 86  
CYS HXT  H N N 87  
GLN N    N N N 88  
GLN CA   C N S 89  
GLN C    C N N 90  
GLN O    O N N 91  
GLN CB   C N N 92  
GLN CG   C N N 93  
GLN CD   C N N 94  
GLN OE1  O N N 95  
GLN NE2  N N N 96  
GLN OXT  O N N 97  
GLN H    H N N 98  
GLN H2   H N N 99  
GLN HA   H N N 100 
GLN HB2  H N N 101 
GLN HB3  H N N 102 
GLN HG2  H N N 103 
GLN HG3  H N N 104 
GLN HE21 H N N 105 
GLN HE22 H N N 106 
GLN HXT  H N N 107 
GLU N    N N N 108 
GLU CA   C N S 109 
GLU C    C N N 110 
GLU O    O N N 111 
GLU CB   C N N 112 
GLU CG   C N N 113 
GLU CD   C N N 114 
GLU OE1  O N N 115 
GLU OE2  O N N 116 
GLU OXT  O N N 117 
GLU H    H N N 118 
GLU H2   H N N 119 
GLU HA   H N N 120 
GLU HB2  H N N 121 
GLU HB3  H N N 122 
GLU HG2  H N N 123 
GLU HG3  H N N 124 
GLU HE2  H N N 125 
GLU HXT  H N N 126 
GLY N    N N N 127 
GLY CA   C N N 128 
GLY C    C N N 129 
GLY O    O N N 130 
GLY OXT  O N N 131 
GLY H    H N N 132 
GLY H2   H N N 133 
GLY HA2  H N N 134 
GLY HA3  H N N 135 
GLY HXT  H N N 136 
HIS N    N N N 137 
HIS CA   C N S 138 
HIS C    C N N 139 
HIS O    O N N 140 
HIS CB   C N N 141 
HIS CG   C Y N 142 
HIS ND1  N Y N 143 
HIS CD2  C Y N 144 
HIS CE1  C Y N 145 
HIS NE2  N Y N 146 
HIS OXT  O N N 147 
HIS H    H N N 148 
HIS H2   H N N 149 
HIS HA   H N N 150 
HIS HB2  H N N 151 
HIS HB3  H N N 152 
HIS HD1  H N N 153 
HIS HD2  H N N 154 
HIS HE1  H N N 155 
HIS HE2  H N N 156 
HIS HXT  H N N 157 
HOH O    O N N 158 
HOH H1   H N N 159 
HOH H2   H N N 160 
ILE N    N N N 161 
ILE CA   C N S 162 
ILE C    C N N 163 
ILE O    O N N 164 
ILE CB   C N S 165 
ILE CG1  C N N 166 
ILE CG2  C N N 167 
ILE CD1  C N N 168 
ILE OXT  O N N 169 
ILE H    H N N 170 
ILE H2   H N N 171 
ILE HA   H N N 172 
ILE HB   H N N 173 
ILE HG12 H N N 174 
ILE HG13 H N N 175 
ILE HG21 H N N 176 
ILE HG22 H N N 177 
ILE HG23 H N N 178 
ILE HD11 H N N 179 
ILE HD12 H N N 180 
ILE HD13 H N N 181 
ILE HXT  H N N 182 
LEU N    N N N 183 
LEU CA   C N S 184 
LEU C    C N N 185 
LEU O    O N N 186 
LEU CB   C N N 187 
LEU CG   C N N 188 
LEU CD1  C N N 189 
LEU CD2  C N N 190 
LEU OXT  O N N 191 
LEU H    H N N 192 
LEU H2   H N N 193 
LEU HA   H N N 194 
LEU HB2  H N N 195 
LEU HB3  H N N 196 
LEU HG   H N N 197 
LEU HD11 H N N 198 
LEU HD12 H N N 199 
LEU HD13 H N N 200 
LEU HD21 H N N 201 
LEU HD22 H N N 202 
LEU HD23 H N N 203 
LEU HXT  H N N 204 
LYS N    N N N 205 
LYS CA   C N S 206 
LYS C    C N N 207 
LYS O    O N N 208 
LYS CB   C N N 209 
LYS CG   C N N 210 
LYS CD   C N N 211 
LYS CE   C N N 212 
LYS NZ   N N N 213 
LYS OXT  O N N 214 
LYS H    H N N 215 
LYS H2   H N N 216 
LYS HA   H N N 217 
LYS HB2  H N N 218 
LYS HB3  H N N 219 
LYS HG2  H N N 220 
LYS HG3  H N N 221 
LYS HD2  H N N 222 
LYS HD3  H N N 223 
LYS HE2  H N N 224 
LYS HE3  H N N 225 
LYS HZ1  H N N 226 
LYS HZ2  H N N 227 
LYS HZ3  H N N 228 
LYS HXT  H N N 229 
MET N    N N N 230 
MET CA   C N S 231 
MET C    C N N 232 
MET O    O N N 233 
MET CB   C N N 234 
MET CG   C N N 235 
MET SD   S N N 236 
MET CE   C N N 237 
MET OXT  O N N 238 
MET H    H N N 239 
MET H2   H N N 240 
MET HA   H N N 241 
MET HB2  H N N 242 
MET HB3  H N N 243 
MET HG2  H N N 244 
MET HG3  H N N 245 
MET HE1  H N N 246 
MET HE2  H N N 247 
MET HE3  H N N 248 
MET HXT  H N N 249 
PHE N    N N N 250 
PHE CA   C N S 251 
PHE C    C N N 252 
PHE O    O N N 253 
PHE CB   C N N 254 
PHE CG   C Y N 255 
PHE CD1  C Y N 256 
PHE CD2  C Y N 257 
PHE CE1  C Y N 258 
PHE CE2  C Y N 259 
PHE CZ   C Y N 260 
PHE OXT  O N N 261 
PHE H    H N N 262 
PHE H2   H N N 263 
PHE HA   H N N 264 
PHE HB2  H N N 265 
PHE HB3  H N N 266 
PHE HD1  H N N 267 
PHE HD2  H N N 268 
PHE HE1  H N N 269 
PHE HE2  H N N 270 
PHE HZ   H N N 271 
PHE HXT  H N N 272 
PRO N    N N N 273 
PRO CA   C N S 274 
PRO C    C N N 275 
PRO O    O N N 276 
PRO CB   C N N 277 
PRO CG   C N N 278 
PRO CD   C N N 279 
PRO OXT  O N N 280 
PRO H    H N N 281 
PRO HA   H N N 282 
PRO HB2  H N N 283 
PRO HB3  H N N 284 
PRO HG2  H N N 285 
PRO HG3  H N N 286 
PRO HD2  H N N 287 
PRO HD3  H N N 288 
PRO HXT  H N N 289 
SER N    N N N 290 
SER CA   C N S 291 
SER C    C N N 292 
SER O    O N N 293 
SER CB   C N N 294 
SER OG   O N N 295 
SER OXT  O N N 296 
SER H    H N N 297 
SER H2   H N N 298 
SER HA   H N N 299 
SER HB2  H N N 300 
SER HB3  H N N 301 
SER HG   H N N 302 
SER HXT  H N N 303 
THR N    N N N 304 
THR CA   C N S 305 
THR C    C N N 306 
THR O    O N N 307 
THR CB   C N R 308 
THR OG1  O N N 309 
THR CG2  C N N 310 
THR OXT  O N N 311 
THR H    H N N 312 
THR H2   H N N 313 
THR HA   H N N 314 
THR HB   H N N 315 
THR HG1  H N N 316 
THR HG21 H N N 317 
THR HG22 H N N 318 
THR HG23 H N N 319 
THR HXT  H N N 320 
TYR N    N N N 321 
TYR CA   C N S 322 
TYR C    C N N 323 
TYR O    O N N 324 
TYR CB   C N N 325 
TYR CG   C Y N 326 
TYR CD1  C Y N 327 
TYR CD2  C Y N 328 
TYR CE1  C Y N 329 
TYR CE2  C Y N 330 
TYR CZ   C Y N 331 
TYR OH   O N N 332 
TYR OXT  O N N 333 
TYR H    H N N 334 
TYR H2   H N N 335 
TYR HA   H N N 336 
TYR HB2  H N N 337 
TYR HB3  H N N 338 
TYR HD1  H N N 339 
TYR HD2  H N N 340 
TYR HE1  H N N 341 
TYR HE2  H N N 342 
TYR HH   H N N 343 
TYR HXT  H N N 344 
VAL N    N N N 345 
VAL CA   C N S 346 
VAL C    C N N 347 
VAL O    O N N 348 
VAL CB   C N N 349 
VAL CG1  C N N 350 
VAL CG2  C N N 351 
VAL OXT  O N N 352 
VAL H    H N N 353 
VAL H2   H N N 354 
VAL HA   H N N 355 
VAL HB   H N N 356 
VAL HG11 H N N 357 
VAL HG12 H N N 358 
VAL HG13 H N N 359 
VAL HG21 H N N 360 
VAL HG22 H N N 361 
VAL HG23 H N N 362 
VAL HXT  H N N 363 
# 
loop_
_chem_comp_bond.comp_id 
_chem_comp_bond.atom_id_1 
_chem_comp_bond.atom_id_2 
_chem_comp_bond.value_order 
_chem_comp_bond.pdbx_aromatic_flag 
_chem_comp_bond.pdbx_stereo_config 
_chem_comp_bond.pdbx_ordinal 
ALA N   CA   sing N N 1   
ALA N   H    sing N N 2   
ALA N   H2   sing N N 3   
ALA CA  C    sing N N 4   
ALA CA  CB   sing N N 5   
ALA CA  HA   sing N N 6   
ALA C   O    doub N N 7   
ALA C   OXT  sing N N 8   
ALA CB  HB1  sing N N 9   
ALA CB  HB2  sing N N 10  
ALA CB  HB3  sing N N 11  
ALA OXT HXT  sing N N 12  
ARG N   CA   sing N N 13  
ARG N   H    sing N N 14  
ARG N   H2   sing N N 15  
ARG CA  C    sing N N 16  
ARG CA  CB   sing N N 17  
ARG CA  HA   sing N N 18  
ARG C   O    doub N N 19  
ARG C   OXT  sing N N 20  
ARG CB  CG   sing N N 21  
ARG CB  HB2  sing N N 22  
ARG CB  HB3  sing N N 23  
ARG CG  CD   sing N N 24  
ARG CG  HG2  sing N N 25  
ARG CG  HG3  sing N N 26  
ARG CD  NE   sing N N 27  
ARG CD  HD2  sing N N 28  
ARG CD  HD3  sing N N 29  
ARG NE  CZ   sing N N 30  
ARG NE  HE   sing N N 31  
ARG CZ  NH1  sing N N 32  
ARG CZ  NH2  doub N N 33  
ARG NH1 HH11 sing N N 34  
ARG NH1 HH12 sing N N 35  
ARG NH2 HH21 sing N N 36  
ARG NH2 HH22 sing N N 37  
ARG OXT HXT  sing N N 38  
ASN N   CA   sing N N 39  
ASN N   H    sing N N 40  
ASN N   H2   sing N N 41  
ASN CA  C    sing N N 42  
ASN CA  CB   sing N N 43  
ASN CA  HA   sing N N 44  
ASN C   O    doub N N 45  
ASN C   OXT  sing N N 46  
ASN CB  CG   sing N N 47  
ASN CB  HB2  sing N N 48  
ASN CB  HB3  sing N N 49  
ASN CG  OD1  doub N N 50  
ASN CG  ND2  sing N N 51  
ASN ND2 HD21 sing N N 52  
ASN ND2 HD22 sing N N 53  
ASN OXT HXT  sing N N 54  
ASP N   CA   sing N N 55  
ASP N   H    sing N N 56  
ASP N   H2   sing N N 57  
ASP CA  C    sing N N 58  
ASP CA  CB   sing N N 59  
ASP CA  HA   sing N N 60  
ASP C   O    doub N N 61  
ASP C   OXT  sing N N 62  
ASP CB  CG   sing N N 63  
ASP CB  HB2  sing N N 64  
ASP CB  HB3  sing N N 65  
ASP CG  OD1  doub N N 66  
ASP CG  OD2  sing N N 67  
ASP OD2 HD2  sing N N 68  
ASP OXT HXT  sing N N 69  
CYS N   CA   sing N N 70  
CYS N   H    sing N N 71  
CYS N   H2   sing N N 72  
CYS CA  C    sing N N 73  
CYS CA  CB   sing N N 74  
CYS CA  HA   sing N N 75  
CYS C   O    doub N N 76  
CYS C   OXT  sing N N 77  
CYS CB  SG   sing N N 78  
CYS CB  HB2  sing N N 79  
CYS CB  HB3  sing N N 80  
CYS SG  HG   sing N N 81  
CYS OXT HXT  sing N N 82  
GLN N   CA   sing N N 83  
GLN N   H    sing N N 84  
GLN N   H2   sing N N 85  
GLN CA  C    sing N N 86  
GLN CA  CB   sing N N 87  
GLN CA  HA   sing N N 88  
GLN C   O    doub N N 89  
GLN C   OXT  sing N N 90  
GLN CB  CG   sing N N 91  
GLN CB  HB2  sing N N 92  
GLN CB  HB3  sing N N 93  
GLN CG  CD   sing N N 94  
GLN CG  HG2  sing N N 95  
GLN CG  HG3  sing N N 96  
GLN CD  OE1  doub N N 97  
GLN CD  NE2  sing N N 98  
GLN NE2 HE21 sing N N 99  
GLN NE2 HE22 sing N N 100 
GLN OXT HXT  sing N N 101 
GLU N   CA   sing N N 102 
GLU N   H    sing N N 103 
GLU N   H2   sing N N 104 
GLU CA  C    sing N N 105 
GLU CA  CB   sing N N 106 
GLU CA  HA   sing N N 107 
GLU C   O    doub N N 108 
GLU C   OXT  sing N N 109 
GLU CB  CG   sing N N 110 
GLU CB  HB2  sing N N 111 
GLU CB  HB3  sing N N 112 
GLU CG  CD   sing N N 113 
GLU CG  HG2  sing N N 114 
GLU CG  HG3  sing N N 115 
GLU CD  OE1  doub N N 116 
GLU CD  OE2  sing N N 117 
GLU OE2 HE2  sing N N 118 
GLU OXT HXT  sing N N 119 
GLY N   CA   sing N N 120 
GLY N   H    sing N N 121 
GLY N   H2   sing N N 122 
GLY CA  C    sing N N 123 
GLY CA  HA2  sing N N 124 
GLY CA  HA3  sing N N 125 
GLY C   O    doub N N 126 
GLY C   OXT  sing N N 127 
GLY OXT HXT  sing N N 128 
HIS N   CA   sing N N 129 
HIS N   H    sing N N 130 
HIS N   H2   sing N N 131 
HIS CA  C    sing N N 132 
HIS CA  CB   sing N N 133 
HIS CA  HA   sing N N 134 
HIS C   O    doub N N 135 
HIS C   OXT  sing N N 136 
HIS CB  CG   sing N N 137 
HIS CB  HB2  sing N N 138 
HIS CB  HB3  sing N N 139 
HIS CG  ND1  sing Y N 140 
HIS CG  CD2  doub Y N 141 
HIS ND1 CE1  doub Y N 142 
HIS ND1 HD1  sing N N 143 
HIS CD2 NE2  sing Y N 144 
HIS CD2 HD2  sing N N 145 
HIS CE1 NE2  sing Y N 146 
HIS CE1 HE1  sing N N 147 
HIS NE2 HE2  sing N N 148 
HIS OXT HXT  sing N N 149 
HOH O   H1   sing N N 150 
HOH O   H2   sing N N 151 
ILE N   CA   sing N N 152 
ILE N   H    sing N N 153 
ILE N   H2   sing N N 154 
ILE CA  C    sing N N 155 
ILE CA  CB   sing N N 156 
ILE CA  HA   sing N N 157 
ILE C   O    doub N N 158 
ILE C   OXT  sing N N 159 
ILE CB  CG1  sing N N 160 
ILE CB  CG2  sing N N 161 
ILE CB  HB   sing N N 162 
ILE CG1 CD1  sing N N 163 
ILE CG1 HG12 sing N N 164 
ILE CG1 HG13 sing N N 165 
ILE CG2 HG21 sing N N 166 
ILE CG2 HG22 sing N N 167 
ILE CG2 HG23 sing N N 168 
ILE CD1 HD11 sing N N 169 
ILE CD1 HD12 sing N N 170 
ILE CD1 HD13 sing N N 171 
ILE OXT HXT  sing N N 172 
LEU N   CA   sing N N 173 
LEU N   H    sing N N 174 
LEU N   H2   sing N N 175 
LEU CA  C    sing N N 176 
LEU CA  CB   sing N N 177 
LEU CA  HA   sing N N 178 
LEU C   O    doub N N 179 
LEU C   OXT  sing N N 180 
LEU CB  CG   sing N N 181 
LEU CB  HB2  sing N N 182 
LEU CB  HB3  sing N N 183 
LEU CG  CD1  sing N N 184 
LEU CG  CD2  sing N N 185 
LEU CG  HG   sing N N 186 
LEU CD1 HD11 sing N N 187 
LEU CD1 HD12 sing N N 188 
LEU CD1 HD13 sing N N 189 
LEU CD2 HD21 sing N N 190 
LEU CD2 HD22 sing N N 191 
LEU CD2 HD23 sing N N 192 
LEU OXT HXT  sing N N 193 
LYS N   CA   sing N N 194 
LYS N   H    sing N N 195 
LYS N   H2   sing N N 196 
LYS CA  C    sing N N 197 
LYS CA  CB   sing N N 198 
LYS CA  HA   sing N N 199 
LYS C   O    doub N N 200 
LYS C   OXT  sing N N 201 
LYS CB  CG   sing N N 202 
LYS CB  HB2  sing N N 203 
LYS CB  HB3  sing N N 204 
LYS CG  CD   sing N N 205 
LYS CG  HG2  sing N N 206 
LYS CG  HG3  sing N N 207 
LYS CD  CE   sing N N 208 
LYS CD  HD2  sing N N 209 
LYS CD  HD3  sing N N 210 
LYS CE  NZ   sing N N 211 
LYS CE  HE2  sing N N 212 
LYS CE  HE3  sing N N 213 
LYS NZ  HZ1  sing N N 214 
LYS NZ  HZ2  sing N N 215 
LYS NZ  HZ3  sing N N 216 
LYS OXT HXT  sing N N 217 
MET N   CA   sing N N 218 
MET N   H    sing N N 219 
MET N   H2   sing N N 220 
MET CA  C    sing N N 221 
MET CA  CB   sing N N 222 
MET CA  HA   sing N N 223 
MET C   O    doub N N 224 
MET C   OXT  sing N N 225 
MET CB  CG   sing N N 226 
MET CB  HB2  sing N N 227 
MET CB  HB3  sing N N 228 
MET CG  SD   sing N N 229 
MET CG  HG2  sing N N 230 
MET CG  HG3  sing N N 231 
MET SD  CE   sing N N 232 
MET CE  HE1  sing N N 233 
MET CE  HE2  sing N N 234 
MET CE  HE3  sing N N 235 
MET OXT HXT  sing N N 236 
PHE N   CA   sing N N 237 
PHE N   H    sing N N 238 
PHE N   H2   sing N N 239 
PHE CA  C    sing N N 240 
PHE CA  CB   sing N N 241 
PHE CA  HA   sing N N 242 
PHE C   O    doub N N 243 
PHE C   OXT  sing N N 244 
PHE CB  CG   sing N N 245 
PHE CB  HB2  sing N N 246 
PHE CB  HB3  sing N N 247 
PHE CG  CD1  doub Y N 248 
PHE CG  CD2  sing Y N 249 
PHE CD1 CE1  sing Y N 250 
PHE CD1 HD1  sing N N 251 
PHE CD2 CE2  doub Y N 252 
PHE CD2 HD2  sing N N 253 
PHE CE1 CZ   doub Y N 254 
PHE CE1 HE1  sing N N 255 
PHE CE2 CZ   sing Y N 256 
PHE CE2 HE2  sing N N 257 
PHE CZ  HZ   sing N N 258 
PHE OXT HXT  sing N N 259 
PRO N   CA   sing N N 260 
PRO N   CD   sing N N 261 
PRO N   H    sing N N 262 
PRO CA  C    sing N N 263 
PRO CA  CB   sing N N 264 
PRO CA  HA   sing N N 265 
PRO C   O    doub N N 266 
PRO C   OXT  sing N N 267 
PRO CB  CG   sing N N 268 
PRO CB  HB2  sing N N 269 
PRO CB  HB3  sing N N 270 
PRO CG  CD   sing N N 271 
PRO CG  HG2  sing N N 272 
PRO CG  HG3  sing N N 273 
PRO CD  HD2  sing N N 274 
PRO CD  HD3  sing N N 275 
PRO OXT HXT  sing N N 276 
SER N   CA   sing N N 277 
SER N   H    sing N N 278 
SER N   H2   sing N N 279 
SER CA  C    sing N N 280 
SER CA  CB   sing N N 281 
SER CA  HA   sing N N 282 
SER C   O    doub N N 283 
SER C   OXT  sing N N 284 
SER CB  OG   sing N N 285 
SER CB  HB2  sing N N 286 
SER CB  HB3  sing N N 287 
SER OG  HG   sing N N 288 
SER OXT HXT  sing N N 289 
THR N   CA   sing N N 290 
THR N   H    sing N N 291 
THR N   H2   sing N N 292 
THR CA  C    sing N N 293 
THR CA  CB   sing N N 294 
THR CA  HA   sing N N 295 
THR C   O    doub N N 296 
THR C   OXT  sing N N 297 
THR CB  OG1  sing N N 298 
THR CB  CG2  sing N N 299 
THR CB  HB   sing N N 300 
THR OG1 HG1  sing N N 301 
THR CG2 HG21 sing N N 302 
THR CG2 HG22 sing N N 303 
THR CG2 HG23 sing N N 304 
THR OXT HXT  sing N N 305 
TYR N   CA   sing N N 306 
TYR N   H    sing N N 307 
TYR N   H2   sing N N 308 
TYR CA  C    sing N N 309 
TYR CA  CB   sing N N 310 
TYR CA  HA   sing N N 311 
TYR C   O    doub N N 312 
TYR C   OXT  sing N N 313 
TYR CB  CG   sing N N 314 
TYR CB  HB2  sing N N 315 
TYR CB  HB3  sing N N 316 
TYR CG  CD1  doub Y N 317 
TYR CG  CD2  sing Y N 318 
TYR CD1 CE1  sing Y N 319 
TYR CD1 HD1  sing N N 320 
TYR CD2 CE2  doub Y N 321 
TYR CD2 HD2  sing N N 322 
TYR CE1 CZ   doub Y N 323 
TYR CE1 HE1  sing N N 324 
TYR CE2 CZ   sing Y N 325 
TYR CE2 HE2  sing N N 326 
TYR CZ  OH   sing N N 327 
TYR OH  HH   sing N N 328 
TYR OXT HXT  sing N N 329 
VAL N   CA   sing N N 330 
VAL N   H    sing N N 331 
VAL N   H2   sing N N 332 
VAL CA  C    sing N N 333 
VAL CA  CB   sing N N 334 
VAL CA  HA   sing N N 335 
VAL C   O    doub N N 336 
VAL C   OXT  sing N N 337 
VAL CB  CG1  sing N N 338 
VAL CB  CG2  sing N N 339 
VAL CB  HB   sing N N 340 
VAL CG1 HG11 sing N N 341 
VAL CG1 HG12 sing N N 342 
VAL CG1 HG13 sing N N 343 
VAL CG2 HG21 sing N N 344 
VAL CG2 HG22 sing N N 345 
VAL CG2 HG23 sing N N 346 
VAL OXT HXT  sing N N 347 
# 
_pdbx_entity_nonpoly.entity_id   2 
_pdbx_entity_nonpoly.name        water 
_pdbx_entity_nonpoly.comp_id     HOH 
# 
_pdbx_initial_refinement_model.id               1 
_pdbx_initial_refinement_model.entity_id_list   ? 
_pdbx_initial_refinement_model.type             'experimental model' 
_pdbx_initial_refinement_model.source_name      PDB 
_pdbx_initial_refinement_model.accession_code   3M3E 
_pdbx_initial_refinement_model.details          ? 
# 
